data_8C2I
#
_entry.id   8C2I
#
_cell.length_a   1.00
_cell.length_b   1.00
_cell.length_c   1.00
_cell.angle_alpha   90.00
_cell.angle_beta   90.00
_cell.angle_gamma   90.00
#
_symmetry.space_group_name_H-M   'P 1'
#
loop_
_entity.id
_entity.type
_entity.pdbx_description
1 polymer 'Isoform Flip of Glutamate receptor 1'
2 polymer 'Voltage-dependent calcium channel gamma-3 subunit'
3 non-polymer 'PALMITIC ACID'
4 non-polymer '(2R)-2,3-dihydroxypropyl (9Z)-octadec-9-enoate'
5 non-polymer '(2S)-3-(hexadecanoyloxy)-2-[(9Z)-octadec-9-enoyloxy]propyl 2-(trimethylammonio)ethyl phosphate'
6 water water
#
loop_
_entity_poly.entity_id
_entity_poly.type
_entity_poly.pdbx_seq_one_letter_code
_entity_poly.pdbx_strand_id
1 'polypeptide(L)'
;MPYIFAFFCTGFLGAVVGADYKDDDDKNFPNNIQIGGLFPNQQSQEHAAFRFALSQLTEPPKLLPQIDIVNISDSFEMTY
RFCSQFSKGVYAIFGFYERRTVNMLTSFCGALHVCFITPSFPVDTSNQFVLQLRPELQEALISIIDHYKWQTFVYIYDAD
RGLSVLQRVLDTAAEKNWQVTAVNILTTTEEGYRMLFQDLEKKKERLVVVDCESERLNAILGQIVKLEKNGIGYHYILAN
LGFMDIDLNKFKESGANVTGFQLVNYTDTIPARIMQQWRTSDSRDHTRVDWKRPKYTSALTYDGVKVMAEAFQSLRRQRI
DISRRGNAGDCLANPAVPWGQGIDIQRALQQVRFEGLTGNVQFNEKGRRTNYTLHVIEMKHDGIRKIGYWNEDDKFVPAA
TDAQAGGDNSSVQNRTYIVTTILEDPYVMLKKNANQFEGNDRYEGYCVELAAEIAKHVGYSYRLEIVSDGKYGARDPDTK
AWNGMVGELVYGRADVAVAPLTITLVREEVIDFSKPFMSLGISIMIKKPQKSKPGVFSFLDPLAYEIWMCIVFAYIGVSV
VLFLVSRFSPYEWHSEEFEEGRDQTTSDQSNEFGIFNSLWFSLGAFMQQGCDISPRSLSGRIVGGVWWFFTLIIISSYTA
NLAAFLTVERMVSPIESAEDLAKQTEIAYGTLEAGSTKEFFRRSKIAVFEKMWTYMKSAEPSVFVRTTEEGMIRVRKSKG
KYAYLLESTMNEYIEQRKPCDTMKVGGNLDSKGYGIATPKGSALRGPVNLAVLKLSEQGVLDKLKSKWWYDKGECGSKDS
GSKDKTSALSLSNVAGVFYILIGGLGLAMLVALIEFCYKSRSESKRMKGFCLIPQQSINEAIRTSTLPRNSGAGASGGGG
SGENGRVVSQDFPKSMQSIPCMSHSSGMPLGATGL
;
A,B,C,D
2 'polypeptide(L)'
;RMCDRGIQMLITTVGAFAAFSLMTIAVGTDYWLYSRGVCRTKSTSDNETSRKNEEVMTHSGLWRTCCLEGAFRGVCKKID
HFPEDADYEQDTAEYLLRAVRASSVFPILSVTLLFFGGLCVAASEFHRSRHSVILSAGIFFVSAGLSNIIGIIVYISANA
GDPGQRDSKKSYSYGWSFYFGAFSFIIAEIVGVVAVHIYIEKHQQLRARSHSELLKKSTFARLPPYRYRFRRRSSSRSTE
PRSRDLSPISKGFHTIPSTDISMFTLSRDPSKLTMGTLLNSDRDHAFLQFHNSTPKEFKESLHNNPANRRTTPV
;
E,F,G,H
#
loop_
_chem_comp.id
_chem_comp.type
_chem_comp.name
_chem_comp.formula
OLC non-polymer '(2R)-2,3-dihydroxypropyl (9Z)-octadec-9-enoate' 'C21 H40 O4'
PLM non-polymer 'PALMITIC ACID' 'C16 H32 O2'
POV non-polymer '(2S)-3-(hexadecanoyloxy)-2-[(9Z)-octadec-9-enoyloxy]propyl 2-(trimethylammonio)ethyl phosphate' 'C42 H82 N O8 P'
#
# COMPACT_ATOMS: atom_id res chain seq x y z
N SER A 532 -5.67 -14.55 -28.17
CA SER A 532 -5.85 -15.91 -27.59
C SER A 532 -6.63 -15.83 -26.28
N LYS A 533 -7.33 -16.91 -25.95
CA LYS A 533 -7.98 -17.02 -24.65
C LYS A 533 -6.90 -16.94 -23.57
N PRO A 534 -7.12 -16.17 -22.47
CA PRO A 534 -6.11 -16.02 -21.45
C PRO A 534 -5.84 -17.34 -20.76
N GLY A 535 -4.57 -17.58 -20.44
CA GLY A 535 -4.13 -18.75 -19.71
C GLY A 535 -4.37 -18.64 -18.21
N VAL A 536 -4.53 -19.78 -17.52
CA VAL A 536 -4.93 -19.78 -16.12
C VAL A 536 -3.96 -18.98 -15.24
N PHE A 537 -2.67 -19.06 -15.51
CA PHE A 537 -1.68 -18.38 -14.70
C PHE A 537 -1.14 -17.17 -15.48
N SER A 538 -1.99 -16.56 -16.28
CA SER A 538 -1.60 -15.41 -17.09
C SER A 538 -1.34 -14.19 -16.21
N PHE A 539 -1.79 -14.19 -14.94
CA PHE A 539 -1.54 -13.07 -14.07
C PHE A 539 -0.05 -12.96 -13.73
N LEU A 540 0.73 -14.02 -13.97
CA LEU A 540 2.16 -13.94 -13.77
C LEU A 540 2.89 -13.31 -14.96
N ASP A 541 2.19 -13.02 -16.05
CA ASP A 541 2.87 -12.63 -17.28
C ASP A 541 3.68 -11.34 -17.20
N PRO A 542 3.28 -10.30 -16.45
CA PRO A 542 4.10 -9.09 -16.41
C PRO A 542 5.58 -9.27 -16.06
N LEU A 543 5.92 -10.31 -15.28
CA LEU A 543 7.31 -10.55 -14.90
C LEU A 543 7.71 -11.91 -15.46
N ALA A 544 8.95 -12.02 -15.89
CA ALA A 544 9.51 -13.24 -16.42
C ALA A 544 9.61 -14.31 -15.34
N TYR A 545 9.59 -15.56 -15.78
CA TYR A 545 9.68 -16.69 -14.88
C TYR A 545 10.92 -16.61 -13.99
N GLU A 546 12.01 -16.08 -14.51
CA GLU A 546 13.21 -16.01 -13.71
C GLU A 546 13.04 -15.00 -12.59
N ILE A 547 12.33 -13.90 -12.83
CA ILE A 547 12.07 -12.96 -11.75
C ILE A 547 11.28 -13.64 -10.63
N TRP A 548 10.21 -14.37 -10.97
CA TRP A 548 9.41 -15.04 -9.95
C TRP A 548 10.25 -16.00 -9.14
N MET A 549 11.09 -16.79 -9.82
CA MET A 549 11.90 -17.78 -9.14
C MET A 549 12.91 -17.09 -8.22
N CYS A 550 13.51 -16.00 -8.69
CA CYS A 550 14.46 -15.31 -7.84
C CYS A 550 13.75 -14.57 -6.70
N ILE A 551 12.50 -14.17 -6.89
CA ILE A 551 11.77 -13.58 -5.78
C ILE A 551 11.64 -14.61 -4.67
N VAL A 552 11.32 -15.85 -5.03
CA VAL A 552 11.18 -16.89 -4.04
C VAL A 552 12.51 -17.16 -3.33
N PHE A 553 13.60 -17.24 -4.08
CA PHE A 553 14.89 -17.42 -3.44
C PHE A 553 15.27 -16.25 -2.55
N ALA A 554 15.05 -15.03 -3.02
CA ALA A 554 15.36 -13.87 -2.20
C ALA A 554 14.54 -13.90 -0.91
N TYR A 555 13.30 -14.33 -1.02
CA TYR A 555 12.46 -14.44 0.14
C TYR A 555 13.08 -15.36 1.19
N ILE A 556 13.53 -16.53 0.77
CA ILE A 556 14.13 -17.47 1.71
C ILE A 556 15.39 -16.86 2.27
N GLY A 557 16.25 -16.32 1.41
CA GLY A 557 17.50 -15.77 1.91
C GLY A 557 17.29 -14.65 2.95
N VAL A 558 16.32 -13.78 2.69
CA VAL A 558 16.03 -12.71 3.62
C VAL A 558 15.55 -13.30 4.94
N SER A 559 14.64 -14.25 4.88
CA SER A 559 14.06 -14.79 6.11
C SER A 559 15.17 -15.45 6.93
N VAL A 560 16.05 -16.21 6.30
CA VAL A 560 17.10 -16.87 7.03
C VAL A 560 18.08 -15.85 7.60
N VAL A 561 18.49 -14.84 6.86
CA VAL A 561 19.42 -13.87 7.43
C VAL A 561 18.77 -13.08 8.57
N LEU A 562 17.48 -12.77 8.47
CA LEU A 562 16.82 -12.04 9.55
C LEU A 562 16.82 -12.88 10.82
N PHE A 563 16.50 -14.17 10.67
CA PHE A 563 16.55 -15.10 11.78
C PHE A 563 17.95 -15.17 12.37
N LEU A 564 18.98 -15.27 11.53
CA LEU A 564 20.34 -15.41 12.03
C LEU A 564 20.83 -14.17 12.77
N VAL A 565 20.64 -12.98 12.21
CA VAL A 565 21.13 -11.76 12.84
C VAL A 565 20.37 -11.43 14.11
N SER A 566 19.16 -11.96 14.25
CA SER A 566 18.31 -11.64 15.38
C SER A 566 18.64 -12.50 16.60
N ARG A 567 19.12 -13.72 16.42
CA ARG A 567 19.40 -14.62 17.51
C ARG A 567 20.81 -14.43 18.02
N PHE A 568 21.76 -14.01 17.14
CA PHE A 568 23.06 -13.63 17.68
C PHE A 568 23.18 -12.10 17.61
N SER A 569 22.26 -11.40 18.29
CA SER A 569 22.33 -9.94 18.45
C SER A 569 21.99 -9.51 19.88
N PRO A 570 22.75 -8.58 20.51
CA PRO A 570 22.44 -8.11 21.86
C PRO A 570 20.97 -7.72 22.02
N TYR A 571 20.49 -6.82 21.15
CA TYR A 571 19.09 -6.40 21.18
C TYR A 571 18.81 -5.49 19.98
N GLU A 592 10.50 -11.12 18.64
CA GLU A 592 10.69 -12.59 18.73
C GLU A 592 10.84 -13.18 17.31
N PHE A 593 12.03 -13.02 16.73
CA PHE A 593 12.26 -13.40 15.34
C PHE A 593 12.90 -14.78 15.28
N GLY A 594 12.13 -15.82 15.58
CA GLY A 594 12.63 -17.15 15.29
C GLY A 594 12.42 -17.38 13.80
N ILE A 595 12.72 -18.56 13.30
CA ILE A 595 12.65 -18.81 11.86
C ILE A 595 11.24 -18.73 11.27
N PHE A 596 10.21 -19.03 12.03
CA PHE A 596 8.87 -19.05 11.50
C PHE A 596 8.32 -17.65 11.52
N ASN A 597 8.63 -16.90 12.56
CA ASN A 597 8.22 -15.52 12.60
C ASN A 597 8.99 -14.69 11.58
N SER A 598 10.26 -15.05 11.32
CA SER A 598 11.01 -14.34 10.28
C SER A 598 10.35 -14.55 8.92
N LEU A 599 9.96 -15.77 8.64
CA LEU A 599 9.30 -16.09 7.40
C LEU A 599 7.91 -15.43 7.32
N TRP A 600 7.24 -15.14 8.42
CA TRP A 600 5.96 -14.44 8.37
C TRP A 600 6.20 -12.93 8.17
N PHE A 601 7.23 -12.37 8.82
CA PHE A 601 7.54 -10.96 8.68
C PHE A 601 7.87 -10.66 7.21
N SER A 602 8.70 -11.50 6.62
CA SER A 602 9.14 -11.29 5.26
C SER A 602 7.98 -11.41 4.29
N LEU A 603 7.08 -12.35 4.52
CA LEU A 603 5.99 -12.54 3.60
C LEU A 603 5.08 -11.33 3.66
N GLY A 604 4.80 -10.90 4.87
CA GLY A 604 3.94 -9.76 5.00
C GLY A 604 4.57 -8.50 4.45
N ALA A 605 5.90 -8.39 4.50
CA ALA A 605 6.58 -7.23 3.97
C ALA A 605 6.45 -7.22 2.46
N PHE A 606 6.65 -8.36 1.83
CA PHE A 606 6.54 -8.41 0.38
C PHE A 606 5.13 -8.11 -0.10
N MET A 607 4.12 -8.43 0.67
CA MET A 607 2.74 -8.21 0.26
C MET A 607 2.27 -6.83 0.73
N GLN A 608 3.19 -6.04 1.29
N GLN A 608 3.19 -6.03 1.26
CA GLN A 608 2.89 -4.72 1.78
CA GLN A 608 2.87 -4.71 1.77
C GLN A 608 1.64 -4.81 2.66
C GLN A 608 1.62 -4.80 2.63
N GLN A 609 1.65 -5.75 3.61
N GLN A 609 1.68 -5.64 3.67
CA GLN A 609 0.50 -6.02 4.44
CA GLN A 609 0.57 -5.80 4.60
C GLN A 609 0.90 -5.84 5.90
C GLN A 609 1.02 -5.46 6.01
N GLY A 610 1.99 -5.11 6.13
N GLY A 610 2.28 -5.78 6.32
CA GLY A 610 2.38 -4.72 7.46
CA GLY A 610 2.84 -5.52 7.64
C GLY A 610 2.88 -5.89 8.30
C GLY A 610 2.12 -6.32 8.72
N CYS A 611 2.87 -5.74 9.63
N CYS A 611 2.88 -6.76 9.72
CA CYS A 611 3.49 -6.73 10.49
CA CYS A 611 2.35 -7.69 10.70
C CYS A 611 2.99 -6.67 11.94
C CYS A 611 2.51 -7.14 12.12
N ASP A 612 3.21 -7.76 12.66
N ASP A 612 2.95 -8.01 13.02
CA ASP A 612 2.93 -7.82 14.09
CA ASP A 612 2.90 -7.70 14.45
C ASP A 612 4.17 -7.45 14.89
C ASP A 612 4.27 -7.32 14.99
N ILE A 613 5.34 -7.54 14.25
CA ILE A 613 6.60 -7.34 14.92
C ILE A 613 7.52 -6.71 13.91
N SER A 614 8.34 -5.75 14.33
CA SER A 614 9.40 -5.24 13.48
C SER A 614 10.73 -5.47 14.18
N PRO A 615 11.83 -5.70 13.44
CA PRO A 615 13.16 -5.77 14.04
C PRO A 615 13.54 -4.52 14.84
N ARG A 616 14.28 -4.71 15.94
CA ARG A 616 14.78 -3.61 16.74
C ARG A 616 16.27 -3.37 16.60
N SER A 617 17.04 -4.39 16.26
CA SER A 617 18.49 -4.20 16.15
C SER A 617 18.85 -3.46 14.89
N LEU A 618 20.09 -2.97 14.82
CA LEU A 618 20.59 -2.35 13.61
C LEU A 618 20.67 -3.35 12.46
N SER A 619 21.12 -4.58 12.72
CA SER A 619 21.24 -5.57 11.65
C SER A 619 19.86 -6.02 11.16
N GLY A 620 18.92 -6.23 12.07
CA GLY A 620 17.57 -6.57 11.67
C GLY A 620 16.95 -5.47 10.83
N ARG A 621 17.21 -4.22 11.20
CA ARG A 621 16.62 -3.10 10.49
C ARG A 621 17.30 -2.90 9.14
N ILE A 622 18.59 -3.17 9.00
CA ILE A 622 19.17 -3.15 7.67
C ILE A 622 18.49 -4.18 6.77
N VAL A 623 18.36 -5.41 7.25
CA VAL A 623 17.76 -6.48 6.46
C VAL A 623 16.34 -6.08 6.07
N GLY A 624 15.57 -5.63 7.05
CA GLY A 624 14.20 -5.22 6.81
C GLY A 624 14.12 -4.08 5.79
N GLY A 625 15.06 -3.13 5.87
CA GLY A 625 15.05 -1.95 5.02
C GLY A 625 15.31 -2.34 3.57
N VAL A 626 16.30 -3.20 3.32
CA VAL A 626 16.57 -3.57 1.94
C VAL A 626 15.44 -4.44 1.41
N TRP A 627 14.84 -5.28 2.24
CA TRP A 627 13.72 -6.06 1.76
C TRP A 627 12.51 -5.16 1.45
N TRP A 628 12.30 -4.12 2.24
CA TRP A 628 11.27 -3.13 1.94
C TRP A 628 11.50 -2.42 0.61
N PHE A 629 12.73 -2.04 0.35
CA PHE A 629 13.05 -1.35 -0.88
C PHE A 629 12.83 -2.28 -2.07
N PHE A 630 13.29 -3.52 -1.95
CA PHE A 630 13.14 -4.49 -3.01
C PHE A 630 11.66 -4.68 -3.31
N THR A 631 10.87 -4.82 -2.27
CA THR A 631 9.44 -5.02 -2.41
C THR A 631 8.81 -3.86 -3.16
N LEU A 632 9.17 -2.63 -2.80
CA LEU A 632 8.54 -1.47 -3.40
C LEU A 632 8.83 -1.42 -4.90
N ILE A 633 10.08 -1.63 -5.29
CA ILE A 633 10.44 -1.65 -6.69
C ILE A 633 9.73 -2.79 -7.43
N ILE A 634 9.74 -3.99 -6.88
CA ILE A 634 9.17 -5.13 -7.59
C ILE A 634 7.67 -4.99 -7.76
N ILE A 635 6.96 -4.53 -6.74
CA ILE A 635 5.51 -4.41 -6.87
C ILE A 635 5.16 -3.32 -7.88
N SER A 636 5.89 -2.21 -7.83
CA SER A 636 5.61 -1.14 -8.76
C SER A 636 5.87 -1.62 -10.18
N SER A 637 6.93 -2.40 -10.37
CA SER A 637 7.27 -2.96 -11.66
C SER A 637 6.17 -3.87 -12.16
N TYR A 638 5.62 -4.70 -11.28
CA TYR A 638 4.50 -5.53 -11.70
C TYR A 638 3.32 -4.70 -12.20
N THR A 639 2.90 -3.73 -11.42
CA THR A 639 1.73 -2.94 -11.79
C THR A 639 1.98 -2.15 -13.08
N ALA A 640 3.17 -1.57 -13.22
CA ALA A 640 3.51 -0.74 -14.37
C ALA A 640 3.54 -1.57 -15.64
N ASN A 641 4.13 -2.76 -15.58
CA ASN A 641 4.18 -3.59 -16.76
C ASN A 641 2.82 -4.18 -17.08
N LEU A 642 1.99 -4.44 -16.09
CA LEU A 642 0.65 -4.91 -16.40
C LEU A 642 -0.13 -3.79 -17.09
N ALA A 643 0.08 -2.55 -16.66
CA ALA A 643 -0.62 -1.45 -17.29
C ALA A 643 -0.17 -1.34 -18.76
N ALA A 644 1.14 -1.50 -19.02
CA ALA A 644 1.67 -1.52 -20.36
C ALA A 644 1.03 -2.59 -21.24
N PHE A 645 0.94 -3.83 -20.76
N PHE A 645 0.96 -3.85 -20.76
CA PHE A 645 0.40 -4.93 -21.55
CA PHE A 645 0.38 -4.95 -21.54
C PHE A 645 -1.07 -4.68 -21.90
C PHE A 645 -1.06 -4.64 -21.91
N LEU A 646 -1.82 -4.04 -20.98
CA LEU A 646 -3.25 -3.84 -21.17
C LEU A 646 -3.53 -2.61 -22.01
N THR A 647 -2.55 -1.70 -22.17
CA THR A 647 -2.74 -0.47 -22.92
C THR A 647 -2.41 -0.73 -24.38
N VAL A 648 -1.36 -1.51 -24.66
CA VAL A 648 -0.94 -1.77 -26.02
C VAL A 648 -1.90 -2.78 -26.65
N GLU A 649 -2.78 -3.37 -25.84
CA GLU A 649 -3.81 -4.26 -26.33
C GLU A 649 -5.02 -3.43 -26.76
N ARG A 650 -5.37 -2.42 -25.95
CA ARG A 650 -6.48 -1.52 -26.20
C ARG A 650 -6.13 -0.57 -27.35
N MET A 651 -4.88 -0.66 -27.83
CA MET A 651 -4.38 0.24 -28.86
C MET A 651 -4.19 -0.53 -30.17
N VAL A 652 -4.45 -1.84 -30.13
CA VAL A 652 -4.25 -2.72 -31.27
C VAL A 652 -5.60 -2.89 -31.99
N THR A 806 -14.29 -6.05 -25.04
CA THR A 806 -14.64 -5.73 -23.63
C THR A 806 -13.53 -4.90 -23.01
N SER A 807 -13.90 -3.77 -22.40
CA SER A 807 -12.91 -3.00 -21.66
C SER A 807 -12.49 -3.80 -20.42
N ALA A 808 -13.47 -4.15 -19.56
CA ALA A 808 -13.25 -4.75 -18.26
C ALA A 808 -12.47 -6.06 -18.35
N LEU A 809 -11.72 -6.38 -17.28
CA LEU A 809 -11.00 -7.63 -17.20
C LEU A 809 -12.03 -8.70 -16.86
N SER A 810 -11.87 -9.90 -17.43
CA SER A 810 -12.83 -10.97 -17.24
C SER A 810 -12.34 -11.93 -16.16
N LEU A 811 -13.26 -12.71 -15.63
CA LEU A 811 -12.89 -13.70 -14.63
C LEU A 811 -11.78 -14.61 -15.15
N SER A 812 -11.66 -14.75 -16.47
CA SER A 812 -10.79 -15.76 -17.04
C SER A 812 -9.33 -15.37 -16.91
N ASN A 813 -9.01 -14.07 -16.98
CA ASN A 813 -7.62 -13.67 -16.86
C ASN A 813 -7.27 -13.28 -15.42
N VAL A 814 -8.05 -13.68 -14.43
CA VAL A 814 -7.57 -13.76 -13.06
C VAL A 814 -7.99 -15.08 -12.43
N ALA A 815 -8.37 -16.08 -13.22
CA ALA A 815 -8.94 -17.30 -12.64
C ALA A 815 -7.91 -18.07 -11.81
N GLY A 816 -6.65 -18.02 -12.24
CA GLY A 816 -5.58 -18.66 -11.51
C GLY A 816 -5.45 -18.17 -10.08
N VAL A 817 -5.67 -16.87 -9.82
CA VAL A 817 -5.50 -16.41 -8.45
C VAL A 817 -6.63 -16.97 -7.61
N PHE A 818 -7.85 -17.05 -8.17
CA PHE A 818 -8.93 -17.72 -7.45
C PHE A 818 -8.61 -19.18 -7.15
N TYR A 819 -8.03 -19.91 -8.10
CA TYR A 819 -7.68 -21.30 -7.86
C TYR A 819 -6.63 -21.41 -6.78
N ILE A 820 -5.60 -20.57 -6.84
CA ILE A 820 -4.57 -20.61 -5.80
C ILE A 820 -5.19 -20.28 -4.45
N LEU A 821 -6.11 -19.32 -4.40
CA LEU A 821 -6.75 -18.93 -3.16
C LEU A 821 -7.48 -20.11 -2.56
N ILE A 822 -8.38 -20.73 -3.32
CA ILE A 822 -9.18 -21.82 -2.79
C ILE A 822 -8.30 -23.03 -2.47
N GLY A 823 -7.26 -23.28 -3.27
CA GLY A 823 -6.28 -24.29 -2.91
C GLY A 823 -5.65 -24.02 -1.55
N GLY A 824 -5.27 -22.77 -1.30
CA GLY A 824 -4.67 -22.41 -0.03
C GLY A 824 -5.63 -22.62 1.14
N LEU A 825 -6.91 -22.34 0.93
CA LEU A 825 -7.89 -22.50 2.00
C LEU A 825 -8.05 -23.98 2.32
N GLY A 826 -8.12 -24.80 1.27
CA GLY A 826 -8.17 -26.24 1.45
C GLY A 826 -6.94 -26.76 2.19
N LEU A 827 -5.77 -26.32 1.76
CA LEU A 827 -4.55 -26.72 2.43
C LEU A 827 -4.54 -26.28 3.89
N ALA A 828 -5.05 -25.09 4.18
CA ALA A 828 -5.07 -24.56 5.53
C ALA A 828 -5.93 -25.45 6.41
N MET A 829 -7.09 -25.85 5.88
CA MET A 829 -7.98 -26.69 6.64
C MET A 829 -7.31 -28.04 6.90
N LEU A 830 -6.63 -28.58 5.90
CA LEU A 830 -5.93 -29.84 6.08
C LEU A 830 -4.86 -29.74 7.16
N VAL A 831 -4.06 -28.70 7.12
CA VAL A 831 -2.99 -28.52 8.09
C VAL A 831 -3.60 -28.37 9.48
N ALA A 832 -4.73 -27.68 9.59
CA ALA A 832 -5.35 -27.50 10.89
C ALA A 832 -5.77 -28.86 11.45
N LEU A 833 -6.34 -29.73 10.60
CA LEU A 833 -6.75 -31.05 11.05
C LEU A 833 -5.54 -31.85 11.49
N ILE A 834 -4.47 -31.82 10.69
CA ILE A 834 -3.28 -32.58 11.02
C ILE A 834 -2.73 -32.12 12.35
N GLU A 835 -2.54 -30.81 12.53
CA GLU A 835 -1.96 -30.29 13.76
C GLU A 835 -2.85 -30.66 14.94
N PHE A 836 -4.17 -30.60 14.74
CA PHE A 836 -5.08 -30.91 15.82
C PHE A 836 -4.93 -32.36 16.24
N CYS A 837 -4.91 -33.28 15.27
CA CYS A 837 -4.76 -34.70 15.58
C CYS A 837 -3.41 -34.97 16.25
N TYR A 838 -2.35 -34.32 15.76
CA TYR A 838 -1.03 -34.46 16.36
C TYR A 838 -1.05 -34.03 17.82
N LYS A 839 -1.64 -32.87 18.12
CA LYS A 839 -1.71 -32.38 19.49
C LYS A 839 -2.67 -33.23 20.34
N SER A 840 -3.63 -33.93 19.71
CA SER A 840 -4.52 -34.81 20.44
C SER A 840 -3.78 -36.04 20.95
N ARG A 841 -2.97 -36.63 20.06
CA ARG A 841 -2.15 -37.78 20.42
C ARG A 841 -0.66 -37.39 20.40
N SER B 532 18.94 -2.05 -26.63
CA SER B 532 19.30 -1.15 -25.50
C SER B 532 19.37 -2.00 -24.23
N LYS B 533 20.59 -2.39 -23.86
CA LYS B 533 20.81 -3.17 -22.64
C LYS B 533 20.22 -2.41 -21.45
N PRO B 534 19.32 -3.02 -20.66
CA PRO B 534 18.62 -2.30 -19.59
C PRO B 534 19.55 -1.47 -18.73
N GLY B 535 20.59 -2.08 -18.14
CA GLY B 535 21.49 -1.35 -17.28
C GLY B 535 21.19 -1.61 -15.80
N VAL B 536 22.23 -1.93 -15.00
CA VAL B 536 22.04 -2.55 -13.69
C VAL B 536 21.15 -1.72 -12.77
N PHE B 537 21.26 -0.39 -12.81
CA PHE B 537 20.52 0.46 -11.92
C PHE B 537 19.41 1.19 -12.67
N SER B 538 18.94 0.58 -13.76
CA SER B 538 17.89 1.15 -14.58
C SER B 538 16.56 1.28 -13.85
N PHE B 539 16.40 0.61 -12.69
CA PHE B 539 15.18 0.76 -11.93
C PHE B 539 15.06 2.17 -11.35
N LEU B 540 16.14 2.94 -11.33
CA LEU B 540 16.05 4.33 -10.90
C LEU B 540 15.56 5.26 -12.01
N ASP B 541 15.42 4.78 -13.23
CA ASP B 541 15.21 5.67 -14.36
C ASP B 541 13.92 6.48 -14.31
N PRO B 542 12.79 5.98 -13.77
CA PRO B 542 11.57 6.79 -13.76
C PRO B 542 11.69 8.17 -13.14
N LEU B 543 12.61 8.36 -12.18
CA LEU B 543 12.78 9.63 -11.50
C LEU B 543 14.19 10.13 -11.77
N ALA B 544 14.30 11.45 -11.92
CA ALA B 544 15.60 12.09 -12.14
C ALA B 544 16.50 11.91 -10.93
N TYR B 545 17.81 12.03 -11.17
CA TYR B 545 18.80 11.88 -10.12
C TYR B 545 18.55 12.92 -9.03
N GLU B 546 18.15 14.13 -9.41
CA GLU B 546 17.89 15.14 -8.41
C GLU B 546 16.72 14.76 -7.50
N ILE B 547 15.68 14.13 -8.02
CA ILE B 547 14.58 13.69 -7.16
C ILE B 547 15.09 12.67 -6.14
N TRP B 548 15.88 11.68 -6.58
CA TRP B 548 16.39 10.69 -5.64
C TRP B 548 17.23 11.35 -4.54
N MET B 549 18.09 12.31 -4.91
CA MET B 549 18.95 12.89 -3.89
C MET B 549 18.11 13.75 -2.94
N CYS B 550 17.10 14.44 -3.46
CA CYS B 550 16.25 15.21 -2.58
C CYS B 550 15.37 14.32 -1.72
N ILE B 551 15.02 13.12 -2.20
CA ILE B 551 14.30 12.21 -1.36
C ILE B 551 15.15 11.86 -0.15
N VAL B 552 16.42 11.59 -0.38
CA VAL B 552 17.30 11.26 0.73
C VAL B 552 17.44 12.41 1.71
N PHE B 553 17.61 13.62 1.20
CA PHE B 553 17.68 14.77 2.11
C PHE B 553 16.38 14.98 2.87
N ALA B 554 15.25 14.88 2.19
CA ALA B 554 13.98 15.03 2.89
C ALA B 554 13.83 13.98 3.97
N TYR B 555 14.30 12.77 3.68
CA TYR B 555 14.24 11.69 4.64
C TYR B 555 14.99 12.09 5.91
N ILE B 556 16.22 12.55 5.76
CA ILE B 556 17.00 12.94 6.92
C ILE B 556 16.33 14.10 7.65
N GLY B 557 15.89 15.12 6.92
CA GLY B 557 15.25 16.24 7.58
C GLY B 557 14.01 15.84 8.37
N VAL B 558 13.18 14.97 7.79
CA VAL B 558 11.97 14.53 8.48
C VAL B 558 12.35 13.76 9.74
N SER B 559 13.32 12.87 9.64
CA SER B 559 13.70 12.07 10.78
C SER B 559 14.19 12.96 11.90
N VAL B 560 15.02 13.94 11.56
CA VAL B 560 15.57 14.80 12.60
C VAL B 560 14.50 15.67 13.21
N VAL B 561 13.61 16.25 12.42
CA VAL B 561 12.57 17.08 13.03
C VAL B 561 11.61 16.23 13.87
N LEU B 562 11.30 15.00 13.45
CA LEU B 562 10.42 14.17 14.26
C LEU B 562 11.07 13.87 15.61
N PHE B 563 12.37 13.56 15.60
CA PHE B 563 13.13 13.38 16.82
C PHE B 563 13.08 14.62 17.70
N LEU B 564 13.32 15.78 17.11
CA LEU B 564 13.41 17.01 17.87
C LEU B 564 12.07 17.38 18.49
N VAL B 565 10.98 17.39 17.74
CA VAL B 565 9.70 17.78 18.30
C VAL B 565 9.17 16.70 19.24
N SER B 566 9.69 15.48 19.20
CA SER B 566 9.23 14.44 20.09
C SER B 566 9.97 14.51 21.42
N ARG B 567 11.20 15.03 21.45
CA ARG B 567 12.04 14.96 22.64
C ARG B 567 11.95 16.26 23.43
N PHE B 568 12.47 17.38 22.91
CA PHE B 568 12.80 18.49 23.80
C PHE B 568 11.59 18.93 24.62
N SER B 569 10.35 18.66 24.14
CA SER B 569 9.18 18.74 24.98
C SER B 569 9.48 18.03 26.31
N PRO B 570 9.77 18.76 27.42
CA PRO B 570 10.16 18.10 28.67
C PRO B 570 9.01 17.45 29.44
N TYR B 571 7.76 17.60 28.95
CA TYR B 571 6.62 16.92 29.54
C TYR B 571 6.79 15.41 29.49
N GLU B 572 7.27 14.90 28.34
CA GLU B 572 7.48 13.47 28.14
C GLU B 572 8.93 13.09 28.41
N TRP B 573 9.88 13.92 27.95
CA TRP B 573 11.30 13.62 28.09
C TRP B 573 12.08 14.90 28.37
N GLU B 592 9.74 7.31 23.10
CA GLU B 592 10.11 6.19 22.20
C GLU B 592 10.54 6.66 20.82
N PHE B 593 10.45 7.95 20.48
CA PHE B 593 10.94 8.45 19.21
C PHE B 593 12.31 9.06 19.38
N GLY B 594 13.30 8.29 19.82
CA GLY B 594 14.69 8.68 19.69
C GLY B 594 15.10 8.81 18.22
N ILE B 595 16.36 9.14 17.96
CA ILE B 595 16.79 9.40 16.60
C ILE B 595 16.75 8.11 15.78
N PHE B 596 17.21 6.99 16.34
CA PHE B 596 17.22 5.73 15.57
C PHE B 596 15.80 5.27 15.26
N ASN B 597 14.90 5.36 16.20
CA ASN B 597 13.51 5.01 15.96
C ASN B 597 12.86 6.01 15.02
N SER B 598 13.26 7.28 15.07
CA SER B 598 12.73 8.26 14.13
C SER B 598 13.12 7.88 12.70
N LEU B 599 14.38 7.57 12.50
CA LEU B 599 14.82 7.11 11.20
C LEU B 599 14.04 5.85 10.77
N TRP B 600 13.77 4.93 11.67
CA TRP B 600 13.07 3.71 11.29
C TRP B 600 11.61 4.02 10.94
N PHE B 601 10.99 4.93 11.69
CA PHE B 601 9.59 5.28 11.41
C PHE B 601 9.50 5.89 10.03
N SER B 602 10.42 6.82 9.74
CA SER B 602 10.41 7.53 8.48
C SER B 602 10.67 6.59 7.32
N LEU B 603 11.57 5.63 7.53
CA LEU B 603 11.91 4.72 6.44
C LEU B 603 10.70 3.85 6.14
N GLY B 604 10.10 3.35 7.20
CA GLY B 604 8.95 2.51 6.99
C GLY B 604 7.79 3.27 6.38
N ALA B 605 7.66 4.56 6.66
CA ALA B 605 6.56 5.34 6.11
C ALA B 605 6.78 5.50 4.62
N PHE B 606 8.01 5.81 4.22
CA PHE B 606 8.28 5.99 2.82
C PHE B 606 8.09 4.70 2.02
N MET B 607 8.44 3.55 2.59
CA MET B 607 8.30 2.27 1.91
C MET B 607 6.89 1.73 2.05
N GLN B 608 6.01 2.45 2.75
CA GLN B 608 4.61 2.05 2.91
C GLN B 608 4.54 0.69 3.59
N GLN B 609 5.32 0.53 4.66
CA GLN B 609 5.40 -0.70 5.39
C GLN B 609 4.79 -0.50 6.75
N GLY B 610 4.30 0.72 7.03
N GLY B 610 4.47 0.75 7.13
CA GLY B 610 3.66 1.00 8.30
CA GLY B 610 4.20 1.10 8.51
C GLY B 610 4.67 1.06 9.43
C GLY B 610 5.29 0.66 9.50
N CYS B 611 4.23 0.85 10.67
N CYS B 611 4.98 0.64 10.81
CA CYS B 611 5.06 1.22 11.79
CA CYS B 611 5.84 -0.06 11.75
C CYS B 611 4.78 0.33 13.01
C CYS B 611 5.18 -0.07 13.12
N ASP B 612 5.74 0.34 13.93
N ASP B 612 5.99 0.14 14.16
CA ASP B 612 5.58 -0.24 15.26
CA ASP B 612 5.62 -0.28 15.50
C ASP B 612 5.16 0.84 16.23
C ASP B 612 5.04 0.90 16.28
N ILE B 613 5.36 2.11 15.87
CA ILE B 613 5.05 3.23 16.74
C ILE B 613 4.56 4.36 15.88
N SER B 614 3.56 5.10 16.34
CA SER B 614 3.12 6.29 15.65
C SER B 614 3.28 7.48 16.58
N PRO B 615 3.54 8.70 16.05
CA PRO B 615 3.53 9.91 16.86
C PRO B 615 2.21 10.14 17.59
N ARG B 616 2.26 10.68 18.81
CA ARG B 616 1.07 10.94 19.61
C ARG B 616 0.82 12.42 19.80
N SER B 617 1.86 13.25 19.69
CA SER B 617 1.69 14.68 19.84
C SER B 617 1.10 15.30 18.58
N LEU B 618 0.73 16.58 18.68
CA LEU B 618 0.29 17.31 17.51
C LEU B 618 1.45 17.58 16.56
N SER B 619 2.63 17.93 17.08
CA SER B 619 3.77 18.22 16.23
C SER B 619 4.26 16.97 15.48
N GLY B 620 4.36 15.87 16.21
CA GLY B 620 4.76 14.61 15.62
C GLY B 620 3.78 14.19 14.54
N ARG B 621 2.49 14.43 14.78
CA ARG B 621 1.48 14.02 13.82
C ARG B 621 1.50 14.93 12.60
N ILE B 622 1.77 16.22 12.76
CA ILE B 622 1.91 17.05 11.57
C ILE B 622 3.07 16.54 10.72
N VAL B 623 4.23 16.30 11.35
CA VAL B 623 5.39 15.82 10.62
C VAL B 623 5.06 14.51 9.89
N GLY B 624 4.47 13.58 10.64
CA GLY B 624 4.09 12.30 10.07
C GLY B 624 3.13 12.44 8.90
N GLY B 625 2.16 13.35 9.03
CA GLY B 625 1.12 13.54 8.04
C GLY B 625 1.70 14.08 6.73
N VAL B 626 2.59 15.07 6.80
CA VAL B 626 3.15 15.61 5.57
C VAL B 626 4.09 14.58 4.97
N TRP B 627 4.80 13.81 5.78
CA TRP B 627 5.66 12.78 5.20
C TRP B 627 4.83 11.69 4.52
N TRP B 628 3.67 11.35 5.09
CA TRP B 628 2.75 10.41 4.44
C TRP B 628 2.24 10.91 3.10
N PHE B 629 1.89 12.19 3.03
CA PHE B 629 1.42 12.75 1.79
C PHE B 629 2.53 12.76 0.73
N PHE B 630 3.73 13.15 1.15
CA PHE B 630 4.86 13.18 0.26
C PHE B 630 5.11 11.80 -0.33
N THR B 631 5.07 10.81 0.55
CA THR B 631 5.34 9.45 0.15
C THR B 631 4.33 9.02 -0.90
N LEU B 632 3.05 9.30 -0.64
CA LEU B 632 2.02 8.86 -1.55
C LEU B 632 2.21 9.45 -2.96
N ILE B 633 2.43 10.74 -3.05
CA ILE B 633 2.66 11.38 -4.33
C ILE B 633 3.91 10.79 -5.01
N ILE B 634 5.01 10.64 -4.29
CA ILE B 634 6.24 10.22 -4.92
C ILE B 634 6.15 8.79 -5.43
N ILE B 635 5.55 7.90 -4.66
CA ILE B 635 5.51 6.51 -5.09
C ILE B 635 4.55 6.36 -6.27
N SER B 636 3.44 7.10 -6.25
CA SER B 636 2.51 7.03 -7.36
C SER B 636 3.21 7.54 -8.61
N SER B 637 4.01 8.59 -8.45
CA SER B 637 4.75 9.17 -9.57
C SER B 637 5.72 8.17 -10.13
N TYR B 638 6.43 7.45 -9.27
CA TYR B 638 7.31 6.41 -9.76
C TYR B 638 6.58 5.35 -10.59
N THR B 639 5.50 4.82 -10.06
CA THR B 639 4.76 3.78 -10.78
C THR B 639 4.19 4.30 -12.11
N ALA B 640 3.62 5.48 -12.09
CA ALA B 640 2.99 6.08 -13.28
C ALA B 640 4.02 6.31 -14.37
N ASN B 641 5.19 6.84 -14.01
CA ASN B 641 6.18 7.12 -15.02
C ASN B 641 6.82 5.84 -15.53
N LEU B 642 6.93 4.82 -14.70
CA LEU B 642 7.44 3.57 -15.20
C LEU B 642 6.44 2.95 -16.16
N ALA B 643 5.15 3.09 -15.91
CA ALA B 643 4.13 2.59 -16.82
C ALA B 643 4.27 3.30 -18.18
N ALA B 644 4.50 4.61 -18.17
CA ALA B 644 4.70 5.38 -19.39
C ALA B 644 5.88 4.84 -20.22
N PHE B 645 7.05 4.62 -19.61
N PHE B 645 7.04 4.61 -19.59
CA PHE B 645 8.22 4.18 -20.35
CA PHE B 645 8.23 4.20 -20.30
C PHE B 645 8.05 2.77 -20.95
C PHE B 645 8.09 2.78 -20.89
N LEU B 646 7.28 1.92 -20.26
CA LEU B 646 7.12 0.53 -20.67
C LEU B 646 6.03 0.43 -21.74
N THR B 647 5.17 1.44 -21.85
CA THR B 647 4.08 1.44 -22.81
C THR B 647 4.56 2.03 -24.13
N VAL B 648 5.44 3.04 -24.10
CA VAL B 648 5.82 3.77 -25.30
C VAL B 648 7.34 3.81 -25.40
N GLU B 649 7.89 3.15 -26.42
CA GLU B 649 9.34 3.14 -26.64
C GLU B 649 9.75 4.40 -27.39
N ARG B 650 10.85 5.02 -26.94
CA ARG B 650 11.48 6.12 -27.66
C ARG B 650 12.99 5.92 -27.58
N ASP B 804 3.01 -2.82 -32.23
CA ASP B 804 3.82 -2.45 -31.04
C ASP B 804 3.46 -3.40 -29.89
N LYS B 805 4.40 -4.30 -29.53
CA LYS B 805 4.18 -5.33 -28.52
C LYS B 805 4.96 -4.99 -27.24
N THR B 806 4.55 -5.56 -26.12
CA THR B 806 5.15 -5.30 -24.80
C THR B 806 5.74 -6.61 -24.29
N SER B 807 6.96 -6.55 -23.75
CA SER B 807 7.60 -7.75 -23.24
C SER B 807 7.47 -7.84 -21.71
N ALA B 808 7.46 -9.06 -21.16
CA ALA B 808 7.61 -9.29 -19.71
C ALA B 808 8.92 -8.69 -19.26
N LEU B 809 8.96 -8.11 -18.05
CA LEU B 809 10.22 -7.63 -17.50
C LEU B 809 11.12 -8.83 -17.26
N SER B 810 12.38 -8.71 -17.68
CA SER B 810 13.38 -9.74 -17.50
C SER B 810 14.24 -9.42 -16.29
N LEU B 811 14.90 -10.46 -15.77
CA LEU B 811 15.77 -10.31 -14.62
C LEU B 811 16.77 -9.19 -14.84
N SER B 812 17.15 -8.91 -16.08
CA SER B 812 18.09 -7.83 -16.34
C SER B 812 17.51 -6.45 -16.04
N ASN B 813 16.19 -6.32 -16.10
CA ASN B 813 15.56 -5.05 -15.82
C ASN B 813 15.53 -4.70 -14.34
N VAL B 814 15.72 -5.70 -13.46
CA VAL B 814 15.63 -5.47 -12.03
C VAL B 814 16.84 -6.10 -11.34
N ALA B 815 17.93 -6.37 -12.05
CA ALA B 815 19.06 -7.07 -11.44
C ALA B 815 19.72 -6.23 -10.34
N GLY B 816 19.74 -4.92 -10.54
CA GLY B 816 20.30 -4.02 -9.56
C GLY B 816 19.66 -4.12 -8.20
N VAL B 817 18.34 -4.29 -8.18
CA VAL B 817 17.64 -4.34 -6.92
C VAL B 817 18.01 -5.63 -6.20
N PHE B 818 18.17 -6.74 -6.95
CA PHE B 818 18.67 -7.97 -6.35
C PHE B 818 20.06 -7.78 -5.76
N TYR B 819 20.97 -7.11 -6.49
CA TYR B 819 22.33 -6.94 -5.98
C TYR B 819 22.31 -6.06 -4.74
N ILE B 820 21.52 -4.99 -4.72
CA ILE B 820 21.44 -4.19 -3.51
C ILE B 820 20.89 -5.02 -2.35
N LEU B 821 19.90 -5.87 -2.62
CA LEU B 821 19.34 -6.71 -1.59
C LEU B 821 20.39 -7.63 -0.98
N ILE B 822 21.07 -8.40 -1.82
CA ILE B 822 22.04 -9.36 -1.30
C ILE B 822 23.22 -8.64 -0.66
N GLY B 823 23.63 -7.48 -1.20
CA GLY B 823 24.62 -6.69 -0.52
C GLY B 823 24.19 -6.26 0.88
N GLY B 824 22.93 -5.86 1.02
CA GLY B 824 22.40 -5.47 2.32
C GLY B 824 22.41 -6.64 3.29
N LEU B 825 22.12 -7.85 2.81
CA LEU B 825 22.10 -9.00 3.68
C LEU B 825 23.50 -9.30 4.17
N GLY B 826 24.48 -9.23 3.25
CA GLY B 826 25.87 -9.40 3.62
C GLY B 826 26.32 -8.35 4.63
N LEU B 827 25.99 -7.09 4.37
CA LEU B 827 26.33 -6.03 5.30
C LEU B 827 25.69 -6.26 6.66
N ALA B 828 24.44 -6.75 6.69
CA ALA B 828 23.74 -6.95 7.94
C ALA B 828 24.46 -8.02 8.75
N MET B 829 24.90 -9.08 8.08
CA MET B 829 25.60 -10.14 8.79
C MET B 829 26.91 -9.59 9.36
N LEU B 830 27.62 -8.78 8.58
CA LEU B 830 28.86 -8.20 9.07
C LEU B 830 28.62 -7.32 10.31
N VAL B 831 27.62 -6.45 10.24
CA VAL B 831 27.30 -5.58 11.35
C VAL B 831 26.91 -6.41 12.57
N ALA B 832 26.21 -7.52 12.37
CA ALA B 832 25.82 -8.36 13.50
C ALA B 832 27.06 -8.92 14.17
N LEU B 833 28.05 -9.37 13.38
CA LEU B 833 29.28 -9.88 13.96
C LEU B 833 30.00 -8.78 14.74
N ILE B 834 30.09 -7.60 14.15
CA ILE B 834 30.78 -6.51 14.82
C ILE B 834 30.09 -6.16 16.13
N GLU B 835 28.76 -6.02 16.13
CA GLU B 835 28.01 -5.72 17.33
C GLU B 835 28.26 -6.81 18.37
N PHE B 836 28.29 -8.07 17.93
CA PHE B 836 28.48 -9.17 18.85
C PHE B 836 29.83 -9.06 19.54
N CYS B 837 30.88 -8.83 18.74
CA CYS B 837 32.22 -8.74 19.29
C CYS B 837 32.34 -7.53 20.22
N TYR B 838 31.73 -6.40 19.87
CA TYR B 838 31.74 -5.23 20.72
C TYR B 838 31.05 -5.53 22.06
N LYS B 839 29.82 -6.06 22.00
CA LYS B 839 29.01 -6.20 23.21
C LYS B 839 29.50 -7.38 24.05
N SER B 840 30.27 -8.31 23.47
CA SER B 840 30.82 -9.45 24.20
C SER B 840 32.17 -9.11 24.85
N ARG B 841 32.65 -7.85 24.72
CA ARG B 841 33.84 -7.38 25.40
C ARG B 841 33.55 -5.99 25.95
N SER C 532 4.58 23.27 -21.82
CA SER C 532 4.81 24.35 -20.82
C SER C 532 5.65 23.82 -19.66
N LYS C 533 6.39 24.72 -19.01
CA LYS C 533 7.10 24.37 -17.79
C LYS C 533 6.07 23.92 -16.74
N PRO C 534 6.33 22.81 -16.00
CA PRO C 534 5.36 22.31 -15.04
C PRO C 534 5.16 23.32 -13.90
N GLY C 535 3.91 23.45 -13.48
CA GLY C 535 3.54 24.31 -12.37
C GLY C 535 3.82 23.69 -10.99
N VAL C 536 4.01 24.53 -9.98
CA VAL C 536 4.47 24.07 -8.67
C VAL C 536 3.54 23.01 -8.08
N PHE C 537 2.23 23.16 -8.24
CA PHE C 537 1.27 22.24 -7.68
C PHE C 537 0.68 21.36 -8.78
N SER C 538 1.49 21.07 -9.79
CA SER C 538 1.05 20.27 -10.92
C SER C 538 0.82 18.82 -10.50
N PHE C 539 1.33 18.40 -9.33
CA PHE C 539 1.10 17.04 -8.87
C PHE C 539 -0.37 16.82 -8.53
N LEU C 540 -1.16 17.89 -8.37
CA LEU C 540 -2.58 17.74 -8.14
C LEU C 540 -3.37 17.54 -9.43
N ASP C 541 -2.73 17.64 -10.59
CA ASP C 541 -3.46 17.68 -11.84
C ASP C 541 -4.27 16.43 -12.15
N PRO C 542 -3.86 15.20 -11.82
CA PRO C 542 -4.67 14.04 -12.17
C PRO C 542 -6.13 14.07 -11.69
N LEU C 543 -6.43 14.78 -10.59
CA LEU C 543 -7.79 14.87 -10.09
C LEU C 543 -8.21 16.34 -10.15
N ALA C 544 -9.47 16.55 -10.49
CA ALA C 544 -10.04 17.88 -10.55
C ALA C 544 -10.10 18.52 -9.17
N TYR C 545 -10.11 19.85 -9.17
CA TYR C 545 -10.12 20.62 -7.95
C TYR C 545 -11.32 20.23 -7.09
N GLU C 546 -12.44 19.90 -7.71
CA GLU C 546 -13.60 19.56 -6.90
C GLU C 546 -13.38 18.23 -6.19
N ILE C 547 -12.70 17.28 -6.81
CA ILE C 547 -12.40 16.03 -6.12
C ILE C 547 -11.53 16.31 -4.89
N TRP C 548 -10.49 17.13 -5.02
CA TRP C 548 -9.64 17.42 -3.86
C TRP C 548 -10.44 18.07 -2.73
N MET C 549 -11.32 19.01 -3.08
CA MET C 549 -12.10 19.70 -2.09
C MET C 549 -13.06 18.72 -1.40
N CYS C 550 -13.68 17.85 -2.18
CA CYS C 550 -14.59 16.89 -1.58
C CYS C 550 -13.85 15.83 -0.79
N ILE C 551 -12.59 15.53 -1.14
CA ILE C 551 -11.84 14.61 -0.33
C ILE C 551 -11.67 15.22 1.06
N VAL C 552 -11.35 16.50 1.12
CA VAL C 552 -11.17 17.17 2.39
C VAL C 552 -12.46 17.17 3.20
N PHE C 553 -13.58 17.48 2.58
CA PHE C 553 -14.83 17.44 3.30
C PHE C 553 -15.19 16.03 3.75
N ALA C 554 -14.99 15.04 2.89
CA ALA C 554 -15.28 13.67 3.30
C ALA C 554 -14.41 13.28 4.48
N TYR C 555 -13.16 13.73 4.47
CA TYR C 555 -12.26 13.44 5.56
C TYR C 555 -12.82 13.98 6.88
N ILE C 556 -13.24 15.23 6.89
CA ILE C 556 -13.82 15.80 8.10
C ILE C 556 -15.07 15.01 8.50
N GLY C 557 -15.97 14.77 7.56
CA GLY C 557 -17.20 14.07 7.90
C GLY C 557 -16.93 12.68 8.49
N VAL C 558 -16.00 11.94 7.90
CA VAL C 558 -15.67 10.63 8.41
C VAL C 558 -15.12 10.72 9.82
N SER C 559 -14.21 11.66 10.06
CA SER C 559 -13.58 11.77 11.35
C SER C 559 -14.64 12.10 12.41
N VAL C 560 -15.54 13.01 12.08
CA VAL C 560 -16.55 13.39 13.05
C VAL C 560 -17.51 12.24 13.30
N VAL C 561 -17.96 11.53 12.28
CA VAL C 561 -18.88 10.43 12.53
C VAL C 561 -18.19 9.31 13.31
N LEU C 562 -16.92 9.04 13.05
CA LEU C 562 -16.22 8.00 13.77
C LEU C 562 -16.15 8.36 15.27
N PHE C 563 -15.82 9.62 15.54
CA PHE C 563 -15.82 10.12 16.90
C PHE C 563 -17.19 9.98 17.54
N LEU C 564 -18.26 10.34 16.84
CA LEU C 564 -19.59 10.31 17.42
C LEU C 564 -20.07 8.88 17.70
N VAL C 565 -19.89 7.94 16.76
CA VAL C 565 -20.38 6.59 16.97
C VAL C 565 -19.55 5.86 18.02
N SER C 566 -18.34 6.31 18.28
CA SER C 566 -17.45 5.65 19.20
C SER C 566 -17.71 6.03 20.65
N ARG C 567 -18.18 7.20 20.93
CA ARG C 567 -18.42 7.71 22.25
C ARG C 567 -19.81 7.42 22.73
N PHE C 568 -20.78 7.25 21.79
CA PHE C 568 -22.07 6.72 22.23
C PHE C 568 -22.21 5.30 21.66
N SER C 569 -21.27 4.41 22.01
CA SER C 569 -21.34 2.98 21.70
C SER C 569 -20.93 2.10 22.88
N PRO C 570 -21.68 1.01 23.18
CA PRO C 570 -21.30 0.12 24.29
C PRO C 570 -19.84 -0.29 24.24
N TYR C 571 -19.40 -0.85 23.09
CA TYR C 571 -18.01 -1.24 22.91
C TYR C 571 -17.77 -1.70 21.46
N GLU C 592 -9.36 4.13 21.70
CA GLU C 592 -9.61 5.47 22.31
C GLU C 592 -9.83 6.49 21.20
N PHE C 593 -11.05 6.53 20.65
CA PHE C 593 -11.37 7.33 19.48
C PHE C 593 -12.00 8.64 19.91
N GLY C 594 -11.25 9.49 20.60
CA GLY C 594 -11.65 10.89 20.69
C GLY C 594 -11.58 11.57 19.32
N ILE C 595 -11.85 12.87 19.25
CA ILE C 595 -11.87 13.56 17.97
C ILE C 595 -10.47 13.62 17.38
N PHE C 596 -9.45 13.93 18.19
CA PHE C 596 -8.09 14.04 17.66
C PHE C 596 -7.59 12.69 17.14
N ASN C 597 -7.85 11.63 17.88
CA ASN C 597 -7.46 10.32 17.42
C ASN C 597 -8.29 9.88 16.23
N SER C 598 -9.55 10.30 16.15
CA SER C 598 -10.37 9.99 14.98
C SER C 598 -9.77 10.64 13.74
N LEU C 599 -9.42 11.91 13.84
CA LEU C 599 -8.74 12.57 12.73
C LEU C 599 -7.45 11.86 12.37
N TRP C 600 -6.69 11.38 13.33
CA TRP C 600 -5.42 10.74 13.00
C TRP C 600 -5.68 9.38 12.32
N PHE C 601 -6.68 8.66 12.79
CA PHE C 601 -7.01 7.36 12.19
C PHE C 601 -7.40 7.55 10.74
N SER C 602 -8.26 8.54 10.49
CA SER C 602 -8.77 8.79 9.16
C SER C 602 -7.65 9.24 8.24
N LEU C 603 -6.74 10.06 8.75
CA LEU C 603 -5.68 10.55 7.89
C LEU C 603 -4.78 9.39 7.50
N GLY C 604 -4.44 8.60 8.48
CA GLY C 604 -3.59 7.48 8.18
C GLY C 604 -4.26 6.48 7.26
N ALA C 605 -5.57 6.34 7.32
CA ALA C 605 -6.29 5.42 6.46
C ALA C 605 -6.23 5.94 5.04
N PHE C 606 -6.46 7.22 4.83
CA PHE C 606 -6.40 7.76 3.49
C PHE C 606 -5.01 7.66 2.86
N MET C 607 -3.96 7.77 3.67
CA MET C 607 -2.60 7.69 3.18
C MET C 607 -2.14 6.23 3.09
N GLN C 608 -3.07 5.30 3.38
N GLN C 608 -3.06 5.28 3.42
CA GLN C 608 -2.77 3.87 3.35
CA GLN C 608 -2.73 3.87 3.47
C GLN C 608 -1.50 3.64 4.16
C GLN C 608 -1.43 3.68 4.23
N GLN C 609 -1.49 4.18 5.38
N GLN C 609 -1.43 4.11 5.50
CA GLN C 609 -0.35 4.04 6.27
CA GLN C 609 -0.29 4.00 6.38
C GLN C 609 -0.82 3.27 7.49
C GLN C 609 -0.68 3.29 7.67
N GLY C 610 -0.11 3.47 8.60
N GLY C 610 -1.99 3.29 7.96
CA GLY C 610 -0.35 2.67 9.79
CA GLY C 610 -2.51 2.70 9.19
C GLY C 610 -1.61 3.14 10.50
C GLY C 610 -1.72 3.18 10.40
N CYS C 611 -2.16 2.28 11.35
N CYS C 611 -2.35 3.12 11.59
CA CYS C 611 -3.08 2.73 12.37
CA CYS C 611 -1.65 3.50 12.81
C CYS C 611 -2.61 2.20 13.72
C CYS C 611 -2.00 2.55 13.94
N ASP C 612 -2.52 3.08 14.71
N ASP C 612 -2.22 3.14 15.13
CA ASP C 612 -2.18 2.65 16.06
CA ASP C 612 -2.12 2.40 16.37
C ASP C 612 -3.38 1.97 16.72
C ASP C 612 -3.47 1.83 16.78
N ILE C 613 -4.57 2.25 16.19
CA ILE C 613 -5.81 1.82 16.79
C ILE C 613 -6.76 1.54 15.66
N SER C 614 -7.57 0.49 15.76
CA SER C 614 -8.67 0.29 14.83
C SER C 614 -9.98 0.26 15.61
N PRO C 615 -11.11 0.72 15.05
CA PRO C 615 -12.41 0.58 15.70
C PRO C 615 -12.77 -0.86 16.04
N ARG C 616 -13.46 -1.05 17.19
CA ARG C 616 -13.93 -2.37 17.59
C ARG C 616 -15.43 -2.55 17.46
N SER C 617 -16.21 -1.48 17.51
CA SER C 617 -17.65 -1.62 17.42
C SER C 617 -18.09 -1.90 15.99
N LEU C 618 -19.33 -2.34 15.83
CA LEU C 618 -19.90 -2.52 14.51
C LEU C 618 -20.03 -1.19 13.76
N SER C 619 -20.45 -0.12 14.43
CA SER C 619 -20.62 1.16 13.78
C SER C 619 -19.26 1.77 13.41
N GLY C 620 -18.27 1.65 14.29
CA GLY C 620 -16.93 2.12 13.98
C GLY C 620 -16.37 1.39 12.77
N ARG C 621 -16.64 0.08 12.70
CA ARG C 621 -16.11 -0.74 11.63
C ARG C 621 -16.84 -0.46 10.33
N ILE C 622 -18.12 -0.16 10.36
CA ILE C 622 -18.77 0.26 9.12
C ILE C 622 -18.13 1.54 8.58
N VAL C 623 -17.97 2.53 9.45
CA VAL C 623 -17.37 3.80 9.03
C VAL C 623 -15.98 3.55 8.46
N GLY C 624 -15.17 2.80 9.21
CA GLY C 624 -13.82 2.51 8.77
C GLY C 624 -13.79 1.78 7.44
N GLY C 625 -14.72 0.84 7.25
CA GLY C 625 -14.73 0.02 6.05
C GLY C 625 -15.07 0.84 4.81
N VAL C 626 -16.06 1.73 4.90
CA VAL C 626 -16.38 2.52 3.73
C VAL C 626 -15.26 3.53 3.48
N TRP C 627 -14.62 4.06 4.52
CA TRP C 627 -13.53 4.98 4.29
C TRP C 627 -12.34 4.26 3.64
N TRP C 628 -12.09 3.02 4.03
CA TRP C 628 -11.07 2.20 3.37
C TRP C 628 -11.36 1.96 1.90
N PHE C 629 -12.61 1.67 1.58
CA PHE C 629 -12.97 1.43 0.20
C PHE C 629 -12.81 2.71 -0.62
N PHE C 630 -13.26 3.83 -0.09
CA PHE C 630 -13.15 5.11 -0.77
C PHE C 630 -11.69 5.42 -1.04
N THR C 631 -10.86 5.19 -0.04
CA THR C 631 -9.45 5.46 -0.16
C THR C 631 -8.87 4.64 -1.30
N LEU C 632 -9.19 3.35 -1.35
CA LEU C 632 -8.60 2.46 -2.33
C LEU C 632 -8.96 2.93 -3.75
N ILE C 633 -10.22 3.24 -3.99
CA ILE C 633 -10.64 3.72 -5.28
C ILE C 633 -9.93 5.04 -5.62
N ILE C 634 -9.91 5.99 -4.69
CA ILE C 634 -9.38 7.32 -5.01
C ILE C 634 -7.89 7.26 -5.28
N ILE C 635 -7.12 6.50 -4.52
CA ILE C 635 -5.68 6.46 -4.73
C ILE C 635 -5.38 5.75 -6.04
N SER C 636 -6.11 4.69 -6.35
CA SER C 636 -5.85 3.96 -7.59
C SER C 636 -6.19 4.88 -8.75
N SER C 637 -7.25 5.67 -8.61
CA SER C 637 -7.64 6.60 -9.64
C SER C 637 -6.56 7.64 -9.85
N TYR C 638 -5.96 8.14 -8.77
CA TYR C 638 -4.86 9.09 -8.93
C TYR C 638 -3.70 8.47 -9.73
N THR C 639 -3.27 7.30 -9.34
CA THR C 639 -2.15 6.67 -10.01
C THR C 639 -2.46 6.38 -11.48
N ALA C 640 -3.65 5.87 -11.76
CA ALA C 640 -4.05 5.47 -13.09
C ALA C 640 -4.13 6.70 -14.01
N ASN C 641 -4.71 7.78 -13.51
CA ASN C 641 -4.83 8.97 -14.33
C ASN C 641 -3.49 9.66 -14.51
N LEU C 642 -2.60 9.57 -13.54
CA LEU C 642 -1.28 10.14 -13.74
C LEU C 642 -0.53 9.33 -14.80
N ALA C 643 -0.72 8.00 -14.80
CA ALA C 643 -0.08 7.17 -15.81
C ALA C 643 -0.60 7.57 -17.19
N ALA C 644 -1.89 7.86 -17.30
CA ALA C 644 -2.50 8.27 -18.56
C ALA C 644 -1.87 9.57 -19.08
N PHE C 645 -1.75 10.60 -18.23
N PHE C 645 -1.79 10.63 -18.25
CA PHE C 645 -1.23 11.89 -18.67
CA PHE C 645 -1.22 11.91 -18.63
C PHE C 645 0.21 11.76 -19.19
C PHE C 645 0.20 11.76 -19.19
N LEU C 646 1.00 10.88 -18.58
CA LEU C 646 2.40 10.75 -18.89
C LEU C 646 2.62 9.84 -20.09
N THR C 647 1.67 8.95 -20.38
CA THR C 647 1.78 8.03 -21.49
C THR C 647 1.36 8.74 -22.77
N VAL C 648 0.36 9.62 -22.68
CA VAL C 648 -0.15 10.31 -23.85
C VAL C 648 0.81 11.44 -24.19
N GLU C 649 1.66 11.86 -23.24
CA GLU C 649 2.64 12.89 -23.46
C GLU C 649 3.88 12.32 -24.12
N ARG C 650 4.10 11.02 -23.94
CA ARG C 650 5.27 10.31 -24.46
C ARG C 650 4.95 9.84 -25.88
N MET C 651 3.65 9.68 -26.18
CA MET C 651 3.17 9.18 -27.45
C MET C 651 3.22 10.33 -28.44
N VAL C 652 2.71 11.50 -28.01
CA VAL C 652 2.71 12.71 -28.83
C VAL C 652 4.14 13.01 -29.32
N THR C 806 15.75 11.28 -21.99
CA THR C 806 14.98 10.49 -20.99
C THR C 806 13.69 11.23 -20.67
N SER C 807 12.58 10.50 -20.51
CA SER C 807 11.36 11.13 -20.03
C SER C 807 11.22 10.97 -18.52
N ALA C 808 12.35 10.85 -17.77
CA ALA C 808 12.33 10.82 -16.31
C ALA C 808 11.63 12.05 -15.76
N LEU C 809 10.86 11.90 -14.67
CA LEU C 809 10.26 13.05 -14.00
C LEU C 809 11.38 13.91 -13.43
N SER C 810 11.24 15.24 -13.59
CA SER C 810 12.22 16.19 -13.08
C SER C 810 11.78 16.72 -11.73
N LEU C 811 12.74 17.21 -10.95
CA LEU C 811 12.41 17.83 -9.68
C LEU C 811 11.33 18.88 -9.81
N SER C 812 11.17 19.46 -11.00
CA SER C 812 10.30 20.60 -11.18
C SER C 812 8.83 20.22 -11.12
N ASN C 813 8.49 19.03 -11.59
CA ASN C 813 7.09 18.63 -11.56
C ASN C 813 6.77 17.79 -10.34
N VAL C 814 7.61 17.82 -9.30
CA VAL C 814 7.18 17.40 -7.97
C VAL C 814 7.66 18.43 -6.94
N ALA C 815 8.04 19.64 -7.34
CA ALA C 815 8.63 20.58 -6.40
C ALA C 815 7.64 21.03 -5.32
N GLY C 816 6.36 21.14 -5.70
CA GLY C 816 5.33 21.49 -4.77
C GLY C 816 5.24 20.54 -3.57
N VAL C 817 5.43 19.23 -3.77
CA VAL C 817 5.31 18.34 -2.62
C VAL C 817 6.48 18.58 -1.68
N PHE C 818 7.67 18.84 -2.24
CA PHE C 818 8.79 19.22 -1.39
C PHE C 818 8.51 20.50 -0.60
N TYR C 819 7.92 21.52 -1.23
CA TYR C 819 7.62 22.76 -0.51
C TYR C 819 6.60 22.50 0.59
N ILE C 820 5.54 21.73 0.28
CA ILE C 820 4.58 21.43 1.31
C ILE C 820 5.23 20.66 2.46
N LEU C 821 6.13 19.72 2.13
CA LEU C 821 6.81 18.95 3.15
C LEU C 821 7.60 19.84 4.09
N ILE C 822 8.48 20.68 3.52
CA ILE C 822 9.33 21.52 4.36
C ILE C 822 8.48 22.56 5.10
N GLY C 823 7.44 23.07 4.48
CA GLY C 823 6.51 23.92 5.21
C GLY C 823 5.90 23.21 6.42
N GLY C 824 5.51 21.95 6.24
CA GLY C 824 4.95 21.19 7.34
C GLY C 824 5.95 20.99 8.46
N LEU C 825 7.21 20.77 8.13
CA LEU C 825 8.22 20.57 9.16
C LEU C 825 8.42 21.86 9.95
N GLY C 826 8.47 22.98 9.24
CA GLY C 826 8.54 24.28 9.87
C GLY C 826 7.35 24.52 10.80
N LEU C 827 6.16 24.27 10.30
CA LEU C 827 4.97 24.43 11.11
C LEU C 827 5.01 23.52 12.34
N ALA C 828 5.52 22.29 12.17
CA ALA C 828 5.56 21.34 13.27
C ALA C 828 6.47 21.88 14.36
N MET C 829 7.61 22.41 13.96
CA MET C 829 8.55 22.95 14.93
C MET C 829 7.91 24.14 15.65
N LEU C 830 7.19 24.99 14.93
CA LEU C 830 6.53 26.11 15.56
C LEU C 830 5.49 25.66 16.56
N VAL C 831 4.67 24.68 16.20
CA VAL C 831 3.64 24.19 17.11
C VAL C 831 4.30 23.57 18.34
N ALA C 832 5.43 22.88 18.16
CA ALA C 832 6.11 22.28 19.30
C ALA C 832 6.54 23.38 20.27
N LEU C 833 7.10 24.47 19.74
CA LEU C 833 7.55 25.57 20.59
C LEU C 833 6.36 26.17 21.32
N ILE C 834 5.27 26.42 20.60
CA ILE C 834 4.10 27.02 21.21
C ILE C 834 3.59 26.12 22.34
N GLU C 835 3.40 24.83 22.07
CA GLU C 835 2.86 23.93 23.08
C GLU C 835 3.81 23.88 24.28
N PHE C 836 5.11 23.90 24.01
CA PHE C 836 6.08 23.83 25.08
C PHE C 836 5.96 25.04 25.98
N CYS C 837 5.92 26.24 25.38
CA CYS C 837 5.79 27.46 26.16
C CYS C 837 4.48 27.49 26.94
N TYR C 838 3.38 27.04 26.31
CA TYR C 838 2.09 26.97 26.96
C TYR C 838 2.16 26.06 28.19
N LYS C 839 2.76 24.88 28.06
CA LYS C 839 2.88 23.95 29.18
C LYS C 839 3.89 24.45 30.22
N SER C 840 4.82 25.34 29.82
CA SER C 840 5.76 25.93 30.77
C SER C 840 5.04 26.91 31.70
N ARG C 841 4.21 27.76 31.10
CA ARG C 841 3.40 28.72 31.86
C ARG C 841 1.92 28.35 31.78
N GLN D 530 -20.88 8.99 -28.89
CA GLN D 530 -19.77 9.89 -28.45
C GLN D 530 -19.24 9.37 -27.12
N LYS D 531 -18.37 10.16 -26.45
CA LYS D 531 -17.84 9.77 -25.15
C LYS D 531 -19.02 9.52 -24.24
N SER D 532 -19.16 8.29 -23.74
CA SER D 532 -20.23 7.99 -22.82
C SER D 532 -20.04 8.84 -21.56
N LYS D 533 -21.00 9.75 -21.28
CA LYS D 533 -20.98 10.51 -20.04
C LYS D 533 -20.77 9.55 -18.87
N PRO D 534 -20.03 9.94 -17.82
CA PRO D 534 -19.67 8.98 -16.77
C PRO D 534 -20.90 8.53 -15.98
N GLY D 535 -21.00 7.23 -15.71
CA GLY D 535 -22.08 6.71 -14.89
C GLY D 535 -21.70 6.72 -13.42
N VAL D 536 -22.68 6.84 -12.51
CA VAL D 536 -22.47 6.52 -11.11
C VAL D 536 -22.06 5.06 -11.10
N PHE D 537 -21.03 4.68 -10.36
CA PHE D 537 -20.63 3.28 -10.29
C PHE D 537 -19.71 2.91 -11.45
N SER D 538 -19.38 3.87 -12.33
CA SER D 538 -18.35 3.68 -13.32
C SER D 538 -16.98 3.36 -12.73
N PHE D 539 -16.79 3.60 -11.42
CA PHE D 539 -15.58 3.18 -10.74
C PHE D 539 -15.47 1.66 -10.68
N LEU D 540 -16.56 0.94 -10.95
CA LEU D 540 -16.47 -0.51 -11.03
C LEU D 540 -16.03 -1.02 -12.39
N ASP D 541 -15.95 -0.15 -13.39
CA ASP D 541 -15.80 -0.62 -14.76
C ASP D 541 -14.52 -1.40 -15.05
N PRO D 542 -13.36 -1.09 -14.46
CA PRO D 542 -12.15 -1.86 -14.80
C PRO D 542 -12.26 -3.38 -14.64
N LEU D 543 -13.13 -3.86 -13.74
CA LEU D 543 -13.29 -5.29 -13.52
C LEU D 543 -14.72 -5.67 -13.88
N ALA D 544 -14.87 -6.84 -14.49
CA ALA D 544 -16.16 -7.41 -14.82
C ALA D 544 -17.01 -7.65 -13.57
N TYR D 545 -18.32 -7.69 -13.78
CA TYR D 545 -19.26 -7.92 -12.69
C TYR D 545 -18.97 -9.26 -12.03
N GLU D 546 -18.58 -10.26 -12.81
CA GLU D 546 -18.30 -11.56 -12.23
C GLU D 546 -17.10 -11.51 -11.28
N ILE D 547 -16.08 -10.71 -11.62
CA ILE D 547 -14.95 -10.58 -10.71
C ILE D 547 -15.40 -9.96 -9.39
N TRP D 548 -16.20 -8.89 -9.43
CA TRP D 548 -16.65 -8.28 -8.20
C TRP D 548 -17.44 -9.27 -7.34
N MET D 549 -18.35 -10.04 -7.97
CA MET D 549 -19.16 -10.94 -7.17
C MET D 549 -18.29 -12.06 -6.59
N CYS D 550 -17.32 -12.54 -7.37
CA CYS D 550 -16.44 -13.56 -6.82
C CYS D 550 -15.50 -12.99 -5.76
N ILE D 551 -15.17 -11.71 -5.83
CA ILE D 551 -14.37 -11.12 -4.76
C ILE D 551 -15.16 -11.19 -3.47
N VAL D 552 -16.45 -10.86 -3.54
CA VAL D 552 -17.27 -10.91 -2.34
C VAL D 552 -17.38 -12.34 -1.81
N PHE D 553 -17.61 -13.32 -2.67
CA PHE D 553 -17.63 -14.69 -2.20
C PHE D 553 -16.30 -15.14 -1.63
N ALA D 554 -15.20 -14.81 -2.29
CA ALA D 554 -13.90 -15.17 -1.74
C ALA D 554 -13.69 -14.55 -0.37
N TYR D 555 -14.16 -13.32 -0.21
CA TYR D 555 -14.03 -12.63 1.04
C TYR D 555 -14.74 -13.42 2.15
N ILE D 556 -15.99 -13.80 1.90
CA ILE D 556 -16.72 -14.59 2.89
C ILE D 556 -16.01 -15.91 3.16
N GLY D 557 -15.62 -16.63 2.11
CA GLY D 557 -14.98 -17.92 2.31
C GLY D 557 -13.69 -17.79 3.14
N VAL D 558 -12.87 -16.79 2.85
CA VAL D 558 -11.63 -16.59 3.59
C VAL D 558 -11.95 -16.30 5.04
N SER D 559 -12.90 -15.42 5.29
CA SER D 559 -13.23 -15.07 6.66
C SER D 559 -13.70 -16.29 7.44
N VAL D 560 -14.55 -17.11 6.82
CA VAL D 560 -15.05 -18.27 7.52
C VAL D 560 -13.95 -19.30 7.76
N VAL D 561 -13.10 -19.56 6.78
CA VAL D 561 -12.04 -20.53 7.03
C VAL D 561 -11.03 -20.01 8.06
N LEU D 562 -10.75 -18.71 8.08
CA LEU D 562 -9.83 -18.18 9.07
C LEU D 562 -10.41 -18.36 10.48
N PHE D 563 -11.70 -18.08 10.62
CA PHE D 563 -12.41 -18.33 11.87
C PHE D 563 -12.33 -19.79 12.27
N LEU D 564 -12.61 -20.69 11.32
CA LEU D 564 -12.67 -22.11 11.63
C LEU D 564 -11.31 -22.66 12.04
N VAL D 565 -10.24 -22.38 11.28
CA VAL D 565 -8.94 -22.95 11.62
C VAL D 565 -8.36 -22.26 12.85
N SER D 566 -8.87 -21.10 13.23
CA SER D 566 -8.37 -20.42 14.42
C SER D 566 -9.05 -20.94 15.68
N ARG D 567 -10.29 -21.45 15.57
CA ARG D 567 -11.07 -21.79 16.74
C ARG D 567 -10.95 -23.28 17.05
N PHE D 568 -11.49 -24.17 16.22
CA PHE D 568 -11.78 -25.51 16.69
C PHE D 568 -10.53 -26.19 17.27
N SER D 569 -9.33 -25.76 16.86
CA SER D 569 -8.12 -26.12 17.57
C SER D 569 -8.36 -25.90 19.07
N PRO D 570 -8.62 -26.95 19.89
CA PRO D 570 -8.95 -26.76 21.30
C PRO D 570 -7.77 -26.40 22.20
N TYR D 571 -6.55 -26.37 21.65
CA TYR D 571 -5.36 -25.93 22.38
C TYR D 571 -5.54 -24.48 22.85
N GLU D 572 -6.05 -23.62 21.96
CA GLU D 572 -6.26 -22.21 22.26
C GLU D 572 -7.69 -21.95 22.70
N TRP D 573 -8.67 -22.58 22.02
CA TRP D 573 -10.08 -22.35 22.31
C TRP D 573 -10.86 -23.66 22.17
N GLU D 592 -8.59 -14.74 19.60
CA GLU D 592 -9.04 -13.38 19.20
C GLU D 592 -9.56 -13.34 17.77
N PHE D 593 -9.53 -14.44 17.02
CA PHE D 593 -10.07 -14.49 15.69
C PHE D 593 -11.44 -15.14 15.71
N GLY D 594 -12.40 -14.51 16.39
CA GLY D 594 -13.79 -14.88 16.21
C GLY D 594 -14.28 -14.54 14.80
N ILE D 595 -15.56 -14.78 14.51
CA ILE D 595 -16.04 -14.56 13.16
C ILE D 595 -16.01 -13.06 12.82
N PHE D 596 -16.44 -12.18 13.74
CA PHE D 596 -16.47 -10.76 13.43
C PHE D 596 -15.07 -10.20 13.24
N ASN D 597 -14.13 -10.62 14.06
CA ASN D 597 -12.76 -10.19 13.89
C ASN D 597 -12.14 -10.80 12.64
N SER D 598 -12.53 -12.03 12.28
CA SER D 598 -12.07 -12.62 11.04
C SER D 598 -12.52 -11.79 9.84
N LEU D 599 -13.80 -11.43 9.83
CA LEU D 599 -14.28 -10.56 8.78
C LEU D 599 -13.52 -9.23 8.76
N TRP D 600 -13.19 -8.67 9.91
CA TRP D 600 -12.50 -7.39 9.93
C TRP D 600 -11.06 -7.55 9.42
N PHE D 601 -10.41 -8.64 9.78
CA PHE D 601 -9.05 -8.88 9.34
C PHE D 601 -9.02 -8.99 7.83
N SER D 602 -9.96 -9.76 7.29
CA SER D 602 -10.02 -10.01 5.87
C SER D 602 -10.32 -8.73 5.11
N LEU D 603 -11.20 -7.90 5.67
CA LEU D 603 -11.58 -6.69 4.97
C LEU D 603 -10.39 -5.77 4.93
N GLY D 604 -9.75 -5.64 6.07
CA GLY D 604 -8.60 -4.76 6.10
C GLY D 604 -7.47 -5.26 5.23
N ALA D 605 -7.33 -6.56 5.05
CA ALA D 605 -6.26 -7.10 4.22
C ALA D 605 -6.55 -6.75 2.77
N PHE D 606 -7.80 -6.92 2.35
CA PHE D 606 -8.14 -6.62 0.98
C PHE D 606 -7.99 -5.15 0.66
N MET D 607 -8.30 -4.25 1.60
CA MET D 607 -8.17 -2.81 1.37
C MET D 607 -6.75 -2.33 1.63
N GLN D 608 -5.85 -3.24 1.99
CA GLN D 608 -4.44 -2.91 2.22
C GLN D 608 -4.34 -1.87 3.33
N GLN D 609 -5.07 -2.10 4.42
CA GLN D 609 -5.10 -1.19 5.55
C GLN D 609 -4.44 -1.84 6.74
N GLY D 610 -3.94 -3.08 6.54
N GLY D 610 -4.10 -3.15 6.63
CA GLY D 610 -3.22 -3.78 7.59
CA GLY D 610 -3.77 -3.96 7.80
C GLY D 610 -4.19 -4.25 8.67
C GLY D 610 -4.81 -3.88 8.92
N CYS D 611 -3.67 -4.48 9.89
N CYS D 611 -4.45 -4.32 10.13
CA CYS D 611 -4.47 -5.18 10.89
CA CYS D 611 -5.23 -3.97 11.30
C CYS D 611 -4.14 -4.76 12.31
C CYS D 611 -4.51 -4.42 12.55
N ASP D 612 -5.07 -5.06 13.22
N ASP D 612 -5.29 -4.94 13.51
CA ASP D 612 -4.84 -4.97 14.65
CA ASP D 612 -4.86 -5.00 14.89
C ASP D 612 -4.41 -6.32 15.21
C ASP D 612 -4.27 -6.37 15.21
N ILE D 613 -4.63 -7.39 14.45
CA ILE D 613 -4.29 -8.72 14.88
C ILE D 613 -3.82 -9.49 13.67
N SER D 614 -2.81 -10.33 13.83
CA SER D 614 -2.40 -11.21 12.75
C SER D 614 -2.53 -12.66 13.22
N PRO D 615 -2.83 -13.62 12.32
CA PRO D 615 -2.78 -15.03 12.66
C PRO D 615 -1.44 -15.50 13.21
N ARG D 616 -1.46 -16.41 14.19
CA ARG D 616 -0.25 -16.90 14.83
C ARG D 616 0.03 -18.36 14.49
N SER D 617 -1.00 -19.12 14.12
CA SER D 617 -0.81 -20.52 13.78
C SER D 617 -0.29 -20.66 12.36
N LEU D 618 0.07 -21.88 11.99
CA LEU D 618 0.46 -22.14 10.62
C LEU D 618 -0.74 -22.11 9.69
N SER D 619 -1.90 -22.64 10.11
CA SER D 619 -3.07 -22.63 9.26
C SER D 619 -3.59 -21.20 9.02
N GLY D 620 -3.66 -20.43 10.10
CA GLY D 620 -4.05 -19.05 9.99
C GLY D 620 -3.13 -18.27 9.07
N ARG D 621 -1.83 -18.56 9.15
CA ARG D 621 -0.87 -17.85 8.33
C ARG D 621 -0.96 -18.29 6.88
N ILE D 622 -1.23 -19.56 6.60
CA ILE D 622 -1.46 -19.95 5.22
C ILE D 622 -2.65 -19.19 4.64
N VAL D 623 -3.76 -19.17 5.37
CA VAL D 623 -4.96 -18.49 4.90
C VAL D 623 -4.65 -17.02 4.64
N GLY D 624 -4.02 -16.38 5.63
CA GLY D 624 -3.66 -14.98 5.51
C GLY D 624 -2.75 -14.71 4.32
N GLY D 625 -1.79 -15.61 4.08
CA GLY D 625 -0.81 -15.43 3.04
C GLY D 625 -1.45 -15.50 1.66
N VAL D 626 -2.32 -16.48 1.43
CA VAL D 626 -2.94 -16.57 0.11
C VAL D 626 -3.91 -15.42 -0.07
N TRP D 627 -4.59 -14.97 0.98
CA TRP D 627 -5.46 -13.82 0.84
C TRP D 627 -4.66 -12.55 0.52
N TRP D 628 -3.48 -12.41 1.12
CA TRP D 628 -2.58 -11.30 0.79
C TRP D 628 -2.14 -11.31 -0.67
N PHE D 629 -1.79 -12.49 -1.18
CA PHE D 629 -1.37 -12.60 -2.56
C PHE D 629 -2.53 -12.27 -3.51
N PHE D 630 -3.71 -12.79 -3.21
CA PHE D 630 -4.88 -12.53 -4.01
C PHE D 630 -5.15 -11.04 -4.07
N THR D 631 -5.07 -10.40 -2.91
CA THR D 631 -5.35 -8.99 -2.80
C THR D 631 -4.37 -8.22 -3.69
N LEU D 632 -3.09 -8.56 -3.61
CA LEU D 632 -2.09 -7.83 -4.36
C LEU D 632 -2.34 -7.92 -5.87
N ILE D 633 -2.59 -9.12 -6.39
CA ILE D 633 -2.88 -9.28 -7.79
C ILE D 633 -4.15 -8.50 -8.17
N ILE D 634 -5.21 -8.61 -7.40
CA ILE D 634 -6.47 -8.02 -7.80
C ILE D 634 -6.38 -6.50 -7.80
N ILE D 635 -5.75 -5.92 -6.80
CA ILE D 635 -5.71 -4.46 -6.74
C ILE D 635 -4.80 -3.93 -7.84
N SER D 636 -3.69 -4.61 -8.10
CA SER D 636 -2.81 -4.17 -9.17
C SER D 636 -3.56 -4.24 -10.49
N SER D 637 -4.37 -5.28 -10.68
CA SER D 637 -5.16 -5.46 -11.88
C SER D 637 -6.15 -4.33 -12.03
N TYR D 638 -6.82 -3.94 -10.96
CA TYR D 638 -7.71 -2.81 -11.02
C TYR D 638 -7.01 -1.53 -11.47
N THR D 639 -5.89 -1.20 -10.85
CA THR D 639 -5.19 0.03 -11.19
C THR D 639 -4.70 0.00 -12.63
N ALA D 640 -4.14 -1.13 -13.05
CA ALA D 640 -3.56 -1.26 -14.38
C ALA D 640 -4.64 -1.14 -15.44
N ASN D 641 -5.78 -1.78 -15.25
CA ASN D 641 -6.83 -1.71 -16.24
C ASN D 641 -7.48 -0.34 -16.26
N LEU D 642 -7.54 0.34 -15.13
CA LEU D 642 -8.08 1.68 -15.15
C LEU D 642 -7.14 2.59 -15.92
N ALA D 643 -5.82 2.41 -15.76
CA ALA D 643 -4.86 3.20 -16.50
C ALA D 643 -5.06 2.96 -18.00
N ALA D 644 -5.22 1.70 -18.40
CA ALA D 644 -5.49 1.36 -19.80
C ALA D 644 -6.71 2.09 -20.35
N PHE D 645 -7.82 2.10 -19.63
N PHE D 645 -7.80 2.10 -19.59
CA PHE D 645 -9.04 2.77 -20.08
CA PHE D 645 -9.03 2.73 -20.06
C PHE D 645 -8.88 4.27 -20.22
C PHE D 645 -8.91 4.25 -20.17
N LEU D 646 -8.08 4.89 -19.34
CA LEU D 646 -7.95 6.34 -19.31
C LEU D 646 -6.99 6.82 -20.39
N THR D 647 -6.12 5.95 -20.89
CA THR D 647 -5.11 6.30 -21.87
C THR D 647 -5.68 6.22 -23.29
N VAL D 648 -6.45 5.17 -23.58
CA VAL D 648 -6.89 4.89 -24.94
C VAL D 648 -8.40 4.88 -24.94
N GLU D 649 -9.03 5.78 -25.69
CA GLU D 649 -10.48 5.77 -25.85
C GLU D 649 -10.85 4.75 -26.93
N ARG D 650 -11.85 3.91 -26.63
CA ARG D 650 -12.39 2.94 -27.57
C ARG D 650 -13.90 3.10 -27.52
N MET D 651 -14.41 4.16 -28.13
CA MET D 651 -15.85 4.32 -28.33
C MET D 651 -16.35 3.26 -29.32
N ASP D 804 -5.16 12.61 -28.45
CA ASP D 804 -5.03 11.86 -27.16
C ASP D 804 -4.70 12.88 -26.06
N LYS D 805 -5.66 13.74 -25.75
CA LYS D 805 -5.44 14.89 -24.86
C LYS D 805 -5.30 14.51 -23.38
N THR D 806 -6.18 13.62 -22.86
CA THR D 806 -6.21 13.17 -21.46
C THR D 806 -6.59 14.32 -20.51
N SER D 807 -7.70 14.19 -19.79
CA SER D 807 -8.17 15.21 -18.87
C SER D 807 -8.19 14.69 -17.43
N ALA D 808 -8.09 15.63 -16.49
CA ALA D 808 -8.26 15.36 -15.07
C ALA D 808 -9.57 14.64 -14.81
N LEU D 809 -9.56 13.69 -13.86
CA LEU D 809 -10.80 13.05 -13.43
C LEU D 809 -11.69 14.11 -12.80
N SER D 810 -12.97 14.05 -13.18
CA SER D 810 -13.98 14.94 -12.65
C SER D 810 -14.77 14.23 -11.56
N LEU D 811 -15.39 15.04 -10.70
CA LEU D 811 -16.19 14.50 -9.63
C LEU D 811 -17.23 13.53 -10.15
N SER D 812 -17.68 13.68 -11.40
CA SER D 812 -18.65 12.76 -11.96
C SER D 812 -18.07 11.35 -12.17
N ASN D 813 -16.77 11.24 -12.35
CA ASN D 813 -16.14 9.96 -12.53
C ASN D 813 -16.04 9.15 -11.25
N VAL D 814 -16.16 9.78 -10.08
CA VAL D 814 -16.01 9.09 -8.81
C VAL D 814 -17.17 9.44 -7.90
N ALA D 815 -18.31 9.92 -8.42
CA ALA D 815 -19.39 10.36 -7.56
C ALA D 815 -20.01 9.19 -6.79
N GLY D 816 -20.04 8.02 -7.43
CA GLY D 816 -20.57 6.84 -6.80
C GLY D 816 -19.86 6.48 -5.49
N VAL D 817 -18.55 6.66 -5.47
CA VAL D 817 -17.78 6.28 -4.30
C VAL D 817 -18.12 7.24 -3.17
N PHE D 818 -18.32 8.54 -3.49
CA PHE D 818 -18.77 9.48 -2.48
C PHE D 818 -20.15 9.10 -1.96
N TYR D 819 -21.10 8.71 -2.83
CA TYR D 819 -22.42 8.35 -2.36
C TYR D 819 -22.35 7.11 -1.48
N ILE D 820 -21.55 6.11 -1.85
CA ILE D 820 -21.43 4.95 -0.97
C ILE D 820 -20.84 5.35 0.37
N LEU D 821 -19.88 6.26 0.36
CA LEU D 821 -19.25 6.70 1.59
C LEU D 821 -20.28 7.34 2.51
N ILE D 822 -21.00 8.35 2.00
CA ILE D 822 -21.95 9.06 2.84
C ILE D 822 -23.11 8.14 3.25
N GLY D 823 -23.51 7.23 2.38
CA GLY D 823 -24.46 6.19 2.78
C GLY D 823 -23.97 5.36 3.96
N GLY D 824 -22.71 4.98 3.92
CA GLY D 824 -22.12 4.21 5.01
C GLY D 824 -22.09 5.00 6.30
N LEU D 825 -21.83 6.31 6.22
CA LEU D 825 -21.78 7.11 7.44
C LEU D 825 -23.18 7.20 8.05
N GLY D 826 -24.19 7.40 7.21
CA GLY D 826 -25.56 7.38 7.66
C GLY D 826 -25.94 6.05 8.29
N LEU D 827 -25.61 4.96 7.61
CA LEU D 827 -25.87 3.64 8.14
C LEU D 827 -25.19 3.44 9.49
N ALA D 828 -23.95 3.93 9.63
CA ALA D 828 -23.19 3.72 10.84
C ALA D 828 -23.90 4.43 12.00
N MET D 829 -24.38 5.64 11.74
CA MET D 829 -25.05 6.38 12.77
C MET D 829 -26.32 5.64 13.19
N LEU D 830 -27.06 5.11 12.21
CA LEU D 830 -28.27 4.38 12.53
C LEU D 830 -27.97 3.14 13.39
N VAL D 831 -26.96 2.37 12.99
CA VAL D 831 -26.60 1.18 13.73
C VAL D 831 -26.16 1.57 15.16
N ALA D 832 -25.46 2.70 15.31
CA ALA D 832 -25.02 3.11 16.62
C ALA D 832 -26.24 3.41 17.50
N LEU D 833 -27.26 4.07 16.95
CA LEU D 833 -28.47 4.35 17.70
C LEU D 833 -29.14 3.04 18.12
N ILE D 834 -29.27 2.12 17.18
CA ILE D 834 -29.92 0.85 17.48
C ILE D 834 -29.17 0.11 18.58
N GLU D 835 -27.84 0.00 18.47
CA GLU D 835 -27.03 -0.65 19.49
C GLU D 835 -27.24 0.04 20.83
N PHE D 836 -27.31 1.36 20.83
CA PHE D 836 -27.45 2.11 22.06
C PHE D 836 -28.79 1.75 22.72
N CYS D 837 -29.86 1.78 21.95
CA CYS D 837 -31.18 1.47 22.47
C CYS D 837 -31.25 0.04 22.96
N TYR D 838 -30.65 -0.90 22.23
CA TYR D 838 -30.63 -2.29 22.67
C TYR D 838 -29.88 -2.43 23.99
N LYS D 839 -28.66 -1.89 24.07
CA LYS D 839 -27.80 -2.12 25.22
C LYS D 839 -28.27 -1.30 26.43
N SER D 840 -29.06 -0.25 26.21
CA SER D 840 -29.60 0.58 27.29
C SER D 840 -30.92 0.00 27.84
N ARG D 841 -31.38 -1.14 27.33
CA ARG D 841 -32.54 -1.83 27.85
C ARG D 841 -32.23 -3.34 27.89
N ASP E 4 -29.81 -18.94 23.51
CA ASP E 4 -29.99 -19.10 22.05
C ASP E 4 -29.63 -20.51 21.60
N ARG E 5 -29.56 -21.48 22.52
CA ARG E 5 -29.06 -22.80 22.19
C ARG E 5 -30.07 -23.49 21.25
N GLY E 6 -31.31 -23.60 21.72
CA GLY E 6 -32.42 -24.10 20.92
C GLY E 6 -32.56 -23.36 19.59
N ILE E 7 -32.45 -22.03 19.64
CA ILE E 7 -32.58 -21.19 18.46
C ILE E 7 -31.39 -21.45 17.53
N GLN E 8 -30.20 -21.62 18.09
CA GLN E 8 -29.02 -21.91 17.30
C GLN E 8 -29.21 -23.22 16.53
N MET E 9 -29.73 -24.24 17.21
CA MET E 9 -29.90 -25.52 16.57
C MET E 9 -31.01 -25.44 15.51
N LEU E 10 -32.06 -24.66 15.79
CA LEU E 10 -33.13 -24.49 14.82
C LEU E 10 -32.59 -23.81 13.56
N ILE E 11 -31.81 -22.74 13.73
CA ILE E 11 -31.21 -22.06 12.59
C ILE E 11 -30.33 -23.03 11.82
N THR E 12 -29.51 -23.80 12.53
CA THR E 12 -28.64 -24.75 11.86
C THR E 12 -29.42 -25.73 11.01
N THR E 13 -30.49 -26.33 11.56
CA THR E 13 -31.25 -27.34 10.85
C THR E 13 -31.99 -26.74 9.65
N VAL E 14 -32.67 -25.62 9.86
CA VAL E 14 -33.41 -24.97 8.79
C VAL E 14 -32.44 -24.57 7.69
N GLY E 15 -31.31 -23.99 8.07
CA GLY E 15 -30.31 -23.54 7.13
C GLY E 15 -29.70 -24.70 6.36
N ALA E 16 -29.42 -25.82 7.03
CA ALA E 16 -28.89 -26.99 6.36
C ALA E 16 -29.84 -27.42 5.26
N PHE E 17 -31.12 -27.54 5.61
CA PHE E 17 -32.12 -27.97 4.65
C PHE E 17 -32.23 -26.96 3.51
N ALA E 18 -32.27 -25.67 3.83
CA ALA E 18 -32.39 -24.63 2.82
C ALA E 18 -31.22 -24.67 1.84
N ALA E 19 -29.99 -24.77 2.35
CA ALA E 19 -28.81 -24.78 1.50
C ALA E 19 -28.87 -25.99 0.59
N PHE E 20 -29.18 -27.16 1.15
CA PHE E 20 -29.21 -28.38 0.34
C PHE E 20 -30.27 -28.27 -0.74
N SER E 21 -31.46 -27.78 -0.38
CA SER E 21 -32.55 -27.70 -1.33
C SER E 21 -32.19 -26.72 -2.46
N LEU E 22 -31.69 -25.55 -2.09
CA LEU E 22 -31.34 -24.55 -3.10
C LEU E 22 -30.27 -25.10 -4.04
N MET E 23 -29.24 -25.74 -3.51
CA MET E 23 -28.16 -26.22 -4.36
C MET E 23 -28.63 -27.34 -5.26
N THR E 24 -29.47 -28.25 -4.74
CA THR E 24 -29.99 -29.36 -5.53
C THR E 24 -30.88 -28.86 -6.66
N ILE E 25 -31.76 -27.90 -6.35
CA ILE E 25 -32.60 -27.31 -7.36
C ILE E 25 -31.72 -26.67 -8.43
N ALA E 26 -30.74 -25.87 -8.01
CA ALA E 26 -29.86 -25.18 -8.93
C ALA E 26 -29.17 -26.19 -9.86
N VAL E 27 -28.65 -27.29 -9.30
CA VAL E 27 -27.97 -28.27 -10.13
C VAL E 27 -28.96 -28.97 -11.06
N GLY E 28 -30.23 -29.05 -10.66
CA GLY E 28 -31.24 -29.71 -11.47
C GLY E 28 -31.83 -28.84 -12.57
N THR E 29 -32.29 -27.64 -12.19
CA THR E 29 -32.99 -26.77 -13.11
C THR E 29 -32.06 -26.25 -14.21
N ASP E 30 -32.63 -25.58 -15.20
CA ASP E 30 -31.95 -25.22 -16.43
C ASP E 30 -32.12 -23.74 -16.71
N TYR E 31 -31.90 -22.89 -15.73
CA TYR E 31 -31.96 -21.45 -15.93
C TYR E 31 -30.70 -20.80 -15.38
N TRP E 32 -29.53 -21.35 -15.71
CA TRP E 32 -28.28 -20.71 -15.32
C TRP E 32 -28.01 -19.49 -16.21
N LEU E 33 -28.08 -19.69 -17.52
CA LEU E 33 -27.66 -18.67 -18.47
C LEU E 33 -28.76 -18.35 -19.46
N TYR E 34 -28.95 -17.07 -19.74
CA TYR E 34 -29.78 -16.62 -20.85
C TYR E 34 -28.90 -16.11 -21.98
N SER E 35 -28.95 -16.76 -23.14
CA SER E 35 -28.06 -16.40 -24.24
C SER E 35 -28.73 -16.72 -25.57
N ARG E 36 -28.10 -16.28 -26.66
CA ARG E 36 -28.60 -16.54 -28.00
C ARG E 36 -27.94 -17.81 -28.53
N GLY E 37 -28.76 -18.77 -28.93
CA GLY E 37 -28.26 -19.99 -29.51
C GLY E 37 -29.38 -20.79 -30.15
N VAL E 38 -29.09 -22.07 -30.38
CA VAL E 38 -29.99 -22.98 -31.07
C VAL E 38 -30.11 -24.26 -30.25
N CYS E 39 -31.35 -24.70 -30.06
CA CYS E 39 -31.63 -26.00 -29.46
C CYS E 39 -31.93 -27.05 -30.53
N ARG E 40 -31.53 -26.76 -31.79
CA ARG E 40 -31.82 -27.66 -32.90
C ARG E 40 -30.84 -28.85 -32.85
N GLU E 54 -30.55 -19.75 -38.23
CA GLU E 54 -30.83 -18.61 -37.32
C GLU E 54 -30.96 -19.11 -35.89
N GLU E 55 -30.45 -18.30 -34.94
CA GLU E 55 -30.38 -18.64 -33.53
C GLU E 55 -31.31 -17.71 -32.75
N VAL E 56 -32.09 -18.29 -31.83
CA VAL E 56 -33.04 -17.54 -31.03
C VAL E 56 -32.53 -17.46 -29.59
N MET E 57 -33.22 -16.66 -28.78
CA MET E 57 -32.93 -16.59 -27.35
C MET E 57 -33.20 -17.96 -26.75
N THR E 58 -32.39 -18.32 -25.76
CA THR E 58 -32.50 -19.61 -25.11
C THR E 58 -32.21 -19.45 -23.61
N HIS E 59 -32.24 -20.58 -22.92
CA HIS E 59 -31.74 -20.67 -21.56
C HIS E 59 -31.06 -22.02 -21.35
N SER E 60 -29.89 -21.96 -20.73
CA SER E 60 -29.05 -23.14 -20.53
C SER E 60 -28.90 -23.38 -19.04
N GLY E 61 -28.74 -24.66 -18.67
CA GLY E 61 -28.35 -25.03 -17.33
C GLY E 61 -26.96 -25.63 -17.38
N LEU E 62 -26.73 -26.62 -16.52
CA LEU E 62 -25.46 -27.33 -16.53
C LEU E 62 -25.47 -28.38 -17.61
N TRP E 63 -26.65 -28.88 -18.02
CA TRP E 63 -26.72 -30.02 -18.92
C TRP E 63 -27.50 -29.70 -20.19
N ARG E 64 -28.75 -29.24 -20.04
CA ARG E 64 -29.62 -29.00 -21.17
C ARG E 64 -29.57 -27.52 -21.57
N THR E 65 -29.68 -27.26 -22.88
CA THR E 65 -29.97 -25.94 -23.43
C THR E 65 -31.33 -26.00 -24.13
N CYS E 66 -32.19 -24.99 -23.89
CA CYS E 66 -33.57 -25.03 -24.36
C CYS E 66 -33.99 -23.67 -24.91
N CYS E 67 -34.62 -23.65 -26.10
CA CYS E 67 -35.13 -22.42 -26.70
C CYS E 67 -36.40 -21.96 -25.98
N LEU E 68 -36.56 -20.65 -25.78
CA LEU E 68 -37.73 -20.13 -25.08
C LEU E 68 -38.53 -19.17 -25.97
N GLU E 69 -38.24 -19.18 -27.28
CA GLU E 69 -39.09 -18.48 -28.24
C GLU E 69 -38.78 -18.99 -29.65
N GLY E 70 -39.84 -19.21 -30.43
CA GLY E 70 -39.73 -19.67 -31.80
C GLY E 70 -40.58 -20.91 -32.07
N ALA E 71 -40.34 -21.55 -33.22
CA ALA E 71 -41.00 -22.78 -33.60
C ALA E 71 -40.66 -23.92 -32.64
N PHE E 72 -39.37 -24.02 -32.27
CA PHE E 72 -38.89 -25.08 -31.40
C PHE E 72 -38.93 -24.65 -29.93
N ARG E 73 -39.79 -23.68 -29.59
CA ARG E 73 -39.85 -23.20 -28.22
C ARG E 73 -40.19 -24.39 -27.31
N GLY E 74 -39.47 -24.49 -26.19
CA GLY E 74 -39.66 -25.58 -25.24
C GLY E 74 -38.84 -26.82 -25.58
N VAL E 75 -38.17 -26.84 -26.73
CA VAL E 75 -37.27 -27.93 -27.09
C VAL E 75 -36.00 -27.82 -26.26
N CYS E 76 -35.38 -28.97 -25.96
CA CYS E 76 -34.15 -29.01 -25.18
C CYS E 76 -33.16 -29.96 -25.84
N LYS E 77 -31.86 -29.71 -25.63
CA LYS E 77 -30.84 -30.63 -26.10
C LYS E 77 -29.65 -30.65 -25.15
N LYS E 78 -29.03 -31.82 -25.00
CA LYS E 78 -27.79 -31.94 -24.24
C LYS E 78 -26.76 -30.97 -24.80
N ILE E 79 -26.11 -30.22 -23.90
CA ILE E 79 -24.99 -29.37 -24.25
C ILE E 79 -23.85 -30.26 -24.74
N ASP E 80 -23.15 -29.79 -25.76
CA ASP E 80 -21.95 -30.42 -26.26
C ASP E 80 -20.76 -29.68 -25.64
N HIS E 81 -20.35 -30.14 -24.46
CA HIS E 81 -19.23 -29.53 -23.75
C HIS E 81 -17.97 -29.65 -24.59
N PHE E 82 -17.76 -30.84 -25.15
CA PHE E 82 -16.63 -31.10 -26.03
C PHE E 82 -17.08 -30.92 -27.47
N PRO E 83 -16.88 -29.74 -28.09
CA PRO E 83 -17.41 -29.48 -29.43
C PRO E 83 -16.78 -30.43 -30.48
N ASP E 91 -3.35 -27.63 -25.59
CA ASP E 91 -4.36 -26.90 -24.76
C ASP E 91 -4.83 -27.78 -23.61
N THR E 92 -3.90 -28.29 -22.83
CA THR E 92 -4.20 -29.23 -21.74
C THR E 92 -5.07 -28.58 -20.67
N ALA E 93 -4.78 -27.32 -20.34
CA ALA E 93 -5.59 -26.54 -19.41
C ALA E 93 -7.03 -26.41 -19.90
N GLU E 94 -7.20 -26.12 -21.20
CA GLU E 94 -8.53 -26.01 -21.79
C GLU E 94 -9.24 -27.36 -21.68
N TYR E 95 -8.52 -28.44 -21.91
CA TYR E 95 -9.10 -29.77 -21.83
C TYR E 95 -9.56 -30.06 -20.40
N LEU E 96 -8.73 -29.76 -19.40
CA LEU E 96 -9.11 -29.97 -18.01
C LEU E 96 -10.32 -29.12 -17.63
N LEU E 97 -10.36 -27.86 -18.07
CA LEU E 97 -11.49 -27.01 -17.77
C LEU E 97 -12.76 -27.62 -18.37
N ARG E 98 -12.67 -28.05 -19.63
CA ARG E 98 -13.81 -28.65 -20.32
C ARG E 98 -14.27 -29.91 -19.59
N ALA E 99 -13.32 -30.73 -19.14
CA ALA E 99 -13.65 -31.95 -18.41
C ALA E 99 -14.39 -31.64 -17.11
N VAL E 100 -13.82 -30.71 -16.33
CA VAL E 100 -14.37 -30.38 -15.03
C VAL E 100 -15.75 -29.74 -15.18
N ARG E 101 -15.91 -28.91 -16.22
CA ARG E 101 -17.20 -28.27 -16.44
C ARG E 101 -18.23 -29.20 -17.05
N ALA E 102 -17.77 -30.26 -17.72
CA ALA E 102 -18.68 -31.21 -18.34
C ALA E 102 -19.28 -32.10 -17.26
N SER E 103 -18.39 -32.68 -16.42
CA SER E 103 -18.85 -33.48 -15.29
C SER E 103 -19.58 -32.63 -14.24
N SER E 104 -19.30 -31.33 -14.22
CA SER E 104 -19.74 -30.46 -13.15
C SER E 104 -19.50 -31.12 -11.81
N VAL E 105 -18.30 -31.68 -11.63
CA VAL E 105 -17.94 -32.37 -10.43
C VAL E 105 -18.12 -31.47 -9.21
N PHE E 106 -17.86 -30.16 -9.32
CA PHE E 106 -17.81 -29.29 -8.16
C PHE E 106 -19.19 -28.93 -7.62
N PRO E 107 -20.17 -28.52 -8.44
CA PRO E 107 -21.56 -28.41 -7.95
C PRO E 107 -22.09 -29.71 -7.34
N ILE E 108 -21.76 -30.85 -7.95
CA ILE E 108 -22.24 -32.11 -7.41
C ILE E 108 -21.56 -32.41 -6.08
N LEU E 109 -20.26 -32.12 -5.99
CA LEU E 109 -19.55 -32.35 -4.74
C LEU E 109 -20.12 -31.44 -3.64
N SER E 110 -20.51 -30.22 -4.01
CA SER E 110 -21.13 -29.28 -3.08
C SER E 110 -22.45 -29.85 -2.57
N VAL E 111 -23.22 -30.51 -3.45
CA VAL E 111 -24.48 -31.08 -3.03
C VAL E 111 -24.21 -32.26 -2.10
N THR E 112 -23.24 -33.10 -2.45
CA THR E 112 -22.87 -34.25 -1.62
C THR E 112 -22.49 -33.81 -0.20
N LEU E 113 -21.62 -32.80 -0.12
CA LEU E 113 -21.14 -32.35 1.19
C LEU E 113 -22.27 -31.71 1.98
N LEU E 114 -23.18 -30.98 1.32
CA LEU E 114 -24.31 -30.44 2.04
C LEU E 114 -25.17 -31.58 2.59
N PHE E 115 -25.33 -32.65 1.81
CA PHE E 115 -26.09 -33.79 2.27
C PHE E 115 -25.46 -34.40 3.53
N PHE E 116 -24.15 -34.62 3.51
CA PHE E 116 -23.46 -35.18 4.66
C PHE E 116 -23.52 -34.24 5.86
N GLY E 117 -23.44 -32.93 5.64
CA GLY E 117 -23.55 -31.97 6.73
C GLY E 117 -24.92 -32.05 7.37
N GLY E 118 -25.96 -32.12 6.55
CA GLY E 118 -27.32 -32.23 7.06
C GLY E 118 -27.49 -33.52 7.85
N LEU E 119 -26.88 -34.61 7.35
CA LEU E 119 -26.99 -35.88 8.03
C LEU E 119 -26.31 -35.82 9.39
N CYS E 120 -25.14 -35.19 9.46
CA CYS E 120 -24.45 -35.00 10.72
C CYS E 120 -25.27 -34.13 11.67
N VAL E 121 -25.92 -33.09 11.18
CA VAL E 121 -26.73 -32.24 12.04
C VAL E 121 -27.86 -33.06 12.62
N ALA E 122 -28.50 -33.90 11.80
CA ALA E 122 -29.56 -34.77 12.28
C ALA E 122 -29.03 -35.73 13.34
N ALA E 123 -27.88 -36.36 13.07
CA ALA E 123 -27.32 -37.36 13.99
C ALA E 123 -26.88 -36.73 15.31
N SER E 124 -26.43 -35.47 15.29
CA SER E 124 -25.90 -34.83 16.48
C SER E 124 -26.95 -34.81 17.58
N GLU E 125 -28.22 -34.69 17.18
CA GLU E 125 -29.34 -34.73 18.11
C GLU E 125 -29.37 -36.06 18.91
N PHE E 126 -28.79 -37.14 18.36
CA PHE E 126 -28.79 -38.42 19.05
C PHE E 126 -27.56 -38.60 19.94
N HIS E 127 -26.37 -38.56 19.33
CA HIS E 127 -25.14 -38.91 20.03
C HIS E 127 -24.59 -37.66 20.73
N ARG E 128 -25.33 -37.22 21.75
CA ARG E 128 -24.94 -36.06 22.54
C ARG E 128 -23.59 -36.28 23.21
N SER E 129 -23.23 -37.56 23.44
CA SER E 129 -21.96 -37.91 24.06
C SER E 129 -20.78 -37.41 23.23
N ARG E 130 -20.82 -37.68 21.92
CA ARG E 130 -19.72 -37.29 21.04
C ARG E 130 -20.03 -35.92 20.46
N HIS E 131 -19.27 -34.90 20.87
CA HIS E 131 -19.47 -33.54 20.39
C HIS E 131 -19.11 -33.43 18.91
N SER E 132 -18.01 -34.09 18.52
CA SER E 132 -17.40 -33.87 17.21
C SER E 132 -18.39 -34.00 16.05
N VAL E 133 -19.49 -34.75 16.26
CA VAL E 133 -20.52 -34.86 15.24
C VAL E 133 -20.92 -33.47 14.72
N ILE E 134 -21.30 -32.55 15.61
CA ILE E 134 -21.74 -31.24 15.15
C ILE E 134 -20.57 -30.48 14.53
N LEU E 135 -19.37 -30.61 15.10
CA LEU E 135 -18.22 -29.99 14.47
C LEU E 135 -18.06 -30.49 13.05
N SER E 136 -18.23 -31.80 12.85
CA SER E 136 -18.17 -32.37 11.52
C SER E 136 -19.18 -31.69 10.59
N ALA E 137 -20.41 -31.50 11.09
CA ALA E 137 -21.40 -30.79 10.31
C ALA E 137 -20.82 -29.45 9.84
N GLY E 138 -20.32 -28.68 10.80
CA GLY E 138 -19.70 -27.40 10.50
C GLY E 138 -18.73 -27.52 9.34
N ILE E 139 -17.77 -28.43 9.48
CA ILE E 139 -16.73 -28.53 8.47
C ILE E 139 -17.33 -28.87 7.12
N PHE E 140 -18.25 -29.82 7.09
CA PHE E 140 -18.87 -30.19 5.82
C PHE E 140 -19.48 -28.97 5.13
N PHE E 141 -20.24 -28.19 5.89
CA PHE E 141 -20.85 -27.02 5.30
C PHE E 141 -19.81 -26.04 4.75
N VAL E 142 -18.77 -25.77 5.54
CA VAL E 142 -17.73 -24.88 5.08
C VAL E 142 -17.14 -25.40 3.76
N SER E 143 -16.82 -26.68 3.75
CA SER E 143 -16.23 -27.29 2.56
C SER E 143 -17.19 -27.19 1.37
N ALA E 144 -18.48 -27.40 1.62
CA ALA E 144 -19.45 -27.28 0.55
C ALA E 144 -19.38 -25.89 -0.08
N GLY E 145 -19.39 -24.86 0.75
CA GLY E 145 -19.16 -23.51 0.25
C GLY E 145 -17.95 -23.40 -0.67
N LEU E 146 -16.79 -23.92 -0.25
CA LEU E 146 -15.62 -23.79 -1.11
C LEU E 146 -15.86 -24.46 -2.47
N SER E 147 -16.39 -25.69 -2.45
CA SER E 147 -16.59 -26.39 -3.73
C SER E 147 -17.57 -25.58 -4.59
N ASN E 148 -18.60 -25.04 -3.95
CA ASN E 148 -19.54 -24.19 -4.66
C ASN E 148 -18.82 -23.06 -5.41
N ILE E 149 -17.94 -22.34 -4.72
CA ILE E 149 -17.27 -21.21 -5.36
C ILE E 149 -16.42 -21.72 -6.53
N ILE E 150 -15.72 -22.82 -6.35
CA ILE E 150 -14.95 -23.36 -7.46
C ILE E 150 -15.87 -23.63 -8.65
N GLY E 151 -16.99 -24.29 -8.38
CA GLY E 151 -18.00 -24.52 -9.40
C GLY E 151 -18.31 -23.25 -10.19
N ILE E 152 -18.69 -22.19 -9.47
CA ILE E 152 -19.06 -20.95 -10.12
C ILE E 152 -17.91 -20.47 -11.01
N ILE E 153 -16.70 -20.44 -10.48
CA ILE E 153 -15.59 -19.92 -11.26
C ILE E 153 -15.42 -20.76 -12.52
N VAL E 154 -15.38 -22.08 -12.35
CA VAL E 154 -15.24 -22.97 -13.48
C VAL E 154 -16.35 -22.70 -14.50
N TYR E 155 -17.58 -22.65 -14.00
CA TYR E 155 -18.69 -22.39 -14.89
C TYR E 155 -18.46 -21.11 -15.67
N ILE E 156 -18.29 -19.99 -14.98
CA ILE E 156 -18.08 -18.72 -15.65
C ILE E 156 -16.86 -18.80 -16.58
N SER E 157 -15.77 -19.38 -16.10
CA SER E 157 -14.55 -19.41 -16.89
C SER E 157 -14.76 -20.17 -18.20
N ALA E 158 -15.52 -21.25 -18.14
CA ALA E 158 -15.76 -22.08 -19.30
C ALA E 158 -16.76 -21.42 -20.23
N ASN E 159 -17.77 -20.71 -19.72
CA ASN E 159 -18.79 -20.21 -20.63
C ASN E 159 -18.20 -19.17 -21.56
N ALA E 160 -17.59 -18.15 -20.94
CA ALA E 160 -17.15 -17.01 -21.72
C ALA E 160 -16.03 -17.42 -22.68
N GLY E 161 -15.25 -18.45 -22.32
CA GLY E 161 -14.27 -19.02 -23.23
C GLY E 161 -14.89 -19.65 -24.47
N SER E 171 -24.19 -11.37 -26.14
CA SER E 171 -24.44 -11.01 -24.72
C SER E 171 -24.98 -12.23 -23.97
N TYR E 172 -25.28 -12.04 -22.69
CA TYR E 172 -25.83 -13.09 -21.85
C TYR E 172 -26.33 -12.50 -20.54
N SER E 173 -26.99 -13.34 -19.74
CA SER E 173 -27.43 -12.97 -18.40
C SER E 173 -27.52 -14.24 -17.56
N TYR E 174 -27.68 -14.07 -16.24
CA TYR E 174 -27.72 -15.20 -15.34
C TYR E 174 -29.14 -15.36 -14.84
N GLY E 175 -29.62 -16.61 -14.84
CA GLY E 175 -30.97 -16.90 -14.43
C GLY E 175 -31.05 -17.16 -12.93
N TRP E 176 -32.21 -17.63 -12.48
CA TRP E 176 -32.46 -17.83 -11.06
C TRP E 176 -31.75 -19.08 -10.56
N SER E 177 -31.40 -20.01 -11.45
CA SER E 177 -30.68 -21.21 -11.04
C SER E 177 -29.28 -20.86 -10.52
N PHE E 178 -28.61 -19.96 -11.23
CA PHE E 178 -27.31 -19.45 -10.84
C PHE E 178 -27.40 -18.81 -9.45
N TYR E 179 -28.40 -17.95 -9.25
CA TYR E 179 -28.53 -17.25 -8.00
C TYR E 179 -28.95 -18.20 -6.87
N PHE E 180 -29.64 -19.27 -7.19
CA PHE E 180 -29.88 -20.30 -6.18
C PHE E 180 -28.56 -20.89 -5.71
N GLY E 181 -27.66 -21.18 -6.64
CA GLY E 181 -26.32 -21.61 -6.27
C GLY E 181 -25.61 -20.61 -5.35
N ALA E 182 -25.67 -19.33 -5.70
CA ALA E 182 -25.01 -18.30 -4.93
C ALA E 182 -25.57 -18.22 -3.50
N PHE E 183 -26.90 -18.22 -3.38
CA PHE E 183 -27.53 -18.16 -2.06
C PHE E 183 -27.23 -19.43 -1.26
N SER E 184 -27.13 -20.57 -1.94
CA SER E 184 -26.72 -21.79 -1.28
C SER E 184 -25.34 -21.59 -0.63
N PHE E 185 -24.42 -20.95 -1.36
CA PHE E 185 -23.09 -20.73 -0.82
C PHE E 185 -23.17 -19.89 0.45
N ILE E 186 -23.91 -18.79 0.39
CA ILE E 186 -23.97 -17.90 1.53
C ILE E 186 -24.55 -18.62 2.75
N ILE E 187 -25.68 -19.31 2.56
CA ILE E 187 -26.33 -19.99 3.67
C ILE E 187 -25.42 -21.10 4.22
N ALA E 188 -24.73 -21.82 3.34
CA ALA E 188 -23.85 -22.87 3.80
C ALA E 188 -22.78 -22.31 4.73
N GLU E 189 -22.19 -21.18 4.36
CA GLU E 189 -21.14 -20.58 5.17
C GLU E 189 -21.71 -20.12 6.51
N ILE E 190 -22.91 -19.53 6.52
CA ILE E 190 -23.51 -19.09 7.76
C ILE E 190 -23.80 -20.28 8.68
N VAL E 191 -24.31 -21.37 8.12
CA VAL E 191 -24.64 -22.53 8.92
C VAL E 191 -23.36 -23.16 9.46
N GLY E 192 -22.29 -23.18 8.67
CA GLY E 192 -21.00 -23.66 9.15
C GLY E 192 -20.52 -22.88 10.36
N VAL E 193 -20.68 -21.55 10.31
CA VAL E 193 -20.24 -20.71 11.40
C VAL E 193 -21.05 -21.03 12.65
N VAL E 194 -22.37 -21.14 12.50
CA VAL E 194 -23.23 -21.42 13.62
C VAL E 194 -22.92 -22.79 14.23
N ALA E 195 -22.70 -23.80 13.40
CA ALA E 195 -22.36 -25.12 13.91
C ALA E 195 -21.07 -25.09 14.72
N VAL E 196 -20.04 -24.42 14.21
CA VAL E 196 -18.78 -24.33 14.93
C VAL E 196 -19.00 -23.59 16.25
N HIS E 197 -19.88 -22.59 16.26
CA HIS E 197 -20.19 -21.91 17.51
C HIS E 197 -20.84 -22.87 18.51
N ILE E 198 -21.73 -23.74 18.04
CA ILE E 198 -22.38 -24.69 18.93
C ILE E 198 -21.31 -25.59 19.56
N TYR E 199 -20.39 -26.08 18.75
CA TYR E 199 -19.36 -26.96 19.28
C TYR E 199 -18.47 -26.22 20.28
N ILE E 200 -18.11 -24.99 19.97
CA ILE E 200 -17.27 -24.18 20.86
C ILE E 200 -17.98 -24.02 22.20
N GLU E 201 -19.27 -23.71 22.17
CA GLU E 201 -20.03 -23.49 23.38
C GLU E 201 -20.13 -24.78 24.19
N LYS E 202 -20.27 -25.93 23.52
CA LYS E 202 -20.25 -27.21 24.22
C LYS E 202 -18.95 -27.40 24.99
N HIS E 203 -17.82 -27.22 24.31
CA HIS E 203 -16.52 -27.44 24.94
C HIS E 203 -16.18 -26.35 25.94
N GLN E 204 -16.89 -25.21 25.92
CA GLN E 204 -16.68 -24.17 26.92
C GLN E 204 -17.51 -24.45 28.16
N GLN E 205 -18.79 -24.79 27.97
CA GLN E 205 -19.68 -25.10 29.09
C GLN E 205 -19.17 -26.34 29.84
N LEU E 206 -18.68 -27.34 29.10
CA LEU E 206 -18.09 -28.53 29.69
C LEU E 206 -16.91 -28.18 30.60
N ARG E 207 -16.05 -27.26 30.15
CA ARG E 207 -14.93 -26.80 30.97
C ARG E 207 -15.43 -26.06 32.21
N ALA E 208 -16.65 -25.52 32.18
CA ALA E 208 -17.23 -24.85 33.33
C ALA E 208 -18.05 -25.82 34.19
N ASP F 4 16.04 -33.89 20.47
CA ASP F 4 16.20 -34.35 19.06
C ASP F 4 17.58 -33.99 18.52
N ARG F 5 18.56 -33.84 19.41
CA ARG F 5 19.88 -33.38 19.01
C ARG F 5 20.54 -34.38 18.06
N GLY F 6 20.37 -35.68 18.32
CA GLY F 6 20.90 -36.71 17.42
C GLY F 6 20.36 -36.58 16.01
N ILE F 7 19.04 -36.42 15.90
CA ILE F 7 18.38 -36.29 14.62
C ILE F 7 18.76 -34.96 13.98
N GLN F 8 18.92 -33.90 14.79
CA GLN F 8 19.33 -32.61 14.26
C GLN F 8 20.72 -32.71 13.62
N MET F 9 21.64 -33.41 14.29
CA MET F 9 22.99 -33.53 13.77
C MET F 9 22.96 -34.43 12.53
N LEU F 10 22.10 -35.45 12.52
CA LEU F 10 21.98 -36.31 11.35
C LEU F 10 21.52 -35.50 10.14
N ILE F 11 20.47 -34.69 10.33
CA ILE F 11 19.97 -33.84 9.26
C ILE F 11 21.07 -32.90 8.80
N THR F 12 21.77 -32.28 9.74
CA THR F 12 22.82 -31.35 9.39
C THR F 12 23.88 -32.02 8.50
N THR F 13 24.37 -33.20 8.90
CA THR F 13 25.43 -33.85 8.16
C THR F 13 24.95 -34.30 6.77
N VAL F 14 23.79 -34.95 6.74
CA VAL F 14 23.26 -35.46 5.48
C VAL F 14 23.01 -34.28 4.54
N GLY F 15 22.41 -33.22 5.07
CA GLY F 15 22.09 -32.04 4.28
C GLY F 15 23.36 -31.35 3.77
N ALA F 16 24.39 -31.26 4.62
CA ALA F 16 25.63 -30.64 4.19
C ALA F 16 26.21 -31.42 3.01
N PHE F 17 26.23 -32.74 3.12
CA PHE F 17 26.75 -33.58 2.04
C PHE F 17 25.89 -33.42 0.78
N ALA F 18 24.57 -33.45 0.93
CA ALA F 18 23.68 -33.30 -0.21
C ALA F 18 23.89 -31.96 -0.93
N ALA F 19 23.97 -30.87 -0.17
CA ALA F 19 24.15 -29.54 -0.76
C ALA F 19 25.48 -29.50 -1.51
N PHE F 20 26.54 -30.00 -0.89
CA PHE F 20 27.85 -29.97 -1.52
C PHE F 20 27.85 -30.80 -2.79
N SER F 21 27.27 -31.99 -2.75
CA SER F 21 27.26 -32.88 -3.90
C SER F 21 26.48 -32.25 -5.05
N LEU F 22 25.29 -31.75 -4.75
CA LEU F 22 24.46 -31.14 -5.78
C LEU F 22 25.17 -29.95 -6.41
N MET F 23 25.79 -29.10 -5.59
CA MET F 23 26.41 -27.89 -6.12
C MET F 23 27.63 -28.25 -6.95
N THR F 24 28.42 -29.23 -6.52
CA THR F 24 29.62 -29.63 -7.25
C THR F 24 29.26 -30.27 -8.58
N ILE F 25 28.23 -31.12 -8.59
CA ILE F 25 27.77 -31.70 -9.84
C ILE F 25 27.32 -30.59 -10.78
N ALA F 26 26.51 -29.66 -10.26
CA ALA F 26 25.99 -28.57 -11.08
C ALA F 26 27.14 -27.78 -11.69
N VAL F 27 28.17 -27.46 -10.90
CA VAL F 27 29.28 -26.69 -11.41
C VAL F 27 30.09 -27.51 -12.42
N GLY F 28 30.07 -28.83 -12.31
CA GLY F 28 30.81 -29.68 -13.22
C GLY F 28 30.07 -29.98 -14.53
N THR F 29 28.84 -30.47 -14.41
CA THR F 29 28.06 -30.92 -15.55
C THR F 29 27.72 -29.77 -16.49
N ASP F 30 27.17 -30.12 -17.66
CA ASP F 30 26.97 -29.18 -18.75
C ASP F 30 25.54 -29.22 -19.24
N TYR F 31 24.57 -29.22 -18.32
CA TYR F 31 23.16 -29.15 -18.71
C TYR F 31 22.49 -27.98 -18.00
N TRP F 32 23.11 -26.80 -18.02
CA TRP F 32 22.46 -25.62 -17.48
C TRP F 32 21.39 -25.11 -18.43
N LEU F 33 21.72 -24.99 -19.72
CA LEU F 33 20.83 -24.33 -20.64
C LEU F 33 20.67 -25.12 -21.92
N TYR F 34 19.41 -25.33 -22.35
CA TYR F 34 19.12 -25.82 -23.68
C TYR F 34 18.77 -24.66 -24.59
N SER F 35 19.62 -24.40 -25.59
CA SER F 35 19.37 -23.34 -26.56
C SER F 35 19.68 -23.86 -27.97
N ARG F 36 19.78 -22.96 -28.96
CA ARG F 36 20.17 -23.32 -30.32
C ARG F 36 21.40 -22.49 -30.68
N GLY F 37 22.58 -23.04 -30.41
CA GLY F 37 23.83 -22.38 -30.73
C GLY F 37 24.61 -23.21 -31.75
N VAL F 38 25.93 -23.28 -31.57
CA VAL F 38 26.79 -24.02 -32.49
C VAL F 38 27.93 -24.63 -31.69
N CYS F 39 28.22 -25.91 -31.94
CA CYS F 39 29.50 -26.50 -31.64
C CYS F 39 30.31 -26.54 -32.94
N ARG F 40 31.51 -25.96 -32.95
CA ARG F 40 32.25 -25.72 -34.18
C ARG F 40 33.62 -26.41 -34.11
N GLU F 54 25.72 -23.41 -39.54
CA GLU F 54 24.39 -23.95 -39.17
C GLU F 54 24.26 -23.98 -37.65
N GLU F 55 23.04 -23.70 -37.16
CA GLU F 55 22.72 -23.72 -35.75
C GLU F 55 21.79 -24.89 -35.45
N VAL F 56 22.10 -25.64 -34.39
CA VAL F 56 21.29 -26.78 -33.99
C VAL F 56 21.03 -26.69 -32.48
N MET F 57 20.21 -27.61 -31.96
CA MET F 57 19.92 -27.67 -30.55
C MET F 57 21.18 -28.06 -29.79
N THR F 58 21.56 -27.27 -28.77
CA THR F 58 22.76 -27.52 -27.99
C THR F 58 22.38 -27.77 -26.53
N HIS F 59 23.38 -27.77 -25.64
CA HIS F 59 23.18 -27.88 -24.21
C HIS F 59 24.45 -27.36 -23.56
N SER F 60 24.39 -26.10 -23.14
CA SER F 60 25.56 -25.41 -22.61
C SER F 60 25.63 -25.63 -21.11
N GLY F 61 26.76 -25.29 -20.49
CA GLY F 61 26.93 -25.32 -19.05
C GLY F 61 27.62 -24.03 -18.62
N LEU F 62 28.49 -24.11 -17.61
CA LEU F 62 29.20 -22.94 -17.16
C LEU F 62 30.47 -22.73 -17.97
N TRP F 63 30.95 -23.77 -18.65
CA TRP F 63 32.26 -23.75 -19.28
C TRP F 63 32.27 -24.23 -20.72
N ARG F 64 31.45 -25.24 -21.06
CA ARG F 64 31.43 -25.85 -22.38
C ARG F 64 30.02 -25.88 -22.95
N THR F 65 29.90 -25.79 -24.28
CA THR F 65 28.65 -25.95 -25.00
C THR F 65 28.77 -27.17 -25.91
N CYS F 66 27.69 -27.94 -26.07
CA CYS F 66 27.73 -29.19 -26.82
C CYS F 66 26.51 -29.35 -27.71
N CYS F 67 26.65 -30.12 -28.79
CA CYS F 67 25.58 -30.32 -29.75
C CYS F 67 24.74 -31.52 -29.32
N LEU F 68 23.41 -31.38 -29.45
CA LEU F 68 22.49 -32.37 -28.93
C LEU F 68 21.98 -33.32 -30.02
N GLU F 69 22.37 -33.07 -31.28
CA GLU F 69 21.84 -33.80 -32.43
C GLU F 69 22.73 -33.57 -33.67
N GLY F 70 22.48 -34.34 -34.74
CA GLY F 70 23.15 -34.16 -36.02
C GLY F 70 24.52 -34.82 -36.03
N ALA F 71 25.40 -34.37 -36.94
CA ALA F 71 26.67 -35.05 -37.18
C ALA F 71 27.66 -34.75 -36.05
N PHE F 72 27.83 -33.46 -35.73
CA PHE F 72 28.79 -33.06 -34.71
C PHE F 72 28.29 -33.37 -33.30
N ARG F 73 27.19 -34.12 -33.18
CA ARG F 73 26.62 -34.45 -31.88
C ARG F 73 27.69 -35.01 -30.95
N GLY F 74 27.57 -34.67 -29.67
CA GLY F 74 28.56 -35.05 -28.67
C GLY F 74 29.82 -34.18 -28.70
N VAL F 75 29.91 -33.24 -29.65
CA VAL F 75 31.09 -32.39 -29.76
C VAL F 75 30.84 -31.14 -28.92
N CYS F 76 31.79 -30.81 -28.04
CA CYS F 76 31.65 -29.66 -27.16
C CYS F 76 32.79 -28.70 -27.41
N LYS F 77 32.51 -27.40 -27.31
CA LYS F 77 33.51 -26.34 -27.45
C LYS F 77 33.65 -25.69 -26.08
N LYS F 78 34.31 -24.54 -26.00
CA LYS F 78 34.39 -23.76 -24.77
C LYS F 78 33.55 -22.52 -24.95
N ILE F 79 32.68 -22.18 -23.97
CA ILE F 79 31.92 -20.94 -24.12
C ILE F 79 32.89 -19.77 -24.25
N ASP F 80 32.73 -18.95 -25.30
CA ASP F 80 33.59 -17.80 -25.54
C ASP F 80 33.60 -16.86 -24.33
N HIS F 81 32.41 -16.50 -23.84
CA HIS F 81 32.26 -15.62 -22.68
C HIS F 81 32.52 -14.18 -23.08
N PHE F 82 33.81 -13.83 -23.28
CA PHE F 82 34.17 -12.44 -23.53
C PHE F 82 33.58 -11.94 -24.84
N PRO F 83 33.67 -12.68 -25.97
CA PRO F 83 32.95 -12.30 -27.19
C PRO F 83 31.44 -12.22 -26.92
N ASP F 91 31.70 0.75 -21.43
CA ASP F 91 30.77 -0.28 -20.87
C ASP F 91 31.46 -1.04 -19.75
N THR F 92 31.65 -0.35 -18.61
CA THR F 92 32.22 -0.96 -17.42
C THR F 92 31.33 -2.10 -16.90
N ALA F 93 30.01 -1.86 -16.87
CA ALA F 93 29.07 -2.80 -16.29
C ALA F 93 29.07 -4.13 -17.05
N GLU F 94 28.99 -4.01 -18.40
CA GLU F 94 28.99 -5.19 -19.25
C GLU F 94 30.31 -5.93 -19.06
N TYR F 95 31.42 -5.19 -18.97
CA TYR F 95 32.72 -5.81 -18.79
C TYR F 95 32.77 -6.60 -17.49
N LEU F 96 32.31 -5.99 -16.39
CA LEU F 96 32.37 -6.64 -15.09
C LEU F 96 31.47 -7.86 -15.08
N LEU F 97 30.26 -7.75 -15.65
CA LEU F 97 29.36 -8.89 -15.68
C LEU F 97 30.01 -10.03 -16.44
N ARG F 98 30.57 -9.71 -17.61
CA ARG F 98 31.16 -10.75 -18.45
C ARG F 98 32.34 -11.40 -17.73
N ALA F 99 33.15 -10.60 -17.03
CA ALA F 99 34.27 -11.13 -16.27
C ALA F 99 33.80 -12.08 -15.18
N VAL F 100 32.82 -11.63 -14.39
CA VAL F 100 32.33 -12.39 -13.24
C VAL F 100 31.68 -13.68 -13.73
N ARG F 101 30.96 -13.61 -14.85
CA ARG F 101 30.29 -14.80 -15.35
C ARG F 101 31.28 -15.76 -16.01
N ALA F 102 32.38 -15.22 -16.55
CA ALA F 102 33.33 -16.04 -17.27
C ALA F 102 34.04 -16.99 -16.31
N SER F 103 34.45 -16.43 -15.17
CA SER F 103 35.20 -17.18 -14.16
C SER F 103 34.30 -18.00 -13.23
N SER F 104 32.97 -17.84 -13.33
CA SER F 104 32.07 -18.54 -12.41
C SER F 104 32.54 -18.37 -10.97
N VAL F 105 32.86 -17.12 -10.61
CA VAL F 105 33.38 -16.84 -9.28
C VAL F 105 32.40 -17.36 -8.22
N PHE F 106 31.12 -17.00 -8.38
CA PHE F 106 30.13 -17.17 -7.33
C PHE F 106 29.67 -18.61 -7.15
N PRO F 107 29.34 -19.39 -8.19
CA PRO F 107 29.15 -20.83 -8.01
C PRO F 107 30.33 -21.53 -7.33
N ILE F 108 31.57 -21.14 -7.70
CA ILE F 108 32.73 -21.78 -7.12
C ILE F 108 32.86 -21.35 -5.66
N LEU F 109 32.60 -20.08 -5.38
CA LEU F 109 32.67 -19.61 -4.01
C LEU F 109 31.64 -20.33 -3.14
N SER F 110 30.45 -20.60 -3.70
CA SER F 110 29.43 -21.32 -2.95
C SER F 110 29.87 -22.76 -2.71
N VAL F 111 30.58 -23.37 -3.66
CA VAL F 111 31.10 -24.70 -3.44
C VAL F 111 32.14 -24.69 -2.32
N THR F 112 33.03 -23.71 -2.36
CA THR F 112 34.06 -23.59 -1.34
C THR F 112 33.44 -23.46 0.05
N LEU F 113 32.45 -22.56 0.18
CA LEU F 113 31.85 -22.32 1.49
C LEU F 113 31.08 -23.55 1.95
N LEU F 114 30.43 -24.29 1.05
CA LEU F 114 29.77 -25.52 1.47
C LEU F 114 30.81 -26.52 1.96
N PHE F 115 31.98 -26.57 1.31
CA PHE F 115 33.04 -27.46 1.75
C PHE F 115 33.47 -27.12 3.19
N PHE F 116 33.72 -25.83 3.45
CA PHE F 116 34.14 -25.40 4.78
C PHE F 116 33.06 -25.65 5.82
N GLY F 117 31.80 -25.45 5.45
CA GLY F 117 30.70 -25.73 6.35
C GLY F 117 30.68 -27.22 6.72
N GLY F 118 30.88 -28.07 5.73
CA GLY F 118 30.93 -29.50 5.97
C GLY F 118 32.09 -29.85 6.90
N LEU F 119 33.24 -29.19 6.69
CA LEU F 119 34.39 -29.43 7.56
C LEU F 119 34.06 -29.07 9.01
N CYS F 120 33.41 -27.91 9.22
CA CYS F 120 33.01 -27.52 10.56
C CYS F 120 32.02 -28.51 11.18
N VAL F 121 31.07 -28.98 10.38
CA VAL F 121 30.09 -29.92 10.90
C VAL F 121 30.79 -31.20 11.34
N ALA F 122 31.72 -31.68 10.52
CA ALA F 122 32.47 -32.88 10.87
C ALA F 122 33.31 -32.65 12.13
N ALA F 123 34.00 -31.50 12.18
CA ALA F 123 34.90 -31.19 13.27
C ALA F 123 34.15 -31.00 14.58
N SER F 124 32.86 -30.66 14.53
CA SER F 124 32.10 -30.40 15.75
C SER F 124 32.22 -31.58 16.73
N GLU F 125 31.97 -32.80 16.22
CA GLU F 125 31.89 -33.96 17.09
C GLU F 125 33.25 -34.27 17.72
N PHE F 126 34.32 -34.09 16.96
CA PHE F 126 35.67 -34.39 17.43
C PHE F 126 36.17 -33.31 18.40
N HIS F 127 35.46 -32.18 18.51
CA HIS F 127 35.80 -31.13 19.45
C HIS F 127 34.52 -30.50 19.97
N ARG F 128 34.02 -31.00 21.11
CA ARG F 128 32.76 -30.57 21.68
C ARG F 128 32.96 -29.46 22.71
N SER F 129 34.22 -29.20 23.10
CA SER F 129 34.55 -28.12 24.04
C SER F 129 34.08 -26.76 23.52
N ARG F 130 34.43 -26.45 22.26
CA ARG F 130 34.11 -25.15 21.70
C ARG F 130 32.76 -25.21 21.00
N HIS F 131 31.92 -24.20 21.24
CA HIS F 131 30.57 -24.17 20.70
C HIS F 131 30.57 -23.59 19.29
N SER F 132 31.36 -22.54 19.06
CA SER F 132 31.28 -21.73 17.87
C SER F 132 31.48 -22.54 16.59
N VAL F 133 32.00 -23.77 16.70
CA VAL F 133 32.25 -24.56 15.52
C VAL F 133 30.96 -24.76 14.74
N ILE F 134 29.90 -25.26 15.38
CA ILE F 134 28.67 -25.50 14.64
C ILE F 134 28.03 -24.16 14.23
N LEU F 135 28.18 -23.13 15.04
CA LEU F 135 27.65 -21.84 14.63
C LEU F 135 28.31 -21.41 13.32
N SER F 136 29.64 -21.57 13.24
CA SER F 136 30.36 -21.20 12.03
C SER F 136 29.94 -22.07 10.86
N ALA F 137 29.62 -23.34 11.12
CA ALA F 137 29.06 -24.19 10.07
C ALA F 137 27.80 -23.53 9.51
N GLY F 138 26.88 -23.18 10.40
CA GLY F 138 25.65 -22.53 9.98
C GLY F 138 25.92 -21.28 9.16
N ILE F 139 26.87 -20.45 9.59
CA ILE F 139 27.14 -19.22 8.90
C ILE F 139 27.71 -19.50 7.52
N PHE F 140 28.58 -20.50 7.41
CA PHE F 140 29.10 -20.87 6.11
C PHE F 140 27.97 -21.28 5.18
N PHE F 141 27.05 -22.10 5.66
CA PHE F 141 25.97 -22.55 4.82
C PHE F 141 25.10 -21.38 4.37
N VAL F 142 24.79 -20.47 5.26
CA VAL F 142 23.98 -19.32 4.89
C VAL F 142 24.69 -18.52 3.81
N SER F 143 25.98 -18.25 4.03
CA SER F 143 26.77 -17.52 3.05
C SER F 143 26.81 -18.26 1.70
N ALA F 144 26.92 -19.59 1.74
CA ALA F 144 26.95 -20.37 0.51
C ALA F 144 25.66 -20.12 -0.27
N GLY F 145 24.52 -20.21 0.41
CA GLY F 145 23.26 -19.88 -0.25
C GLY F 145 23.26 -18.50 -0.89
N LEU F 146 23.78 -17.49 -0.20
CA LEU F 146 23.78 -16.15 -0.78
C LEU F 146 24.64 -16.11 -2.04
N SER F 147 25.83 -16.71 -2.00
CA SER F 147 26.68 -16.77 -3.18
C SER F 147 25.96 -17.46 -4.32
N ASN F 148 25.27 -18.54 -4.00
CA ASN F 148 24.51 -19.27 -4.98
C ASN F 148 23.52 -18.34 -5.68
N ILE F 149 22.76 -17.56 -4.90
CA ILE F 149 21.81 -16.64 -5.48
C ILE F 149 22.51 -15.67 -6.43
N ILE F 150 23.60 -15.08 -5.98
CA ILE F 150 24.28 -14.11 -6.84
C ILE F 150 24.70 -14.78 -8.14
N GLY F 151 25.24 -15.99 -8.04
CA GLY F 151 25.60 -16.75 -9.22
C GLY F 151 24.42 -16.92 -10.17
N ILE F 152 23.27 -17.34 -9.68
CA ILE F 152 22.12 -17.57 -10.54
C ILE F 152 21.79 -16.27 -11.26
N ILE F 153 21.72 -15.18 -10.52
CA ILE F 153 21.34 -13.91 -11.11
C ILE F 153 22.35 -13.54 -12.19
N VAL F 154 23.63 -13.60 -11.87
CA VAL F 154 24.67 -13.25 -12.84
C VAL F 154 24.56 -14.15 -14.06
N TYR F 155 24.41 -15.46 -13.85
CA TYR F 155 24.29 -16.36 -14.98
C TYR F 155 23.12 -15.98 -15.90
N ILE F 156 21.93 -15.83 -15.33
CA ILE F 156 20.75 -15.55 -16.13
C ILE F 156 20.93 -14.21 -16.84
N SER F 157 21.43 -13.21 -16.11
CA SER F 157 21.57 -11.88 -16.67
C SER F 157 22.57 -11.91 -17.83
N ALA F 158 23.66 -12.66 -17.67
CA ALA F 158 24.70 -12.76 -18.69
C ALA F 158 24.16 -13.48 -19.92
N ASN F 159 23.29 -14.45 -19.73
CA ASN F 159 22.68 -15.11 -20.87
C ASN F 159 21.83 -14.14 -21.65
N ALA F 160 21.09 -13.27 -20.96
CA ALA F 160 20.21 -12.33 -21.64
C ALA F 160 20.99 -11.48 -22.63
N GLY F 161 22.20 -11.06 -22.25
CA GLY F 161 23.08 -10.29 -23.12
C GLY F 161 23.57 -11.09 -24.31
N SER F 171 14.48 -18.75 -28.15
CA SER F 171 13.88 -19.68 -27.16
C SER F 171 14.97 -20.47 -26.46
N TYR F 172 14.66 -20.98 -25.26
CA TYR F 172 15.64 -21.69 -24.44
C TYR F 172 14.92 -22.32 -23.26
N SER F 173 15.65 -23.12 -22.50
CA SER F 173 15.12 -23.80 -21.32
C SER F 173 16.28 -24.07 -20.36
N TYR F 174 15.97 -24.46 -19.12
CA TYR F 174 17.01 -24.68 -18.12
C TYR F 174 17.07 -26.17 -17.89
N GLY F 175 18.30 -26.69 -17.78
CA GLY F 175 18.50 -28.12 -17.64
C GLY F 175 18.53 -28.54 -16.18
N TRP F 176 18.99 -29.77 -15.93
CA TRP F 176 18.97 -30.32 -14.59
C TRP F 176 20.16 -29.80 -13.78
N SER F 177 21.23 -29.34 -14.44
CA SER F 177 22.35 -28.75 -13.70
C SER F 177 21.92 -27.48 -12.98
N PHE F 178 21.13 -26.65 -13.68
CA PHE F 178 20.57 -25.44 -13.11
C PHE F 178 19.77 -25.76 -11.86
N TYR F 179 18.90 -26.76 -11.96
CA TYR F 179 18.04 -27.10 -10.85
C TYR F 179 18.83 -27.77 -9.73
N PHE F 180 19.92 -28.44 -10.05
CA PHE F 180 20.80 -28.91 -9.00
C PHE F 180 21.34 -27.74 -8.19
N GLY F 181 21.77 -26.69 -8.87
CA GLY F 181 22.20 -25.48 -8.17
C GLY F 181 21.10 -24.91 -7.27
N ALA F 182 19.88 -24.83 -7.80
CA ALA F 182 18.75 -24.27 -7.06
C ALA F 182 18.46 -25.09 -5.81
N PHE F 183 18.42 -26.42 -5.95
CA PHE F 183 18.17 -27.29 -4.80
C PHE F 183 19.31 -27.21 -3.80
N SER F 184 20.53 -27.02 -4.29
CA SER F 184 21.64 -26.81 -3.39
C SER F 184 21.39 -25.56 -2.53
N PHE F 185 20.88 -24.49 -3.13
CA PHE F 185 20.57 -23.30 -2.37
C PHE F 185 19.58 -23.59 -1.27
N ILE F 186 18.49 -24.26 -1.62
CA ILE F 186 17.43 -24.49 -0.64
C ILE F 186 17.96 -25.34 0.52
N ILE F 187 18.66 -26.44 0.20
CA ILE F 187 19.17 -27.31 1.24
C ILE F 187 20.20 -26.59 2.10
N ALA F 188 21.05 -25.77 1.49
CA ALA F 188 22.06 -25.05 2.24
C ALA F 188 21.39 -24.15 3.29
N GLU F 189 20.32 -23.47 2.90
CA GLU F 189 19.65 -22.58 3.82
C GLU F 189 19.00 -23.38 4.96
N ILE F 190 18.40 -24.53 4.66
CA ILE F 190 17.78 -25.36 5.68
C ILE F 190 18.80 -25.97 6.62
N VAL F 191 20.00 -26.27 6.14
CA VAL F 191 21.03 -26.78 7.02
C VAL F 191 21.57 -25.65 7.90
N GLY F 192 21.73 -24.47 7.33
CA GLY F 192 22.15 -23.32 8.13
C GLY F 192 21.20 -23.02 9.30
N VAL F 193 19.90 -23.11 9.07
CA VAL F 193 18.93 -22.82 10.12
C VAL F 193 18.95 -23.91 11.18
N VAL F 194 19.18 -25.17 10.80
CA VAL F 194 19.27 -26.25 11.75
C VAL F 194 20.55 -26.15 12.55
N ALA F 195 21.64 -25.76 11.93
CA ALA F 195 22.90 -25.60 12.66
C ALA F 195 22.79 -24.50 13.71
N VAL F 196 22.21 -23.36 13.32
CA VAL F 196 22.04 -22.27 14.26
C VAL F 196 21.11 -22.69 15.40
N HIS F 197 20.16 -23.56 15.14
CA HIS F 197 19.26 -24.01 16.19
C HIS F 197 20.00 -24.94 17.12
N ILE F 198 20.97 -25.70 16.62
CA ILE F 198 21.76 -26.54 17.50
C ILE F 198 22.58 -25.66 18.45
N TYR F 199 23.23 -24.63 17.89
CA TYR F 199 24.06 -23.77 18.72
C TYR F 199 23.21 -23.06 19.77
N ILE F 200 22.06 -22.55 19.35
CA ILE F 200 21.19 -21.79 20.23
C ILE F 200 20.76 -22.69 21.38
N GLU F 201 20.37 -23.93 21.07
CA GLU F 201 19.83 -24.78 22.11
C GLU F 201 20.96 -25.20 23.05
N LYS F 202 22.17 -25.38 22.54
CA LYS F 202 23.30 -25.68 23.43
C LYS F 202 23.52 -24.55 24.42
N HIS F 203 23.57 -23.30 23.95
CA HIS F 203 23.79 -22.17 24.85
C HIS F 203 22.60 -21.94 25.77
N GLN F 204 21.38 -22.22 25.32
CA GLN F 204 20.19 -22.03 26.14
C GLN F 204 20.17 -23.08 27.26
N GLN F 205 20.47 -24.32 26.90
CA GLN F 205 20.42 -25.42 27.84
C GLN F 205 21.50 -25.24 28.90
N LEU F 206 22.73 -24.95 28.45
CA LEU F 206 23.86 -24.87 29.38
C LEU F 206 23.70 -23.65 30.28
N ARG F 207 23.39 -22.49 29.69
CA ARG F 207 23.23 -21.26 30.45
C ARG F 207 22.06 -21.37 31.43
N ALA F 208 21.07 -22.21 31.11
CA ALA F 208 19.91 -22.41 31.97
C ALA F 208 19.05 -23.57 31.45
N ASP G 4 31.06 10.16 27.15
CA ASP G 4 31.18 10.81 25.82
C ASP G 4 30.80 12.29 25.88
N ARG G 5 30.78 12.89 27.08
CA ARG G 5 30.28 14.25 27.23
C ARG G 5 31.25 15.22 26.53
N GLY G 6 32.51 15.17 26.97
CA GLY G 6 33.58 15.92 26.33
C GLY G 6 33.66 15.66 24.82
N ILE G 7 33.54 14.40 24.41
CA ILE G 7 33.60 14.01 23.02
C ILE G 7 32.37 14.55 22.29
N GLN G 8 31.21 14.53 22.94
CA GLN G 8 29.99 15.06 22.34
C GLN G 8 30.16 16.55 22.05
N MET G 9 30.72 17.28 23.02
CA MET G 9 30.88 18.71 22.83
C MET G 9 31.94 18.99 21.76
N LEU G 10 32.99 18.16 21.70
CA LEU G 10 34.01 18.33 20.69
C LEU G 10 33.42 18.12 19.30
N ILE G 11 32.62 17.05 19.13
CA ILE G 11 31.95 16.79 17.87
C ILE G 11 31.05 17.97 17.50
N THR G 12 30.28 18.45 18.47
CA THR G 12 29.38 19.56 18.22
C THR G 12 30.15 20.78 17.70
N THR G 13 31.24 21.16 18.37
CA THR G 13 31.99 22.35 18.00
C THR G 13 32.65 22.20 16.64
N VAL G 14 33.34 21.07 16.44
CA VAL G 14 34.03 20.83 15.18
C VAL G 14 33.00 20.81 14.05
N GLY G 15 31.88 20.13 14.27
CA GLY G 15 30.85 20.02 13.26
C GLY G 15 30.21 21.36 12.96
N ALA G 16 29.97 22.18 13.98
CA ALA G 16 29.40 23.51 13.76
C ALA G 16 30.32 24.30 12.83
N PHE G 17 31.62 24.30 13.14
CA PHE G 17 32.58 25.04 12.34
C PHE G 17 32.63 24.48 10.92
N ALA G 18 32.67 23.15 10.79
CA ALA G 18 32.76 22.52 9.48
C ALA G 18 31.54 22.86 8.63
N ALA G 19 30.33 22.77 9.19
CA ALA G 19 29.12 23.07 8.45
C ALA G 19 29.13 24.51 7.99
N PHE G 20 29.48 25.44 8.89
CA PHE G 20 29.47 26.84 8.55
C PHE G 20 30.48 27.13 7.45
N SER G 21 31.69 26.56 7.58
CA SER G 21 32.74 26.82 6.60
C SER G 21 32.32 26.27 5.23
N LEU G 22 31.85 25.03 5.20
CA LEU G 22 31.44 24.43 3.94
C LEU G 22 30.33 25.25 3.27
N MET G 23 29.32 25.67 4.04
CA MET G 23 28.21 26.38 3.45
C MET G 23 28.64 27.76 2.97
N THR G 24 29.51 28.44 3.71
CA THR G 24 29.99 29.76 3.32
C THR G 24 30.83 29.68 2.05
N ILE G 25 31.72 28.68 1.99
CA ILE G 25 32.51 28.47 0.78
C ILE G 25 31.58 28.22 -0.39
N ALA G 26 30.62 27.31 -0.21
CA ALA G 26 29.70 26.97 -1.28
C ALA G 26 28.98 28.21 -1.79
N VAL G 27 28.48 29.05 -0.88
CA VAL G 27 27.77 30.24 -1.30
C VAL G 27 28.72 31.22 -1.98
N GLY G 28 30.01 31.18 -1.64
CA GLY G 28 30.98 32.10 -2.23
C GLY G 28 31.52 31.63 -3.59
N THR G 29 32.00 30.39 -3.65
CA THR G 29 32.65 29.86 -4.84
C THR G 29 31.66 29.72 -5.99
N ASP G 30 32.20 29.42 -7.18
CA ASP G 30 31.46 29.49 -8.43
C ASP G 30 31.61 28.19 -9.20
N TYR G 31 31.41 27.05 -8.53
CA TYR G 31 31.46 25.76 -9.20
C TYR G 31 30.22 24.95 -8.85
N TRP G 32 29.04 25.57 -8.92
CA TRP G 32 27.81 24.83 -8.71
C TRP G 32 27.49 23.96 -9.94
N LEU G 33 27.51 24.60 -11.12
CA LEU G 33 27.03 23.95 -12.33
C LEU G 33 28.10 23.99 -13.41
N TYR G 34 28.25 22.88 -14.13
CA TYR G 34 29.01 22.83 -15.36
C TYR G 34 28.08 22.74 -16.55
N SER G 35 28.09 23.73 -17.43
CA SER G 35 27.15 23.75 -18.54
C SER G 35 27.75 24.50 -19.73
N ARG G 36 27.06 24.45 -20.87
CA ARG G 36 27.49 25.15 -22.06
C ARG G 36 26.82 26.51 -22.11
N GLY G 37 27.63 27.56 -22.21
CA GLY G 37 27.11 28.91 -22.33
C GLY G 37 28.20 29.88 -22.73
N VAL G 38 27.91 31.17 -22.50
CA VAL G 38 28.81 32.25 -22.88
C VAL G 38 28.98 33.18 -21.68
N CYS G 39 30.22 33.54 -21.40
CA CYS G 39 30.54 34.56 -20.41
C CYS G 39 30.80 35.91 -21.09
N ARG G 40 30.34 36.07 -22.34
CA ARG G 40 30.58 37.29 -23.09
C ARG G 40 29.61 38.38 -22.61
N GLU G 54 29.02 31.65 -30.71
CA GLU G 54 29.34 30.26 -30.25
C GLU G 54 29.54 30.25 -28.74
N GLU G 55 29.06 29.15 -28.11
CA GLU G 55 29.06 29.01 -26.66
C GLU G 55 30.00 27.87 -26.28
N VAL G 56 30.82 28.11 -25.26
CA VAL G 56 31.81 27.15 -24.80
C VAL G 56 31.35 26.58 -23.45
N MET G 57 32.07 25.55 -22.98
CA MET G 57 31.86 25.02 -21.65
C MET G 57 32.17 26.10 -20.63
N THR G 58 31.40 26.10 -19.54
CA THR G 58 31.54 27.10 -18.51
C THR G 58 31.34 26.45 -17.14
N HIS G 59 31.40 27.28 -16.11
CA HIS G 59 30.96 26.91 -14.78
C HIS G 59 30.30 28.10 -14.10
N SER G 60 29.16 27.83 -13.48
CA SER G 60 28.36 28.87 -12.85
C SER G 60 28.28 28.60 -11.35
N GLY G 61 28.14 29.67 -10.58
CA GLY G 61 27.82 29.56 -9.18
C GLY G 61 26.43 30.15 -8.95
N LEU G 62 26.25 30.79 -7.80
CA LEU G 62 24.99 31.46 -7.51
C LEU G 62 24.96 32.82 -8.18
N TRP G 63 26.13 33.43 -8.46
CA TRP G 63 26.17 34.80 -8.92
C TRP G 63 26.89 34.94 -10.26
N ARG G 64 28.13 34.46 -10.33
CA ARG G 64 28.95 34.61 -11.52
C ARG G 64 28.87 33.35 -12.39
N THR G 65 28.90 33.56 -13.71
CA THR G 65 29.16 32.50 -14.68
C THR G 65 30.48 32.79 -15.40
N CYS G 66 31.33 31.78 -15.54
CA CYS G 66 32.69 31.97 -16.04
C CYS G 66 33.07 30.87 -17.03
N CYS G 67 33.66 31.26 -18.18
CA CYS G 67 34.13 30.30 -19.17
C CYS G 67 35.42 29.64 -18.70
N LEU G 68 35.58 28.34 -18.97
CA LEU G 68 36.79 27.63 -18.54
C LEU G 68 37.53 27.04 -19.73
N GLU G 69 37.19 27.48 -20.96
CA GLU G 69 37.98 27.16 -22.13
C GLU G 69 37.63 28.12 -23.26
N GLY G 70 38.65 28.60 -23.98
CA GLY G 70 38.47 29.50 -25.10
C GLY G 70 39.34 30.75 -24.96
N ALA G 71 39.06 31.74 -25.82
CA ALA G 71 39.72 33.04 -25.79
C ALA G 71 39.43 33.78 -24.48
N PHE G 72 38.15 33.75 -24.06
CA PHE G 72 37.71 34.44 -22.86
C PHE G 72 37.81 33.53 -21.64
N ARG G 73 38.68 32.50 -21.67
CA ARG G 73 38.79 31.60 -20.54
C ARG G 73 39.17 32.41 -19.30
N GLY G 74 38.50 32.12 -18.18
CA GLY G 74 38.73 32.82 -16.93
C GLY G 74 37.91 34.10 -16.79
N VAL G 75 37.19 34.51 -17.86
CA VAL G 75 36.30 35.65 -17.78
C VAL G 75 35.05 35.25 -16.98
N CYS G 76 34.47 36.23 -16.29
CA CYS G 76 33.27 36.00 -15.50
C CYS G 76 32.25 37.10 -15.77
N LYS G 77 30.96 36.79 -15.59
CA LYS G 77 29.93 37.81 -15.68
C LYS G 77 28.79 37.51 -14.72
N LYS G 78 28.19 38.56 -14.17
CA LYS G 78 26.99 38.43 -13.36
C LYS G 78 25.92 37.67 -14.14
N ILE G 79 25.32 36.67 -13.50
CA ILE G 79 24.17 35.98 -14.06
C ILE G 79 23.01 36.97 -14.18
N ASP G 80 22.27 36.86 -15.27
CA ASP G 80 21.05 37.61 -15.47
C ASP G 80 19.89 36.70 -15.09
N HIS G 81 19.54 36.72 -13.80
CA HIS G 81 18.45 35.90 -13.28
C HIS G 81 17.15 36.28 -13.99
N PHE G 82 16.92 37.59 -14.10
CA PHE G 82 15.76 38.11 -14.80
C PHE G 82 16.15 38.43 -16.24
N PRO G 83 15.91 37.53 -17.22
CA PRO G 83 16.38 37.73 -18.58
C PRO G 83 15.74 38.98 -19.21
N ASP G 91 2.48 34.61 -14.93
CA ASP G 91 3.51 33.65 -14.45
C ASP G 91 4.05 34.12 -13.09
N THR G 92 3.16 34.32 -12.13
CA THR G 92 3.52 34.85 -10.82
C THR G 92 4.44 33.88 -10.06
N ALA G 93 4.16 32.58 -10.15
CA ALA G 93 5.01 31.54 -9.59
C ALA G 93 6.43 31.61 -10.16
N GLU G 94 6.53 31.77 -11.48
CA GLU G 94 7.83 31.88 -12.14
C GLU G 94 8.55 33.11 -11.62
N TYR G 95 7.83 34.21 -11.44
CA TYR G 95 8.41 35.43 -10.95
C TYR G 95 8.95 35.24 -9.53
N LEU G 96 8.16 34.60 -8.65
CA LEU G 96 8.61 34.36 -7.29
C LEU G 96 9.83 33.44 -7.27
N LEU G 97 9.83 32.40 -8.10
CA LEU G 97 10.98 31.51 -8.15
C LEU G 97 12.22 32.30 -8.58
N ARG G 98 12.07 33.13 -9.61
CA ARG G 98 13.18 33.93 -10.12
C ARG G 98 13.69 34.87 -9.02
N ALA G 99 12.77 35.49 -8.28
CA ALA G 99 13.14 36.40 -7.20
C ALA G 99 13.93 35.67 -6.12
N VAL G 100 13.40 34.54 -5.67
CA VAL G 100 14.00 33.79 -4.57
C VAL G 100 15.36 33.24 -5.00
N ARG G 101 15.47 32.81 -6.26
CA ARG G 101 16.74 32.28 -6.74
C ARG G 101 17.75 33.38 -7.05
N ALA G 102 17.27 34.60 -7.30
CA ALA G 102 18.16 35.71 -7.60
C ALA G 102 18.81 36.20 -6.31
N SER G 103 17.97 36.45 -5.30
CA SER G 103 18.49 36.82 -3.98
C SER G 103 19.24 35.68 -3.31
N SER G 104 18.96 34.43 -3.72
CA SER G 104 19.45 33.26 -3.03
C SER G 104 19.29 33.44 -1.53
N VAL G 105 18.10 33.90 -1.13
CA VAL G 105 17.80 34.14 0.26
C VAL G 105 18.02 32.88 1.09
N PHE G 106 17.75 31.68 0.55
CA PHE G 106 17.74 30.48 1.35
C PHE G 106 19.15 29.96 1.69
N PRO G 107 20.09 29.86 0.75
CA PRO G 107 21.48 29.60 1.11
C PRO G 107 22.05 30.62 2.09
N ILE G 108 21.70 31.90 1.93
CA ILE G 108 22.23 32.91 2.83
C ILE G 108 21.61 32.75 4.21
N LEU G 109 20.31 32.45 4.26
CA LEU G 109 19.67 32.24 5.54
C LEU G 109 20.27 31.02 6.25
N SER G 110 20.62 29.99 5.48
CA SER G 110 21.27 28.81 6.02
C SER G 110 22.63 29.17 6.62
N VAL G 111 23.35 30.08 5.99
CA VAL G 111 24.64 30.49 6.52
C VAL G 111 24.43 31.29 7.80
N THR G 112 23.45 32.19 7.80
CA THR G 112 23.14 32.99 8.97
C THR G 112 22.81 32.10 10.18
N LEU G 113 21.93 31.12 9.96
CA LEU G 113 21.51 30.25 11.05
C LEU G 113 22.66 29.38 11.53
N LEU G 114 23.54 28.92 10.63
CA LEU G 114 24.70 28.18 11.08
C LEU G 114 25.59 29.07 11.93
N PHE G 115 25.72 30.35 11.56
CA PHE G 115 26.51 31.27 12.35
C PHE G 115 25.94 31.42 13.76
N PHE G 116 24.63 31.62 13.87
CA PHE G 116 23.99 31.75 15.18
C PHE G 116 24.11 30.46 15.99
N GLY G 117 23.99 29.31 15.33
CA GLY G 117 24.15 28.05 16.03
C GLY G 117 25.55 27.91 16.61
N GLY G 118 26.56 28.27 15.80
CA GLY G 118 27.93 28.21 16.27
C GLY G 118 28.15 29.16 17.45
N LEU G 119 27.52 30.33 17.37
CA LEU G 119 27.67 31.31 18.42
C LEU G 119 27.05 30.79 19.72
N CYS G 120 25.87 30.15 19.62
CA CYS G 120 25.24 29.55 20.77
C CYS G 120 26.09 28.42 21.34
N VAL G 121 26.71 27.60 20.49
CA VAL G 121 27.56 26.52 20.98
C VAL G 121 28.73 27.12 21.76
N ALA G 122 29.33 28.19 21.23
CA ALA G 122 30.42 28.85 21.94
C ALA G 122 29.94 29.40 23.28
N ALA G 123 28.78 30.07 23.29
CA ALA G 123 28.26 30.68 24.51
C ALA G 123 27.89 29.64 25.56
N SER G 124 27.43 28.46 25.14
CA SER G 124 26.95 27.44 26.07
C SER G 124 28.06 27.07 27.04
N GLU G 125 29.30 27.12 26.58
CA GLU G 125 30.46 26.84 27.42
C GLU G 125 30.54 27.82 28.59
N PHE G 126 29.95 29.02 28.48
CA PHE G 126 29.99 29.99 29.56
C PHE G 126 28.80 29.84 30.51
N HIS G 127 27.58 30.02 29.98
CA HIS G 127 26.39 30.10 30.81
C HIS G 127 25.86 28.69 31.08
N ARG G 128 26.65 27.93 31.85
CA ARG G 128 26.28 26.56 32.22
C ARG G 128 24.96 26.54 32.99
N SER G 129 24.63 27.66 33.64
CA SER G 129 23.39 27.77 34.41
C SER G 129 22.17 27.58 33.52
N ARG G 130 22.14 28.26 32.37
CA ARG G 130 21.01 28.20 31.46
C ARG G 130 21.28 27.11 30.44
N HIS G 131 20.54 26.00 30.51
CA HIS G 131 20.70 24.88 29.59
C HIS G 131 20.28 25.27 28.17
N SER G 132 19.17 26.02 28.08
CA SER G 132 18.49 26.25 26.81
C SER G 132 19.44 26.76 25.72
N VAL G 133 20.54 27.42 26.11
CA VAL G 133 21.53 27.87 25.16
C VAL G 133 21.89 26.75 24.16
N ILE G 134 22.30 25.58 24.67
CA ILE G 134 22.72 24.52 23.78
C ILE G 134 21.52 24.00 22.99
N LEU G 135 20.34 23.92 23.62
CA LEU G 135 19.16 23.54 22.89
C LEU G 135 18.94 24.50 21.71
N SER G 136 19.11 25.79 21.96
CA SER G 136 19.00 26.78 20.90
C SER G 136 19.96 26.46 19.76
N ALA G 137 21.20 26.13 20.12
CA ALA G 137 22.16 25.72 19.10
C ALA G 137 21.55 24.62 18.23
N GLY G 138 21.09 23.56 18.89
CA GLY G 138 20.45 22.46 18.21
C GLY G 138 19.42 22.96 17.20
N ILE G 139 18.48 23.76 17.68
CA ILE G 139 17.39 24.17 16.81
C ILE G 139 17.92 24.96 15.62
N PHE G 140 18.86 25.87 15.87
CA PHE G 140 19.41 26.65 14.78
C PHE G 140 19.98 25.73 13.70
N PHE G 141 20.78 24.75 14.11
CA PHE G 141 21.36 23.84 13.14
C PHE G 141 20.29 23.10 12.35
N VAL G 142 19.28 22.58 13.04
CA VAL G 142 18.23 21.87 12.34
C VAL G 142 17.59 22.79 11.31
N SER G 143 17.25 24.00 11.74
CA SER G 143 16.62 24.97 10.85
C SER G 143 17.53 25.29 9.67
N ALA G 144 18.83 25.44 9.91
CA ALA G 144 19.76 25.68 8.81
C ALA G 144 19.63 24.58 7.76
N GLY G 145 19.70 23.32 8.20
CA GLY G 145 19.42 22.21 7.30
C GLY G 145 18.15 22.41 6.45
N LEU G 146 17.02 22.76 7.07
CA LEU G 146 15.81 22.92 6.28
C LEU G 146 15.99 24.01 5.22
N SER G 147 16.53 25.17 5.62
CA SER G 147 16.69 26.24 4.64
C SER G 147 17.61 25.78 3.51
N ASN G 148 18.67 25.05 3.87
CA ASN G 148 19.57 24.51 2.89
C ASN G 148 18.81 23.69 1.84
N ILE G 149 17.95 22.77 2.29
CA ILE G 149 17.25 21.93 1.35
C ILE G 149 16.36 22.79 0.43
N ILE G 150 15.67 23.75 1.01
CA ILE G 150 14.86 24.63 0.17
C ILE G 150 15.73 25.29 -0.91
N GLY G 151 16.88 25.82 -0.46
CA GLY G 151 17.86 26.37 -1.38
C GLY G 151 18.10 25.45 -2.58
N ILE G 152 18.50 24.22 -2.27
CA ILE G 152 18.83 23.28 -3.32
C ILE G 152 17.65 23.12 -4.27
N ILE G 153 16.46 22.90 -3.72
CA ILE G 153 15.31 22.67 -4.59
C ILE G 153 15.09 23.87 -5.48
N VAL G 154 15.06 25.05 -4.89
CA VAL G 154 14.88 26.28 -5.65
C VAL G 154 15.95 26.37 -6.73
N TYR G 155 17.20 26.18 -6.35
CA TYR G 155 18.26 26.24 -7.32
C TYR G 155 17.99 25.29 -8.46
N ILE G 156 17.85 24.00 -8.18
CA ILE G 156 17.59 23.02 -9.23
C ILE G 156 16.35 23.41 -10.02
N SER G 157 15.28 23.78 -9.33
CA SER G 157 14.02 24.05 -10.01
C SER G 157 14.17 25.21 -11.00
N ALA G 158 14.93 26.22 -10.60
CA ALA G 158 15.13 27.39 -11.43
C ALA G 158 16.09 27.09 -12.57
N ASN G 159 17.11 26.25 -12.37
CA ASN G 159 18.08 26.09 -13.44
C ASN G 159 17.44 25.43 -14.64
N ALA G 160 16.86 24.26 -14.38
CA ALA G 160 16.37 23.44 -15.47
C ALA G 160 15.20 24.14 -16.19
N GLY G 161 14.44 24.99 -15.47
CA GLY G 161 13.44 25.85 -16.09
C GLY G 161 14.01 26.85 -17.08
N SER G 171 23.01 19.64 -21.77
CA SER G 171 23.38 18.81 -20.58
C SER G 171 24.02 19.71 -19.52
N TYR G 172 24.39 19.08 -18.39
CA TYR G 172 25.02 19.80 -17.30
C TYR G 172 25.57 18.81 -16.29
N SER G 173 26.28 19.34 -15.29
CA SER G 173 26.77 18.56 -14.16
C SER G 173 26.87 19.47 -12.95
N TYR G 174 27.10 18.88 -11.77
CA TYR G 174 27.20 19.65 -10.54
C TYR G 174 28.65 19.63 -10.08
N GLY G 175 29.14 20.80 -9.69
CA GLY G 175 30.52 20.93 -9.27
C GLY G 175 30.67 20.70 -7.77
N TRP G 176 31.85 21.02 -7.25
CA TRP G 176 32.17 20.75 -5.86
C TRP G 176 31.50 21.75 -4.93
N SER G 177 31.11 22.92 -5.45
CA SER G 177 30.42 23.90 -4.63
C SER G 177 29.05 23.38 -4.19
N PHE G 178 28.34 22.76 -5.13
CA PHE G 178 27.04 22.16 -4.87
C PHE G 178 27.18 21.09 -3.79
N TYR G 179 28.19 20.22 -3.92
CA TYR G 179 28.37 19.14 -2.97
C TYR G 179 28.84 19.67 -1.63
N PHE G 180 29.53 20.80 -1.60
CA PHE G 180 29.82 21.43 -0.33
C PHE G 180 28.53 21.83 0.38
N GLY G 181 27.59 22.41 -0.36
CA GLY G 181 26.27 22.68 0.20
C GLY G 181 25.59 21.42 0.77
N ALA G 182 25.63 20.33 0.01
CA ALA G 182 24.99 19.10 0.42
C ALA G 182 25.62 18.55 1.70
N PHE G 183 26.95 18.53 1.76
CA PHE G 183 27.63 18.03 2.95
C PHE G 183 27.39 18.95 4.14
N SER G 184 27.27 20.25 3.89
CA SER G 184 26.89 21.17 4.95
C SER G 184 25.54 20.75 5.54
N PHE G 185 24.58 20.39 4.69
CA PHE G 185 23.27 19.99 5.19
C PHE G 185 23.41 18.77 6.09
N ILE G 186 24.14 17.76 5.62
CA ILE G 186 24.25 16.53 6.39
C ILE G 186 24.89 16.81 7.75
N ILE G 187 26.01 17.51 7.76
CA ILE G 187 26.72 17.79 9.00
C ILE G 187 25.84 18.64 9.94
N ALA G 188 25.12 19.61 9.39
CA ALA G 188 24.28 20.44 10.21
C ALA G 188 23.24 19.60 10.95
N GLU G 189 22.63 18.65 10.24
CA GLU G 189 21.62 17.81 10.86
C GLU G 189 22.24 16.92 11.93
N ILE G 190 23.43 16.38 11.69
CA ILE G 190 24.10 15.55 12.68
C ILE G 190 24.42 16.37 13.93
N VAL G 191 24.91 17.58 13.75
CA VAL G 191 25.28 18.41 14.88
C VAL G 191 24.03 18.81 15.66
N GLY G 192 22.93 19.09 14.95
CA GLY G 192 21.66 19.38 15.62
C GLY G 192 21.24 18.23 16.53
N VAL G 193 21.38 17.01 16.04
CA VAL G 193 20.98 15.85 16.81
C VAL G 193 21.84 15.73 18.05
N VAL G 194 23.15 15.89 17.87
CA VAL G 194 24.08 15.78 18.99
C VAL G 194 23.81 16.88 20.04
N ALA G 195 23.56 18.10 19.61
CA ALA G 195 23.25 19.17 20.53
C ALA G 195 22.01 18.87 21.35
N VAL G 196 20.94 18.41 20.70
CA VAL G 196 19.73 18.08 21.40
C VAL G 196 19.99 16.93 22.38
N HIS G 197 20.85 15.99 22.02
CA HIS G 197 21.23 14.94 22.95
C HIS G 197 21.92 15.50 24.18
N ILE G 198 22.80 16.49 24.00
CA ILE G 198 23.47 17.10 25.13
C ILE G 198 22.45 17.73 26.07
N TYR G 199 21.50 18.46 25.52
CA TYR G 199 20.50 19.09 26.35
C TYR G 199 19.65 18.05 27.08
N ILE G 200 19.27 16.98 26.39
CA ILE G 200 18.46 15.92 26.98
C ILE G 200 19.22 15.32 28.17
N GLU G 201 20.51 15.06 27.98
CA GLU G 201 21.32 14.44 29.01
C GLU G 201 21.47 15.38 30.20
N LYS G 202 21.58 16.69 29.96
CA LYS G 202 21.61 17.66 31.05
C LYS G 202 20.33 17.56 31.89
N HIS G 203 19.17 17.62 31.24
CA HIS G 203 17.90 17.60 31.96
C HIS G 203 17.60 16.23 32.54
N GLN G 204 18.30 15.17 32.11
CA GLN G 204 18.12 13.85 32.71
C GLN G 204 19.00 13.70 33.94
N GLN G 205 20.29 14.09 33.81
CA GLN G 205 21.22 14.02 34.93
C GLN G 205 20.75 14.92 36.08
N LEU G 206 20.24 16.11 35.73
CA LEU G 206 19.68 17.03 36.72
C LEU G 206 18.54 16.37 37.51
N ARG G 207 17.66 15.66 36.82
CA ARG G 207 16.57 14.94 37.48
C ARG G 207 17.11 13.83 38.37
N ALA G 208 18.33 13.35 38.10
CA ALA G 208 18.95 12.33 38.94
C ALA G 208 19.82 12.95 40.04
N ASP H 4 -14.76 24.87 31.35
CA ASP H 4 -14.98 25.80 30.20
C ASP H 4 -16.40 25.65 29.63
N ARG H 5 -17.34 25.21 30.48
CA ARG H 5 -18.68 24.89 30.00
C ARG H 5 -19.37 26.14 29.47
N GLY H 6 -19.19 27.29 30.13
CA GLY H 6 -19.75 28.55 29.65
C GLY H 6 -19.27 28.89 28.25
N ILE H 7 -17.96 28.80 28.04
CA ILE H 7 -17.36 29.10 26.76
C ILE H 7 -17.78 28.04 25.73
N GLN H 8 -17.91 26.79 26.15
CA GLN H 8 -18.36 25.74 25.23
C GLN H 8 -19.76 26.04 24.74
N MET H 9 -20.65 26.46 25.64
CA MET H 9 -22.02 26.75 25.26
C MET H 9 -22.03 28.01 24.37
N LEU H 10 -21.17 28.99 24.66
CA LEU H 10 -21.08 30.18 23.84
C LEU H 10 -20.69 29.81 22.41
N ILE H 11 -19.65 28.99 22.28
CA ILE H 11 -19.19 28.55 20.97
C ILE H 11 -20.32 27.81 20.26
N THR H 12 -20.99 26.91 20.98
CA THR H 12 -22.08 26.15 20.38
C THR H 12 -23.16 27.07 19.82
N THR H 13 -23.62 28.05 20.61
CA THR H 13 -24.71 28.92 20.18
C THR H 13 -24.28 29.81 19.01
N VAL H 14 -23.12 30.43 19.14
CA VAL H 14 -22.64 31.33 18.11
C VAL H 14 -22.44 30.54 16.81
N GLY H 15 -21.84 29.36 16.93
CA GLY H 15 -21.57 28.52 15.78
C GLY H 15 -22.87 28.03 15.12
N ALA H 16 -23.86 27.67 15.94
CA ALA H 16 -25.13 27.23 15.39
C ALA H 16 -25.74 28.35 14.55
N PHE H 17 -25.75 29.56 15.11
CA PHE H 17 -26.30 30.70 14.39
C PHE H 17 -25.50 30.98 13.11
N ALA H 18 -24.17 30.95 13.20
CA ALA H 18 -23.33 31.21 12.05
C ALA H 18 -23.59 30.19 10.93
N ALA H 19 -23.65 28.90 11.28
CA ALA H 19 -23.87 27.86 10.29
C ALA H 19 -25.22 28.06 9.62
N PHE H 20 -26.25 28.31 10.43
CA PHE H 20 -27.59 28.48 9.88
C PHE H 20 -27.64 29.70 8.96
N SER H 21 -27.04 30.80 9.38
CA SER H 21 -27.08 32.03 8.59
C SER H 21 -26.36 31.82 7.26
N LEU H 22 -25.15 31.25 7.32
CA LEU H 22 -24.37 31.04 6.11
C LEU H 22 -25.13 30.13 5.15
N MET H 23 -25.70 29.04 5.66
CA MET H 23 -26.35 28.09 4.78
C MET H 23 -27.62 28.68 4.17
N THR H 24 -28.38 29.46 4.95
CA THR H 24 -29.61 30.07 4.44
C THR H 24 -29.28 31.12 3.39
N ILE H 25 -28.25 31.93 3.62
CA ILE H 25 -27.85 32.91 2.64
C ILE H 25 -27.43 32.19 1.36
N ALA H 26 -26.61 31.15 1.50
CA ALA H 26 -26.15 30.40 0.35
C ALA H 26 -27.32 29.85 -0.45
N VAL H 27 -28.32 29.28 0.22
CA VAL H 27 -29.45 28.72 -0.50
C VAL H 27 -30.29 29.82 -1.13
N GLY H 28 -30.26 31.04 -0.56
CA GLY H 28 -31.05 32.14 -1.09
C GLY H 28 -30.37 32.89 -2.24
N THR H 29 -29.13 33.31 -2.01
CA THR H 29 -28.40 34.12 -2.97
C THR H 29 -28.10 33.34 -4.25
N ASP H 30 -27.60 34.07 -5.26
CA ASP H 30 -27.46 33.54 -6.61
C ASP H 30 -26.06 33.77 -7.13
N TYR H 31 -25.05 33.49 -6.31
CA TYR H 31 -23.66 33.56 -6.75
C TYR H 31 -22.97 32.22 -6.50
N TRP H 32 -23.60 31.11 -6.90
CA TRP H 32 -22.94 29.83 -6.82
C TRP H 32 -21.91 29.67 -7.94
N LEU H 33 -22.30 30.00 -9.18
CA LEU H 33 -21.48 29.68 -10.32
C LEU H 33 -21.34 30.86 -11.25
N TYR H 34 -20.11 31.19 -11.64
CA TYR H 34 -19.86 32.11 -12.74
C TYR H 34 -19.58 31.33 -14.01
N SER H 35 -20.47 31.42 -15.00
CA SER H 35 -20.29 30.74 -16.27
C SER H 35 -20.65 31.69 -17.42
N ARG H 36 -20.78 31.18 -18.66
CA ARG H 36 -21.25 31.97 -19.78
C ARG H 36 -22.48 31.30 -20.36
N GLY H 37 -23.66 31.71 -19.86
CA GLY H 37 -24.93 31.19 -20.34
C GLY H 37 -25.74 32.32 -20.97
N VAL H 38 -27.05 32.32 -20.72
CA VAL H 38 -27.94 33.31 -21.30
C VAL H 38 -29.04 33.60 -20.30
N CYS H 39 -29.33 34.89 -20.08
CA CYS H 39 -30.60 35.34 -19.54
C CYS H 39 -31.47 35.80 -20.70
N ARG H 40 -32.67 35.24 -20.85
CA ARG H 40 -33.47 35.43 -22.05
C ARG H 40 -34.83 36.05 -21.70
N GLU H 54 -27.21 35.10 -28.19
CA GLU H 54 -25.85 35.50 -27.72
C GLU H 54 -25.65 35.04 -26.28
N GLU H 55 -24.42 34.62 -25.97
CA GLU H 55 -24.02 34.15 -24.65
C GLU H 55 -23.07 35.16 -24.02
N VAL H 56 -23.33 35.52 -22.76
CA VAL H 56 -22.50 36.46 -22.04
C VAL H 56 -22.18 35.87 -20.66
N MET H 57 -21.31 36.56 -19.90
CA MET H 57 -20.96 36.15 -18.56
C MET H 57 -22.19 36.25 -17.67
N THR H 58 -22.52 35.16 -16.94
CA THR H 58 -23.68 35.13 -16.07
C THR H 58 -23.24 34.89 -14.63
N HIS H 59 -24.19 34.59 -13.74
CA HIS H 59 -23.93 34.20 -12.37
C HIS H 59 -25.17 33.48 -11.88
N SER H 60 -25.11 32.15 -11.91
CA SER H 60 -26.25 31.31 -11.59
C SER H 60 -26.26 31.01 -10.10
N GLY H 61 -27.35 30.47 -9.59
CA GLY H 61 -27.45 30.00 -8.22
C GLY H 61 -28.16 28.66 -8.23
N LEU H 62 -28.97 28.37 -7.21
CA LEU H 62 -29.68 27.10 -7.15
C LEU H 62 -30.99 27.17 -7.93
N TRP H 63 -31.48 28.38 -8.18
CA TRP H 63 -32.83 28.56 -8.72
C TRP H 63 -32.88 29.50 -9.92
N ARG H 64 -32.07 30.56 -9.94
CA ARG H 64 -32.11 31.58 -10.97
C ARG H 64 -30.71 31.81 -11.56
N THR H 65 -30.66 32.18 -12.84
CA THR H 65 -29.43 32.58 -13.52
C THR H 65 -29.60 34.03 -13.97
N CYS H 66 -28.51 34.82 -13.90
CA CYS H 66 -28.58 36.25 -14.18
C CYS H 66 -27.40 36.72 -15.02
N CYS H 67 -27.60 37.81 -15.77
CA CYS H 67 -26.56 38.34 -16.66
C CYS H 67 -25.70 39.31 -15.88
N LEU H 68 -24.38 39.25 -16.11
CA LEU H 68 -23.43 40.01 -15.34
C LEU H 68 -22.97 41.28 -16.07
N GLU H 69 -23.41 41.46 -17.32
CA GLU H 69 -22.93 42.54 -18.18
C GLU H 69 -23.87 42.73 -19.38
N GLY H 70 -23.66 43.81 -20.14
CA GLY H 70 -24.40 44.07 -21.36
C GLY H 70 -25.77 44.68 -21.10
N ALA H 71 -26.70 44.57 -22.06
CA ALA H 71 -27.97 45.27 -22.00
C ALA H 71 -28.89 44.60 -20.98
N PHE H 72 -29.08 43.28 -21.11
CA PHE H 72 -29.99 42.55 -20.24
C PHE H 72 -29.42 42.37 -18.84
N ARG H 73 -28.30 43.04 -18.52
CA ARG H 73 -27.67 42.92 -17.22
C ARG H 73 -28.69 43.13 -16.11
N GLY H 74 -28.52 42.37 -15.01
CA GLY H 74 -29.45 42.38 -13.90
C GLY H 74 -30.72 41.57 -14.15
N VAL H 75 -30.87 41.01 -15.36
CA VAL H 75 -32.05 40.24 -15.70
C VAL H 75 -31.77 38.78 -15.34
N CYS H 76 -32.69 38.15 -14.59
CA CYS H 76 -32.51 36.79 -14.15
C CYS H 76 -33.69 35.94 -14.64
N LYS H 77 -33.40 34.69 -15.02
CA LYS H 77 -34.38 33.74 -15.50
C LYS H 77 -34.30 32.48 -14.64
N LYS H 78 -35.48 31.92 -14.31
CA LYS H 78 -35.53 30.65 -13.60
C LYS H 78 -34.73 29.61 -14.35
N ILE H 79 -33.87 28.86 -13.63
CA ILE H 79 -33.03 27.85 -14.26
C ILE H 79 -33.93 26.73 -14.77
N ASP H 80 -33.74 26.36 -16.04
CA ASP H 80 -34.43 25.20 -16.55
C ASP H 80 -33.63 23.99 -16.10
N HIS H 81 -33.89 23.54 -14.87
CA HIS H 81 -33.14 22.44 -14.28
C HIS H 81 -33.19 21.22 -15.19
N PHE H 82 -34.39 20.97 -15.74
CA PHE H 82 -34.59 19.93 -16.73
C PHE H 82 -34.17 20.44 -18.11
N PRO H 83 -34.09 19.57 -19.13
CA PRO H 83 -33.70 19.99 -20.49
C PRO H 83 -34.52 21.18 -21.02
N ASP H 91 -32.56 6.24 -19.02
CA ASP H 91 -31.60 7.02 -18.20
C ASP H 91 -32.23 7.35 -16.86
N THR H 92 -32.38 6.33 -16.00
CA THR H 92 -32.90 6.50 -14.65
C THR H 92 -31.97 7.39 -13.83
N ALA H 93 -30.65 7.17 -13.94
CA ALA H 93 -29.69 7.86 -13.10
C ALA H 93 -29.69 9.36 -13.39
N GLU H 94 -29.67 9.71 -14.69
CA GLU H 94 -29.70 11.10 -15.11
C GLU H 94 -30.98 11.74 -14.62
N TYR H 95 -32.10 11.01 -14.72
CA TYR H 95 -33.39 11.54 -14.29
C TYR H 95 -33.36 11.83 -12.80
N LEU H 96 -32.86 10.88 -11.99
CA LEU H 96 -32.84 11.06 -10.55
C LEU H 96 -31.93 12.20 -10.17
N LEU H 97 -30.75 12.29 -10.82
CA LEU H 97 -29.84 13.38 -10.48
C LEU H 97 -30.50 14.72 -10.80
N ARG H 98 -31.13 14.81 -11.96
CA ARG H 98 -31.75 16.06 -12.38
C ARG H 98 -32.89 16.42 -11.43
N ALA H 99 -33.68 15.42 -11.00
CA ALA H 99 -34.76 15.65 -10.06
C ALA H 99 -34.22 16.18 -8.72
N VAL H 100 -33.21 15.51 -8.19
CA VAL H 100 -32.66 15.83 -6.88
C VAL H 100 -32.02 17.22 -6.91
N ARG H 101 -31.36 17.55 -8.03
CA ARG H 101 -30.73 18.84 -8.13
C ARG H 101 -31.74 19.94 -8.39
N ALA H 102 -32.86 19.61 -9.03
CA ALA H 102 -33.85 20.61 -9.39
C ALA H 102 -34.51 21.16 -8.13
N SER H 103 -34.87 20.25 -7.22
CA SER H 103 -35.56 20.60 -5.99
C SER H 103 -34.62 21.07 -4.89
N SER H 104 -33.30 20.98 -5.08
CA SER H 104 -32.35 21.34 -4.04
C SER H 104 -32.76 20.70 -2.71
N VAL H 105 -33.07 19.40 -2.76
CA VAL H 105 -33.54 18.69 -1.58
C VAL H 105 -32.51 18.85 -0.45
N PHE H 106 -31.25 18.56 -0.78
CA PHE H 106 -30.20 18.38 0.22
C PHE H 106 -29.73 19.68 0.86
N PRO H 107 -29.44 20.77 0.13
CA PRO H 107 -29.24 22.07 0.76
C PRO H 107 -30.39 22.50 1.67
N ILE H 108 -31.64 22.26 1.26
CA ILE H 108 -32.78 22.65 2.06
C ILE H 108 -32.85 21.77 3.31
N LEU H 109 -32.59 20.48 3.14
CA LEU H 109 -32.62 19.58 4.28
C LEU H 109 -31.55 19.98 5.30
N SER H 110 -30.37 20.43 4.80
CA SER H 110 -29.32 20.84 5.70
C SER H 110 -29.73 22.11 6.43
N VAL H 111 -30.47 23.00 5.78
CA VAL H 111 -30.96 24.20 6.45
C VAL H 111 -31.96 23.81 7.54
N THR H 112 -32.86 22.88 7.22
CA THR H 112 -33.84 22.42 8.18
C THR H 112 -33.16 21.83 9.42
N LEU H 113 -32.18 20.95 9.20
CA LEU H 113 -31.52 20.28 10.30
C LEU H 113 -30.73 21.30 11.13
N LEU H 114 -30.11 22.29 10.50
CA LEU H 114 -29.42 23.31 11.28
C LEU H 114 -30.42 24.06 12.13
N PHE H 115 -31.61 24.33 11.59
CA PHE H 115 -32.64 25.01 12.36
C PHE H 115 -33.01 24.19 13.61
N PHE H 116 -33.26 22.88 13.43
CA PHE H 116 -33.63 22.03 14.56
C PHE H 116 -32.49 21.91 15.57
N GLY H 117 -31.25 21.87 15.09
CA GLY H 117 -30.10 21.84 15.99
C GLY H 117 -30.06 23.11 16.84
N GLY H 118 -30.29 24.25 16.20
CA GLY H 118 -30.33 25.52 16.92
C GLY H 118 -31.45 25.52 17.96
N LEU H 119 -32.61 24.96 17.60
CA LEU H 119 -33.71 24.88 18.54
C LEU H 119 -33.32 24.05 19.76
N CYS H 120 -32.68 22.90 19.54
CA CYS H 120 -32.24 22.07 20.66
C CYS H 120 -31.21 22.80 21.52
N VAL H 121 -30.28 23.52 20.90
CA VAL H 121 -29.27 24.23 21.66
C VAL H 121 -29.95 25.30 22.53
N ALA H 122 -30.91 26.01 21.97
CA ALA H 122 -31.63 27.02 22.73
C ALA H 122 -32.42 26.37 23.87
N ALA H 123 -33.11 25.27 23.56
CA ALA H 123 -33.97 24.59 24.53
C ALA H 123 -33.16 23.99 25.67
N SER H 124 -31.87 23.69 25.45
CA SER H 124 -31.06 23.05 26.47
C SER H 124 -31.13 23.84 27.78
N GLU H 125 -30.89 25.15 27.71
CA GLU H 125 -30.77 25.96 28.92
C GLU H 125 -32.10 26.03 29.68
N PHE H 126 -33.21 26.10 28.94
CA PHE H 126 -34.53 26.22 29.55
C PHE H 126 -34.99 24.88 30.12
N HIS H 127 -34.29 23.78 29.81
CA HIS H 127 -34.59 22.47 30.36
C HIS H 127 -33.30 21.71 30.58
N ARG H 128 -32.75 21.80 31.80
CA ARG H 128 -31.46 21.22 32.14
C ARG H 128 -31.62 19.82 32.74
N SER H 129 -32.87 19.43 33.07
CA SER H 129 -33.17 18.11 33.60
C SER H 129 -32.74 17.01 32.63
N ARG H 130 -33.13 17.13 31.36
CA ARG H 130 -32.85 16.10 30.38
C ARG H 130 -31.53 16.41 29.67
N HIS H 131 -30.69 15.38 29.53
CA HIS H 131 -29.36 15.54 28.96
C HIS H 131 -29.43 15.48 27.44
N SER H 132 -30.22 14.54 26.91
CA SER H 132 -30.20 14.18 25.50
C SER H 132 -30.47 15.37 24.58
N VAL H 133 -30.96 16.49 25.13
CA VAL H 133 -31.27 17.64 24.29
C VAL H 133 -30.01 18.10 23.55
N ILE H 134 -28.92 18.35 24.27
CA ILE H 134 -27.72 18.85 23.60
C ILE H 134 -27.11 17.74 22.75
N LEU H 135 -27.23 16.48 23.17
CA LEU H 135 -26.73 15.41 22.33
C LEU H 135 -27.45 15.43 20.98
N SER H 136 -28.77 15.61 21.02
CA SER H 136 -29.55 15.65 19.79
C SER H 136 -29.19 16.87 18.96
N ALA H 137 -28.84 17.99 19.62
CA ALA H 137 -28.32 19.14 18.89
C ALA H 137 -27.09 18.71 18.09
N GLY H 138 -26.13 18.08 18.76
CA GLY H 138 -24.93 17.62 18.10
C GLY H 138 -25.24 16.72 16.90
N ILE H 139 -26.18 15.79 17.08
CA ILE H 139 -26.48 14.87 16.02
C ILE H 139 -27.11 15.59 14.84
N PHE H 140 -27.99 16.56 15.12
CA PHE H 140 -28.56 17.35 14.06
C PHE H 140 -27.46 18.06 13.27
N PHE H 141 -26.53 18.68 13.96
CA PHE H 141 -25.47 19.40 13.26
C PHE H 141 -24.65 18.46 12.39
N VAL H 142 -24.31 17.29 12.92
CA VAL H 142 -23.52 16.37 12.13
C VAL H 142 -24.29 15.97 10.88
N SER H 143 -25.57 15.62 11.05
CA SER H 143 -26.41 15.27 9.92
C SER H 143 -26.52 16.43 8.92
N ALA H 144 -26.60 17.66 9.40
CA ALA H 144 -26.66 18.81 8.50
C ALA H 144 -25.41 18.84 7.64
N GLY H 145 -24.24 18.71 8.25
CA GLY H 145 -23.02 18.63 7.48
C GLY H 145 -23.07 17.53 6.41
N LEU H 146 -23.56 16.34 6.75
CA LEU H 146 -23.60 15.29 5.75
C LEU H 146 -24.51 15.67 4.58
N SER H 147 -25.70 16.22 4.87
CA SER H 147 -26.59 16.65 3.81
C SER H 147 -25.91 17.69 2.94
N ASN H 148 -25.20 18.62 3.58
CA ASN H 148 -24.46 19.63 2.86
C ASN H 148 -23.51 18.98 1.86
N ILE H 149 -22.73 17.99 2.29
CA ILE H 149 -21.80 17.32 1.38
C ILE H 149 -22.54 16.72 0.20
N ILE H 150 -23.62 16.01 0.47
CA ILE H 150 -24.36 15.39 -0.63
C ILE H 150 -24.83 16.46 -1.60
N GLY H 151 -25.34 17.57 -1.07
CA GLY H 151 -25.75 18.69 -1.90
C GLY H 151 -24.62 19.18 -2.80
N ILE H 152 -23.43 19.39 -2.25
CA ILE H 152 -22.33 19.91 -3.04
C ILE H 152 -22.03 18.94 -4.16
N ILE H 153 -21.95 17.65 -3.84
CA ILE H 153 -21.61 16.67 -4.85
C ILE H 153 -22.66 16.67 -5.93
N VAL H 154 -23.93 16.63 -5.54
CA VAL H 154 -25.01 16.61 -6.52
C VAL H 154 -24.94 17.87 -7.39
N TYR H 155 -24.76 19.02 -6.77
CA TYR H 155 -24.70 20.25 -7.53
C TYR H 155 -23.58 20.21 -8.57
N ILE H 156 -22.37 19.90 -8.12
CA ILE H 156 -21.23 19.89 -9.03
C ILE H 156 -21.45 18.88 -10.14
N SER H 157 -21.92 17.69 -9.77
CA SER H 157 -22.09 16.63 -10.75
C SER H 157 -23.14 17.04 -11.77
N ALA H 158 -24.23 17.68 -11.31
CA ALA H 158 -25.31 18.10 -12.21
C ALA H 158 -24.84 19.20 -13.14
N ASN H 159 -23.94 20.06 -12.68
CA ASN H 159 -23.40 21.07 -13.55
C ASN H 159 -22.59 20.43 -14.66
N ALA H 160 -21.82 19.39 -14.33
CA ALA H 160 -20.98 18.73 -15.32
C ALA H 160 -21.80 18.26 -16.52
N GLY H 161 -22.99 17.72 -16.24
CA GLY H 161 -23.92 17.29 -17.28
C GLY H 161 -24.45 18.44 -18.11
N SER H 171 -15.52 26.99 -19.55
CA SER H 171 -14.86 27.49 -18.31
C SER H 171 -15.92 28.00 -17.33
N TYR H 172 -15.55 28.08 -16.05
CA TYR H 172 -16.47 28.48 -15.00
C TYR H 172 -15.70 28.69 -13.71
N SER H 173 -16.40 29.19 -12.69
CA SER H 173 -15.81 29.45 -11.38
C SER H 173 -16.92 29.34 -10.34
N TYR H 174 -16.55 29.30 -9.06
CA TYR H 174 -17.53 29.19 -7.99
C TYR H 174 -17.58 30.53 -7.29
N GLY H 175 -18.78 30.96 -6.94
CA GLY H 175 -18.96 32.25 -6.31
C GLY H 175 -18.92 32.14 -4.79
N TRP H 176 -19.36 33.21 -4.12
CA TRP H 176 -19.27 33.28 -2.67
C TRP H 176 -20.44 32.52 -2.03
N SER H 177 -21.53 32.29 -2.77
CA SER H 177 -22.61 31.48 -2.23
C SER H 177 -22.17 30.04 -2.00
N PHE H 178 -21.42 29.51 -2.96
CA PHE H 178 -20.87 28.18 -2.87
C PHE H 178 -20.01 28.06 -1.62
N TYR H 179 -19.13 29.05 -1.41
CA TYR H 179 -18.22 28.99 -0.29
C TYR H 179 -18.95 29.24 1.02
N PHE H 180 -20.05 29.98 1.00
CA PHE H 180 -20.88 30.05 2.19
C PHE H 180 -21.40 28.67 2.57
N GLY H 181 -21.86 27.91 1.59
CA GLY H 181 -22.27 26.53 1.86
C GLY H 181 -21.13 25.70 2.47
N ALA H 182 -19.93 25.82 1.89
CA ALA H 182 -18.79 25.06 2.36
C ALA H 182 -18.44 25.41 3.81
N PHE H 183 -18.39 26.70 4.11
CA PHE H 183 -18.09 27.14 5.47
C PHE H 183 -19.18 26.73 6.44
N SER H 184 -20.44 26.70 5.97
CA SER H 184 -21.51 26.19 6.80
C SER H 184 -21.22 24.73 7.18
N PHE H 185 -20.75 23.93 6.22
CA PHE H 185 -20.42 22.54 6.53
C PHE H 185 -19.35 22.47 7.62
N ILE H 186 -18.28 23.22 7.46
CA ILE H 186 -17.19 23.14 8.41
C ILE H 186 -17.65 23.53 9.81
N ILE H 187 -18.34 24.66 9.91
CA ILE H 187 -18.80 25.13 11.21
C ILE H 187 -19.80 24.16 11.83
N ALA H 188 -20.69 23.58 11.01
CA ALA H 188 -21.66 22.63 11.52
C ALA H 188 -20.94 21.44 12.17
N GLU H 189 -19.91 20.94 11.52
CA GLU H 189 -19.18 19.80 12.06
C GLU H 189 -18.48 20.17 13.36
N ILE H 190 -17.88 21.37 13.42
CA ILE H 190 -17.23 21.82 14.65
C ILE H 190 -18.24 21.93 15.79
N VAL H 191 -19.41 22.49 15.50
CA VAL H 191 -20.40 22.68 16.56
C VAL H 191 -20.93 21.33 17.02
N GLY H 192 -21.10 20.38 16.08
CA GLY H 192 -21.49 19.03 16.47
C GLY H 192 -20.49 18.40 17.43
N VAL H 193 -19.21 18.60 17.18
CA VAL H 193 -18.18 18.01 18.01
C VAL H 193 -18.24 18.61 19.40
N VAL H 194 -18.37 19.94 19.47
CA VAL H 194 -18.44 20.63 20.74
C VAL H 194 -19.68 20.21 21.53
N ALA H 195 -20.83 20.08 20.86
CA ALA H 195 -22.04 19.67 21.54
C ALA H 195 -21.89 18.28 22.15
N VAL H 196 -21.32 17.34 21.39
CA VAL H 196 -21.14 16.00 21.90
C VAL H 196 -20.15 16.02 23.06
N HIS H 197 -19.15 16.89 23.04
CA HIS H 197 -18.24 17.01 24.19
C HIS H 197 -18.99 17.53 25.42
N ILE H 198 -19.95 18.44 25.24
CA ILE H 198 -20.70 18.94 26.38
C ILE H 198 -21.48 17.78 27.00
N TYR H 199 -22.16 17.00 26.17
CA TYR H 199 -22.95 15.91 26.69
C TYR H 199 -22.07 14.88 27.40
N ILE H 200 -20.93 14.57 26.77
CA ILE H 200 -20.04 13.56 27.31
C ILE H 200 -19.55 14.01 28.68
N GLU H 201 -19.15 15.28 28.79
CA GLU H 201 -18.57 15.74 30.04
C GLU H 201 -19.65 15.81 31.11
N LYS H 202 -20.89 16.14 30.74
CA LYS H 202 -21.97 16.12 31.73
C LYS H 202 -22.15 14.72 32.30
N HIS H 203 -22.24 13.70 31.43
CA HIS H 203 -22.43 12.33 31.91
C HIS H 203 -21.19 11.81 32.64
N GLN H 204 -19.99 12.23 32.25
CA GLN H 204 -18.77 11.78 32.91
C GLN H 204 -18.69 12.39 34.30
N GLN H 205 -19.00 13.68 34.40
CA GLN H 205 -18.90 14.40 35.66
C GLN H 205 -19.92 13.87 36.64
N LEU H 206 -21.18 13.73 36.18
CA LEU H 206 -22.26 13.34 37.07
C LEU H 206 -22.08 11.89 37.50
N ARG H 207 -21.80 10.99 36.54
CA ARG H 207 -21.62 9.58 36.84
C ARG H 207 -20.40 9.36 37.74
N ALA H 208 -19.43 10.28 37.67
CA ALA H 208 -18.23 10.18 38.49
C ALA H 208 -17.38 11.45 38.36
C1 PLM I . 5.59 -19.05 -15.46
O1 PLM I . 6.69 -18.84 -16.00
O2 PLM I . 4.63 -19.54 -16.09
C2 PLM I . 5.36 -18.66 -14.01
C3 PLM I . 6.59 -18.71 -13.12
C4 PLM I . 6.50 -19.77 -12.02
C5 PLM I . 7.16 -19.38 -10.71
C6 PLM I . 6.24 -19.27 -9.51
C7 PLM I . 6.40 -18.02 -8.70
C8 PLM I . 5.29 -17.66 -7.78
C9 PLM I . 5.67 -16.61 -6.76
CA PLM I . 4.55 -16.21 -5.83
CB PLM I . 4.84 -14.98 -5.02
CC PLM I . 5.18 -15.26 -3.57
CD PLM I . 5.92 -14.19 -2.88
CE PLM I . 6.97 -14.67 -1.89
CF PLM I . 7.81 -13.52 -1.42
CG PLM I . 7.50 -13.09 -0.05
C18 OLC J . 5.11 -17.97 7.34
C10 OLC J . 1.03 -17.18 -0.06
C9 OLC J . 1.09 -16.83 -1.32
C17 OLC J . 4.28 -19.20 7.12
C11 OLC J . 1.91 -18.19 0.59
C8 OLC J . 2.12 -17.34 -2.27
C24 OLC J . 2.16 -22.43 -14.13
C16 OLC J . 4.09 -19.48 5.67
C12 OLC J . 1.35 -18.67 1.89
C7 OLC J . 1.74 -18.63 -2.89
C15 OLC J . 3.03 -18.66 4.99
C13 OLC J . 2.30 -19.50 2.70
C6 OLC J . 0.88 -18.43 -4.11
C14 OLC J . 2.03 -19.45 4.19
C5 OLC J . 1.63 -18.59 -5.40
C4 OLC J . 1.63 -20.01 -5.91
C3 OLC J . 2.23 -20.16 -7.29
C2 OLC J . 1.25 -20.70 -8.32
C21 OLC J . 2.02 -21.14 -11.99
C1 OLC J . 1.96 -21.24 -9.56
C22 OLC J . 2.29 -22.49 -12.62
O19 OLC J . 3.06 -21.71 -9.45
O25 OLC J . 3.39 -22.03 -14.72
O23 OLC J . 3.60 -22.92 -12.27
O20 OLC J . 1.28 -21.29 -10.75
P POV K . 10.61 -21.37 15.80
C1 POV K . 11.46 -23.82 16.42
C2 POV K . 11.14 -24.86 15.36
C3 POV K . 12.27 -24.84 14.34
C310 POV K . 12.56 -23.83 3.10
O11 POV K . 11.71 -22.54 15.75
O12 POV K . 9.17 -22.09 15.80
O13 POV K . 10.77 -20.68 17.14
O14 POV K . 10.70 -20.58 14.52
C21 POV K . 9.70 -24.76 13.42
O21 POV K . 9.86 -24.51 14.76
C22 POV K . 9.76 -23.58 12.49
O22 POV K . 9.48 -25.88 12.99
C23 POV K . 9.16 -23.90 11.12
C24 POV K . 9.33 -22.80 10.14
C25 POV K . 8.93 -23.25 8.76
C26 POV K . 7.43 -23.49 8.63
C27 POV K . 6.80 -22.64 7.56
C28 POV K . 7.15 -23.14 6.20
C29 POV K . 6.23 -22.62 5.14
C31 POV K . 13.01 -25.66 12.20
O31 POV K . 12.18 -25.83 13.28
C32 POV K . 12.34 -25.29 10.88
O32 POV K . 14.21 -25.94 12.21
C33 POV K . 13.34 -25.41 9.69
C34 POV K . 12.71 -24.96 8.42
C35 POV K . 13.29 -23.66 7.93
C36 POV K . 12.78 -23.25 6.58
C37 POV K . 13.87 -22.69 5.71
C38 POV K . 13.38 -21.86 4.54
C39 POV K . 12.23 -22.49 3.74
N POV L . -1.31 -21.99 -18.18
P POV L . -1.65 -26.17 -15.56
C1 POV L . -4.26 -25.79 -15.34
C2 POV L . -5.37 -25.93 -14.34
C3 POV L . -6.69 -25.35 -14.80
C210 POV L . -1.39 -23.52 -2.03
C11 POV L . -0.81 -24.34 -17.25
O11 POV L . -2.98 -25.95 -14.68
C211 POV L . -0.76 -22.17 -1.95
C12 POV L . -1.18 -22.90 -16.97
O12 POV L . -1.87 -25.20 -16.83
C212 POV L . -0.36 -21.77 -0.56
C13 POV L . -0.32 -22.37 -19.23
O13 POV L . -0.46 -25.68 -14.78
C213 POV L . 0.76 -22.58 0.09
C14 POV L . -1.03 -20.58 -17.78
O14 POV L . -1.69 -27.59 -16.05
C15 POV L . -2.68 -22.08 -18.77
C21 POV L . -5.08 -25.94 -11.95
O21 POV L . -4.99 -25.25 -13.09
C22 POV L . -5.39 -25.06 -10.77
O22 POV L . -4.92 -27.13 -11.90
C23 POV L . -4.88 -25.63 -9.47
C24 POV L . -4.23 -24.59 -8.59
C25 POV L . -3.44 -25.18 -7.45
C26 POV L . -3.70 -24.56 -6.11
C27 POV L . -2.52 -23.82 -5.51
C28 POV L . -2.73 -23.30 -4.12
C29 POV L . -1.98 -24.04 -3.06
C31 POV L . -8.94 -25.51 -14.10
O31 POV L . -7.66 -25.44 -13.73
C32 POV L . -9.82 -25.86 -12.93
O32 POV L . -9.34 -25.33 -15.22
C33 POV L . -9.08 -26.27 -11.70
C34 POV L . -9.82 -25.83 -10.43
C35 POV L . -9.30 -26.46 -9.17
C36 POV L . -8.30 -25.61 -8.42
C37 POV L . -7.96 -26.11 -7.04
C38 POV L . -8.78 -25.49 -5.93
C1 PLM M . 21.44 8.09 -11.53
O1 PLM M . 21.43 9.14 -12.21
O2 PLM M . 21.23 6.95 -12.02
C2 PLM M . 21.74 8.21 -10.05
C3 PLM M . 20.53 8.28 -9.13
C4 PLM M . 20.84 7.90 -7.68
C5 PLM M . 21.35 9.00 -6.80
C6 PLM M . 21.52 8.62 -5.36
C7 PLM M . 20.29 8.04 -4.70
C8 PLM M . 20.26 6.54 -4.68
C9 PLM M . 18.89 5.94 -4.44
CA PLM M . 18.21 6.36 -3.15
CB PLM M . 17.12 5.41 -2.72
CC PLM M . 16.08 5.96 -1.80
CD PLM M . 15.71 5.04 -0.66
CE PLM M . 14.59 5.57 0.23
CF PLM M . 15.01 6.34 1.49
CG PLM M . 13.87 7.10 2.14
C18 OLC N . 17.74 2.54 9.78
C10 OLC N . 17.46 1.66 0.99
C9 OLC N . 18.17 0.93 0.20
C17 OLC N . 18.29 1.37 8.97
C11 OLC N . 16.85 1.16 2.27
C8 OLC N . 18.74 1.40 -1.08
C24 OLC N . 25.08 5.42 -11.50
C16 OLC N . 18.19 1.54 7.50
C12 OLC N . 17.79 0.41 3.15
C7 OLC N . 20.09 1.99 -0.93
C15 OLC N . 19.19 0.75 6.69
C13 OLC N . 17.99 1.01 4.51
C6 OLC N . 20.95 1.86 -2.17
C14 OLC N . 18.61 0.07 5.50
C5 OLC N . 20.43 2.64 -3.36
C4 OLC N . 21.08 2.23 -4.65
C3 OLC N . 22.07 3.22 -5.19
C2 OLC N . 22.50 2.91 -6.58
C21 OLC N . 24.34 4.78 -9.17
C1 OLC N . 23.28 4.02 -7.20
C22 OLC N . 23.95 4.93 -10.63
O19 OLC N . 23.66 4.99 -6.58
O25 OLC N . 24.86 5.14 -12.88
O23 OLC N . 23.47 3.68 -11.11
O20 OLC N . 23.48 3.82 -8.50
C1 PLM O . -6.05 23.08 -7.91
O1 PLM O . -7.18 23.03 -8.44
O2 PLM O . -5.12 23.78 -8.36
C2 PLM O . -5.78 22.23 -6.68
C3 PLM O . -6.96 21.98 -5.76
C4 PLM O . -6.81 22.61 -4.38
C5 PLM O . -7.40 21.79 -3.24
C6 PLM O . -6.41 21.30 -2.19
C7 PLM O . -6.54 19.86 -1.85
C8 PLM O . -5.37 19.20 -1.17
C9 PLM O . -5.74 17.89 -0.52
CA PLM O . -4.62 17.16 0.14
CB PLM O . -4.94 15.76 0.54
CC PLM O . -5.16 15.56 2.02
CD PLM O . -5.85 14.30 2.37
CE PLM O . -6.82 14.39 3.53
CF PLM O . -7.67 13.16 3.58
CG PLM O . -7.31 12.29 4.73
C18 OLC P . -5.11 14.72 13.49
C10 OLC P . -1.45 15.92 5.84
C9 OLC P . -1.35 16.31 4.59
C17 OLC P . -4.15 14.87 12.37
C11 OLC P . -2.04 16.62 7.03
C8 OLC P . -2.07 17.33 3.76
C24 OLC P . -2.72 25.39 -5.88
C16 OLC P . -3.46 16.21 12.32
C12 OLC P . -1.02 16.75 8.07
C7 OLC P . -1.26 18.54 3.38
C15 OLC P . -3.21 16.72 10.92
C13 OLC P . -1.48 17.53 9.27
C6 OLC P . -0.97 18.70 1.89
C14 OLC P . -1.77 16.70 10.50
C5 OLC P . -1.90 19.62 1.14
C4 OLC P . -1.44 21.04 1.08
C3 OLC P . -2.46 22.02 0.54
C2 OLC P . -1.87 23.06 -0.38
C21 OLC P . -2.56 23.84 -3.86
C1 OLC P . -2.05 22.76 -1.83
C22 OLC P . -2.56 25.26 -4.38
O19 OLC P . -2.23 21.65 -2.28
O25 OLC P . -4.03 25.80 -6.24
O23 OLC P . -3.62 25.94 -3.69
O20 OLC P . -1.89 23.84 -2.57
N POV Q . 0.84 27.23 -9.95
P POV Q . 1.41 29.84 -6.73
C1 POV Q . 4.08 29.74 -6.65
C2 POV Q . 5.04 29.70 -5.47
C3 POV Q . 6.48 29.64 -5.90
C210 POV Q . 1.33 23.05 4.99
C11 POV Q . -0.22 29.26 -8.75
O11 POV Q . 2.80 29.12 -6.37
C211 POV Q . 1.25 21.68 5.60
C12 POV Q . -0.27 27.78 -9.08
O12 POV Q . 1.11 29.63 -8.29
C212 POV Q . 0.81 21.64 7.06
C13 POV Q . 1.14 28.16 -11.08
O13 POV Q . 0.36 29.16 -5.90
C213 POV Q . -0.49 20.90 7.34
C14 POV Q . 0.40 25.92 -10.50
O14 POV Q . 1.59 31.33 -6.58
C15 POV Q . 2.09 27.01 -9.18
C21 POV Q . 4.38 28.84 -3.33
O21 POV Q . 4.72 28.57 -4.60
C22 POV Q . 5.07 27.91 -2.37
O22 POV Q . 3.55 29.67 -3.03
C23 POV Q . 4.12 27.30 -1.37
C24 POV Q . 4.82 26.89 -0.08
C25 POV Q . 3.98 25.99 0.82
C26 POV Q . 3.94 26.41 2.27
C27 POV Q . 3.80 25.26 3.26
C28 POV Q . 2.39 24.79 3.51
C29 POV Q . 2.34 23.52 4.29
C31 POV Q . 8.64 29.15 -5.02
O31 POV Q . 7.31 29.15 -4.83
C32 POV Q . 9.38 28.48 -3.88
O32 POV Q . 9.17 29.61 -5.99
C33 POV Q . 9.69 29.38 -2.73
C34 POV Q . 9.98 28.59 -1.46
C35 POV Q . 8.76 28.19 -0.66
C36 POV Q . 9.10 27.35 0.57
C37 POV Q . 7.97 27.18 1.58
C38 POV Q . 8.36 26.44 2.85
P POV R . -9.13 14.81 22.28
C1 POV R . -10.14 17.04 23.38
C2 POV R . -10.24 18.14 22.35
C3 POV R . -11.68 18.57 22.12
C210 POV R . -7.15 19.08 10.78
O11 POV R . -10.37 15.71 22.78
C211 POV R . -6.42 18.35 9.72
O12 POV R . -7.96 14.96 23.39
O13 POV R . -9.52 13.36 22.31
O14 POV R . -8.57 15.43 21.02
C21 POV R . -9.05 18.70 20.30
O21 POV R . -9.60 17.73 21.08
C22 POV R . -8.08 18.27 19.24
O22 POV R . -9.37 19.87 20.40
C23 POV R . -8.69 18.21 17.89
C24 POV R . -8.19 19.34 17.03
C25 POV R . -6.77 19.09 16.57
C26 POV R . -6.69 18.87 15.10
C27 POV R . -6.79 20.16 14.31
C28 POV R . -7.52 20.03 13.03
C29 POV R . -6.76 19.22 12.03
C31 POV R . -12.53 20.03 20.35
O31 POV R . -11.72 19.86 21.45
C32 POV R . -11.76 20.45 19.07
O32 POV R . -13.75 20.03 20.39
C33 POV R . -12.66 20.97 17.92
C34 POV R . -13.06 19.86 16.98
C35 POV R . -12.32 19.92 15.69
C36 POV R . -13.04 19.18 14.61
C37 POV R . -12.49 19.38 13.21
C38 POV R . -13.57 19.71 12.17
C1 PLM S . -21.87 -3.91 -12.64
O1 PLM S . -21.88 -4.65 -13.64
O2 PLM S . -21.69 -2.66 -12.71
C2 PLM S . -22.14 -4.52 -11.28
C3 PLM S . -20.92 -4.90 -10.47
C4 PLM S . -21.19 -5.01 -8.98
C5 PLM S . -21.64 -6.37 -8.50
C6 PLM S . -21.73 -6.50 -7.00
C7 PLM S . -20.47 -6.14 -6.25
C8 PLM S . -20.43 -4.73 -5.73
C9 PLM S . -19.03 -4.23 -5.41
CA PLM S . -18.32 -4.99 -4.31
CB PLM S . -17.22 -4.20 -3.62
CC PLM S . -16.11 -5.03 -3.02
CD PLM S . -15.66 -4.60 -1.64
CE PLM S . -14.55 -5.45 -1.07
CF PLM S . -14.94 -6.58 -0.12
CG PLM S . -13.76 -7.47 0.23
C18 OLC T . -17.17 -5.88 9.10
C10 OLC T . -17.25 -1.98 1.15
C9 OLC T . -17.99 -1.04 0.66
C17 OLC T . -17.85 -4.58 8.77
C11 OLC T . -16.63 -1.97 2.51
C8 OLC T . -18.58 -1.06 -0.70
C24 OLC T . -25.52 -1.43 -11.52
C16 OLC T . -17.86 -4.28 7.31
C12 OLC T . -17.62 -1.63 3.60
C7 OLC T . -19.90 -1.72 -0.72
C15 OLC T . -18.78 -3.14 6.92
C13 OLC T . -17.76 -2.70 4.67
C6 OLC T . -20.83 -1.18 -1.78
C14 OLC T . -18.15 -2.14 6.01
C5 OLC T . -20.40 -1.50 -3.19
C4 OLC T . -21.14 -0.70 -4.22
C3 OLC T . -22.21 -1.45 -4.97
C2 OLC T . -22.67 -0.71 -6.18
C21 OLC T . -24.63 -1.65 -9.16
C1 OLC T . -23.50 -1.56 -7.08
C22 OLC T . -24.33 -1.27 -10.59
O19 OLC T . -23.89 -2.66 -6.80
O25 OLC T . -25.34 -0.71 -12.73
O23 OLC T . -23.86 0.07 -10.64
O20 OLC T . -23.75 -0.96 -8.25
N POV U . -17.88 -10.35 19.27
P POV U . -19.82 -14.20 19.21
C1 POV U . -21.55 -15.33 17.54
C2 POV U . -22.69 -14.92 16.62
C3 POV U . -22.68 -15.70 15.32
C210 POV U . -20.27 -8.09 6.60
C310 POV U . -23.19 -11.85 4.56
C11 POV U . -17.84 -12.71 18.18
O11 POV U . -21.29 -14.33 18.58
C211 POV U . -20.67 -9.20 5.68
C12 POV U . -18.45 -11.33 18.26
O12 POV U . -18.86 -13.74 18.01
C13 POV U . -16.52 -9.91 18.85
O13 POV U . -19.93 -13.08 20.21
C14 POV U . -17.81 -10.91 20.66
O14 POV U . -19.40 -15.56 19.67
C15 POV U . -18.75 -9.14 19.33
C21 POV U . -21.61 -12.85 15.90
O21 POV U . -22.74 -13.50 16.29
C22 POV U . -21.87 -11.85 14.80
O22 POV U . -20.56 -12.96 16.41
C23 POV U . -20.71 -11.69 13.82
C24 POV U . -20.66 -10.33 13.15
C25 POV U . -21.82 -10.04 12.22
C26 POV U . -21.61 -8.84 11.32
C27 POV U . -20.79 -9.12 10.06
C28 POV U . -21.47 -8.73 8.77
C29 POV U . -20.59 -7.90 7.87
C31 POV U . -23.02 -15.47 12.99
O31 POV U . -22.83 -14.86 14.16
C32 POV U . -23.09 -14.50 11.83
O32 POV U . -23.15 -16.67 12.86
C33 POV U . -21.89 -14.57 10.91
C34 POV U . -22.17 -15.30 9.60
C35 POV U . -20.99 -15.41 8.63
C36 POV U . -20.91 -14.31 7.56
C37 POV U . -21.03 -14.76 6.10
C38 POV U . -22.09 -14.03 5.28
C39 POV U . -22.09 -12.51 5.36
P POV V . 27.94 1.23 -12.30
C1 POV V . 27.67 -1.33 -12.91
C2 POV V . 27.99 -2.72 -12.42
C3 POV V . 27.58 -3.86 -13.34
C210 POV V . 23.81 -2.37 -0.10
O11 POV V . 28.14 -0.33 -11.97
C211 POV V . 22.81 -1.30 0.20
O12 POV V . 26.36 1.37 -12.44
C212 POV V . 22.23 -1.36 1.57
O13 POV V . 28.38 2.02 -11.09
C213 POV V . 21.13 -0.31 1.77
O14 POV V . 28.55 1.51 -13.65
C21 POV V . 27.65 -2.66 -10.01
O21 POV V . 27.28 -3.13 -11.22
C22 POV V . 26.73 -3.29 -8.99
O22 POV V . 28.54 -1.88 -9.81
C23 POV V . 27.03 -2.88 -7.60
C24 POV V . 26.07 -3.44 -6.57
C25 POV V . 26.54 -3.15 -5.18
C26 POV V . 25.64 -3.53 -4.03
C27 POV V . 26.34 -3.24 -2.71
C28 POV V . 25.52 -3.49 -1.50
C29 POV V . 24.54 -2.41 -1.18
C31 POV V . 27.69 -6.23 -12.85
O31 POV V . 27.88 -4.98 -12.49
C32 POV V . 28.24 -7.05 -11.74
O32 POV V . 27.19 -6.57 -13.88
C33 POV V . 27.80 -8.49 -11.69
C34 POV V . 28.14 -9.09 -10.34
C35 POV V . 27.34 -8.55 -9.16
C36 POV V . 28.07 -8.46 -7.82
N POV W . 18.90 3.40 20.86
P POV W . 20.85 7.09 21.97
C1 POV W . 22.50 8.73 20.69
C2 POV W . 23.58 8.68 19.64
C3 POV W . 23.50 9.85 18.68
C210 POV W . 20.61 5.56 8.05
C310 POV W . 23.32 9.82 7.01
C11 POV W . 18.82 6.00 20.60
O11 POV W . 22.29 7.44 21.35
C211 POV W . 20.86 6.95 7.55
C12 POV W . 19.43 4.67 20.20
O12 POV W . 19.83 7.04 20.73
C13 POV W . 17.51 3.13 20.38
O13 POV W . 21.00 5.71 22.55
C14 POV W . 18.91 3.48 22.35
O14 POV W . 20.45 8.22 22.88
C15 POV W . 19.76 2.24 20.46
C21 POV W . 22.49 6.93 18.33
O21 POV W . 23.62 7.44 18.86
C22 POV W . 22.67 6.37 16.94
O22 POV W . 21.45 6.86 18.91
C23 POV W . 21.45 6.54 16.05
C24 POV W . 21.36 5.50 14.94
C25 POV W . 22.48 5.53 13.92
C26 POV W . 22.23 4.70 12.67
C27 POV W . 21.35 5.37 11.62
C28 POV W . 21.95 5.49 10.24
C29 POV W . 21.05 4.97 9.17
C31 POV W . 23.74 10.39 16.37
O31 POV W . 23.61 9.43 17.29
C32 POV W . 23.79 9.85 14.95
O32 POV W . 23.83 11.56 16.63
C33 POV W . 22.54 10.13 14.15
C34 POV W . 22.74 11.25 13.14
C35 POV W . 21.48 11.63 12.33
C36 POV W . 21.34 10.98 10.96
C37 POV W . 21.44 11.91 9.74
C38 POV W . 22.50 11.55 8.71
C39 POV W . 22.48 10.10 8.23
P POV X . -28.49 2.62 -10.65
C1 POV X . -28.08 5.18 -10.26
C2 POV X . -28.42 6.34 -9.35
C3 POV X . -28.05 7.71 -9.88
C210 POV X . -24.36 2.10 1.34
O11 POV X . -28.56 3.92 -9.72
C211 POV X . -23.00 1.50 1.56
O12 POV X . -26.97 2.60 -11.16
C212 POV X . -22.95 0.72 2.84
O13 POV X . -28.74 1.41 -9.77
C213 POV X . -21.70 -0.11 3.08
O14 POV X . -29.38 2.89 -11.83
C21 POV X . -28.06 5.53 -7.06
O21 POV X . -27.72 6.36 -8.07
C22 POV X . -27.24 5.98 -5.87
O22 POV X . -28.85 4.63 -7.13
C23 POV X . -27.50 5.22 -4.60
C24 POV X . -26.56 5.68 -3.50
C25 POV X . -26.73 5.02 -2.16
C26 POV X . -26.47 3.54 -2.13
C27 POV X . -26.93 2.88 -0.84
C28 POV X . -26.20 3.35 0.37
C29 POV X . -24.79 2.87 0.39
C31 POV X . -28.18 9.86 -8.78
O31 POV X . -28.38 8.55 -8.76
C32 POV X . -28.63 10.37 -7.48
O32 POV X . -27.73 10.46 -9.71
C33 POV X . -28.16 11.73 -7.11
C34 POV X . -28.50 12.02 -5.65
C35 POV X . -27.60 11.29 -4.64
C36 POV X . -28.26 10.83 -3.34
#